data_7JV8
#
_entry.id   7JV8
#
_cell.length_a   87.876
_cell.length_b   102.354
_cell.length_c   129.609
_cell.angle_alpha   90.000
_cell.angle_beta   103.220
_cell.angle_gamma   90.000
#
_symmetry.space_group_name_H-M   'P 1 21 1'
#
loop_
_entity.id
_entity.type
_entity.pdbx_description
1 polymer "5'-nucleotidase"
2 non-polymer 'ZINC ION'
3 non-polymer 'CALCIUM ION'
4 non-polymer 6-chloro-N-cyclopentyl-1-{5-O-[(2R)-1-hydroxy-3-methoxy-2-phosphonopropan-2-yl]-beta-D-ribofuranosyl}-1H-pyrazolo[3,4-d]pyrimidin-4-amine
5 water water
#
_entity_poly.entity_id   1
_entity_poly.type   'polypeptide(L)'
_entity_poly.pdbx_seq_one_letter_code
;LASMWELTILHTNDVHSRLEQTSEDSSKCVDASRCMGGVARLFTKVQQIRRAEPNVLLLDAGDQYQGTIWFTVYKGAEVA
HFMNALRYDAMALGNHEFDNGVEGLIEPLLKEAKFPILSANIKAKGPLASQISGLYLPYKVLPVGDEVVGIVGYTSKETP
FLSNPGTNLVFEDEITALQPEVDKLKTLNVNKIIALGHSGFEMDKLIAQKVRGVDVVVGGHSNTFLYTGNPPSKEVPAGK
YPFIVTSDDGRKVPVVQAYAFGKYLGYLKIEFDERGNVISSHGNPILLNSSIPEDPSIKADINKWRIKLDDYSTQELGKT
IVYLDGSSQSCRFRECNMGNLICDAMINNNLRHTDEMFWNHVSMCILNGGGIRSPIDERNDGTITWENLAAVLPFGGTFD
LVQLKGSTLKKAFEHSVHRYGQSTGEFLQVGGIHVVYDLSRKPGDRVVKLDVLCTKCRVPSYDPLKMDEVYKVILPNFLA
NGGDGFQMIKDELLRHDSGDQDINVVSTYISKMKVIYPAVEGRIKFSHH
;
_entity_poly.pdbx_strand_id   A,B,C,D
#
# COMPACT_ATOMS: atom_id res chain seq x y z
N SER A 3 -43.57 76.31 3.07
CA SER A 3 -42.26 75.87 2.49
C SER A 3 -41.81 74.49 3.02
N MET A 4 -41.15 73.73 2.13
CA MET A 4 -40.75 72.32 2.37
C MET A 4 -39.22 72.21 2.44
N TRP A 5 -38.74 71.25 3.22
CA TRP A 5 -37.30 70.97 3.36
C TRP A 5 -37.03 69.48 3.12
N GLU A 6 -36.28 69.18 2.03
CA GLU A 6 -35.97 67.79 1.64
C GLU A 6 -34.66 67.31 2.26
N LEU A 7 -34.72 66.22 3.02
CA LEU A 7 -33.55 65.53 3.56
C LEU A 7 -33.30 64.26 2.78
N THR A 8 -32.05 64.07 2.35
CA THR A 8 -31.57 62.84 1.72
C THR A 8 -30.81 62.00 2.77
N ILE A 9 -31.39 60.88 3.20
CA ILE A 9 -30.71 59.92 4.09
C ILE A 9 -30.04 58.85 3.23
N LEU A 10 -28.70 58.85 3.23
CA LEU A 10 -27.88 57.74 2.76
C LEU A 10 -27.56 56.82 3.92
N HIS A 11 -27.71 55.49 3.73
CA HIS A 11 -27.46 54.54 4.84
C HIS A 11 -26.95 53.14 4.45
N THR A 12 -26.00 52.67 5.24
CA THR A 12 -25.50 51.30 5.21
C THR A 12 -25.79 50.64 6.56
N ASN A 13 -25.77 49.32 6.55
CA ASN A 13 -25.91 48.51 7.77
C ASN A 13 -25.33 47.12 7.51
N ASP A 14 -24.73 46.54 8.55
CA ASP A 14 -24.17 45.20 8.48
C ASP A 14 -23.16 45.03 7.36
N VAL A 15 -22.27 46.02 7.23
CA VAL A 15 -21.23 46.03 6.20
C VAL A 15 -20.28 44.83 6.42
N HIS A 16 -19.97 44.51 7.68
CA HIS A 16 -19.28 43.27 8.05
C HIS A 16 -17.95 43.04 7.33
N SER A 17 -17.08 44.03 7.47
CA SER A 17 -15.70 43.97 6.96
C SER A 17 -15.54 43.79 5.45
N ARG A 18 -16.56 44.18 4.67
CA ARG A 18 -16.54 44.05 3.22
C ARG A 18 -15.98 45.37 2.67
N LEU A 19 -14.71 45.62 2.98
CA LEU A 19 -14.03 46.89 2.65
C LEU A 19 -13.77 46.93 1.16
N GLU A 20 -13.23 45.82 0.64
CA GLU A 20 -13.12 45.60 -0.79
C GLU A 20 -14.47 45.28 -1.39
N GLN A 21 -14.54 45.41 -2.71
CA GLN A 21 -15.67 44.90 -3.49
C GLN A 21 -15.73 43.38 -3.44
N THR A 22 -16.92 42.87 -3.70
CA THR A 22 -17.27 41.47 -3.53
C THR A 22 -17.97 40.93 -4.75
N SER A 23 -18.07 39.60 -4.78
CA SER A 23 -18.97 38.89 -5.72
C SER A 23 -20.44 39.14 -5.33
N GLU A 24 -21.35 38.72 -6.21
CA GLU A 24 -22.81 38.87 -6.06
C GLU A 24 -23.35 38.42 -4.70
N ASP A 25 -22.82 37.29 -4.18
CA ASP A 25 -23.21 36.78 -2.82
C ASP A 25 -22.36 37.31 -1.64
N SER A 26 -21.65 38.42 -1.85
CA SER A 26 -20.76 39.07 -0.87
C SER A 26 -19.50 38.29 -0.43
N SER A 27 -19.18 37.18 -1.11
CA SER A 27 -17.89 36.47 -0.92
C SER A 27 -16.82 37.20 -1.77
N LYS A 28 -15.58 36.70 -1.75
CA LYS A 28 -14.45 37.40 -2.44
C LYS A 28 -14.72 37.65 -3.93
N CYS A 29 -14.28 38.81 -4.39
CA CYS A 29 -14.40 39.24 -5.76
C CYS A 29 -13.38 38.50 -6.63
N VAL A 30 -13.88 37.86 -7.69
CA VAL A 30 -13.06 37.08 -8.62
C VAL A 30 -13.02 37.81 -9.98
N ASP A 31 -14.17 37.87 -10.63
CA ASP A 31 -14.35 38.58 -11.88
C ASP A 31 -14.90 39.96 -11.52
N ALA A 32 -14.01 40.93 -11.61
CA ALA A 32 -14.28 42.35 -11.33
C ALA A 32 -15.41 43.01 -12.11
N SER A 33 -15.66 42.54 -13.34
CA SER A 33 -16.81 43.01 -14.17
C SER A 33 -18.20 42.78 -13.52
N ARG A 34 -18.33 41.65 -12.82
CA ARG A 34 -19.57 41.28 -12.08
C ARG A 34 -19.50 41.49 -10.55
N CYS A 35 -18.56 42.32 -10.10
CA CYS A 35 -18.34 42.61 -8.69
C CYS A 35 -19.06 43.86 -8.22
N MET A 36 -19.28 43.92 -6.91
CA MET A 36 -20.19 44.87 -6.26
C MET A 36 -19.68 45.40 -4.92
N GLY A 37 -20.16 46.57 -4.52
CA GLY A 37 -19.92 47.12 -3.18
C GLY A 37 -18.50 47.59 -2.93
N GLY A 38 -18.06 47.48 -1.68
CA GLY A 38 -16.77 47.99 -1.24
C GLY A 38 -16.82 49.50 -0.97
N VAL A 39 -15.90 49.96 -0.13
CA VAL A 39 -15.87 51.38 0.30
C VAL A 39 -15.52 52.39 -0.80
N ALA A 40 -14.64 51.98 -1.73
CA ALA A 40 -14.24 52.85 -2.86
C ALA A 40 -15.40 53.19 -3.78
N ARG A 41 -16.20 52.18 -4.14
CA ARG A 41 -17.40 52.36 -4.95
C ARG A 41 -18.49 53.16 -4.20
N LEU A 42 -18.65 52.86 -2.91
CA LEU A 42 -19.55 53.62 -2.03
C LEU A 42 -19.24 55.12 -1.98
N PHE A 43 -17.95 55.46 -1.86
CA PHE A 43 -17.49 56.86 -1.87
C PHE A 43 -17.95 57.63 -3.10
N THR A 44 -17.75 57.02 -4.28
CA THR A 44 -18.15 57.57 -5.58
C THR A 44 -19.63 57.94 -5.61
N LYS A 45 -20.50 56.98 -5.26
CA LYS A 45 -21.95 57.17 -5.26
C LYS A 45 -22.42 58.22 -4.23
N VAL A 46 -21.82 58.20 -3.04
CA VAL A 46 -22.10 59.20 -1.98
C VAL A 46 -21.77 60.62 -2.46
N GLN A 47 -20.62 60.78 -3.15
CA GLN A 47 -20.18 62.09 -3.66
C GLN A 47 -21.01 62.62 -4.83
N GLN A 48 -21.50 61.73 -5.72
CA GLN A 48 -22.50 62.09 -6.75
C GLN A 48 -23.72 62.74 -6.13
N ILE A 49 -24.24 62.10 -5.08
CA ILE A 49 -25.46 62.51 -4.39
C ILE A 49 -25.24 63.79 -3.55
N ARG A 50 -24.07 63.90 -2.90
CA ARG A 50 -23.67 65.15 -2.21
C ARG A 50 -23.50 66.37 -3.14
N ARG A 51 -22.99 66.15 -4.36
CA ARG A 51 -22.96 67.18 -5.40
C ARG A 51 -24.38 67.58 -5.85
N ALA A 52 -25.22 66.57 -6.10
CA ALA A 52 -26.58 66.75 -6.66
C ALA A 52 -27.66 67.23 -5.67
N GLU A 53 -27.61 66.76 -4.42
CA GLU A 53 -28.64 67.01 -3.40
C GLU A 53 -28.11 67.92 -2.29
N PRO A 54 -28.93 68.88 -1.82
CA PRO A 54 -28.41 69.89 -0.87
C PRO A 54 -28.20 69.41 0.57
N ASN A 55 -29.15 68.64 1.10
CA ASN A 55 -29.21 68.23 2.51
C ASN A 55 -29.03 66.72 2.59
N VAL A 56 -27.81 66.27 2.93
CA VAL A 56 -27.39 64.86 2.82
C VAL A 56 -26.74 64.39 4.13
N LEU A 57 -27.16 63.21 4.60
CA LEU A 57 -26.55 62.51 5.74
C LEU A 57 -26.22 61.08 5.31
N LEU A 58 -24.98 60.64 5.58
CA LEU A 58 -24.54 59.26 5.43
C LEU A 58 -24.50 58.63 6.83
N LEU A 59 -25.29 57.58 7.01
CA LEU A 59 -25.48 56.94 8.32
C LEU A 59 -25.12 55.47 8.26
N ASP A 60 -24.59 54.93 9.35
CA ASP A 60 -24.37 53.47 9.48
C ASP A 60 -25.15 52.94 10.68
N ALA A 61 -25.89 51.84 10.49
CA ALA A 61 -26.68 51.24 11.56
C ALA A 61 -26.01 50.03 12.22
N GLY A 62 -24.69 50.06 12.36
CA GLY A 62 -23.92 49.03 13.09
C GLY A 62 -23.46 47.83 12.29
N ASP A 63 -22.72 46.96 12.98
CA ASP A 63 -22.17 45.70 12.42
C ASP A 63 -21.18 45.94 11.24
N GLN A 64 -20.33 46.96 11.39
CA GLN A 64 -19.13 47.15 10.54
C GLN A 64 -18.08 46.11 10.88
N TYR A 65 -17.85 45.95 12.19
CA TYR A 65 -17.02 44.88 12.75
C TYR A 65 -17.42 43.49 12.27
N GLN A 66 -16.41 42.72 11.87
CA GLN A 66 -16.43 41.25 11.79
C GLN A 66 -17.04 40.73 10.49
N GLY A 67 -16.33 39.82 9.79
CA GLY A 67 -16.79 39.26 8.52
C GLY A 67 -15.75 38.74 7.54
N THR A 68 -14.56 39.35 7.54
CA THR A 68 -13.45 38.99 6.64
C THR A 68 -12.11 39.16 7.34
N ILE A 69 -11.07 38.65 6.69
CA ILE A 69 -9.66 38.84 7.09
C ILE A 69 -9.22 40.30 7.38
N TRP A 70 -9.88 41.28 6.76
CA TRP A 70 -9.71 42.71 7.08
C TRP A 70 -9.84 42.98 8.57
N PHE A 71 -10.94 42.51 9.15
CA PHE A 71 -11.17 42.64 10.59
C PHE A 71 -10.31 41.68 11.43
N THR A 72 -9.99 40.49 10.91
CA THR A 72 -9.03 39.58 11.57
C THR A 72 -7.67 40.27 11.80
N VAL A 73 -7.16 40.96 10.77
CA VAL A 73 -5.85 41.63 10.82
C VAL A 73 -5.91 42.99 11.52
N TYR A 74 -6.75 43.88 11.04
CA TYR A 74 -6.80 45.28 11.50
C TYR A 74 -7.67 45.58 12.74
N LYS A 75 -8.60 44.69 13.07
CA LYS A 75 -9.34 44.68 14.35
C LYS A 75 -10.20 45.94 14.64
N GLY A 76 -10.72 46.55 13.58
CA GLY A 76 -11.53 47.78 13.68
C GLY A 76 -10.83 49.07 13.27
N ALA A 77 -9.50 49.08 13.19
CA ALA A 77 -8.75 50.23 12.66
C ALA A 77 -9.11 50.57 11.20
N GLU A 78 -9.35 49.52 10.41
CA GLU A 78 -9.87 49.67 9.04
C GLU A 78 -11.28 50.29 8.96
N VAL A 79 -12.12 50.01 9.96
CA VAL A 79 -13.47 50.58 10.06
C VAL A 79 -13.32 52.09 10.30
N ALA A 80 -12.60 52.46 11.36
CA ALA A 80 -12.29 53.85 11.69
C ALA A 80 -11.74 54.65 10.51
N HIS A 81 -10.69 54.11 9.88
CA HIS A 81 -10.00 54.78 8.77
C HIS A 81 -10.90 55.04 7.57
N PHE A 82 -11.56 53.99 7.09
CA PHE A 82 -12.34 54.10 5.85
C PHE A 82 -13.71 54.73 6.03
N MET A 83 -14.32 54.60 7.21
CA MET A 83 -15.53 55.40 7.55
C MET A 83 -15.22 56.90 7.68
N ASN A 84 -14.03 57.24 8.22
CA ASN A 84 -13.52 58.62 8.19
C ASN A 84 -13.27 59.16 6.77
N ALA A 85 -12.72 58.31 5.89
CA ALA A 85 -12.47 58.68 4.49
C ALA A 85 -13.76 58.91 3.68
N LEU A 86 -14.74 58.04 3.89
CA LEU A 86 -16.10 58.24 3.33
C LEU A 86 -16.89 59.40 3.93
N ARG A 87 -16.51 59.80 5.16
CA ARG A 87 -17.08 60.95 5.87
C ARG A 87 -18.52 60.62 6.24
N TYR A 88 -18.67 59.54 7.02
CA TYR A 88 -19.94 59.17 7.62
C TYR A 88 -20.35 60.29 8.60
N ASP A 89 -21.65 60.63 8.58
CA ASP A 89 -22.20 61.67 9.44
C ASP A 89 -22.57 61.16 10.82
N ALA A 90 -22.97 59.89 10.92
CA ALA A 90 -23.12 59.20 12.20
C ALA A 90 -23.08 57.67 12.02
N MET A 91 -22.88 56.97 13.14
CA MET A 91 -22.95 55.50 13.18
C MET A 91 -23.61 55.08 14.48
N ALA A 92 -24.51 54.09 14.40
CA ALA A 92 -25.04 53.44 15.59
C ALA A 92 -24.22 52.20 15.89
N LEU A 93 -24.00 51.94 17.19
CA LEU A 93 -23.26 50.76 17.62
C LEU A 93 -24.10 49.51 17.42
N GLY A 94 -23.54 48.53 16.70
CA GLY A 94 -24.12 47.19 16.60
C GLY A 94 -23.54 46.26 17.64
N ASN A 95 -24.09 45.06 17.67
CA ASN A 95 -23.67 44.01 18.61
C ASN A 95 -22.23 43.54 18.36
N HIS A 96 -21.84 43.41 17.08
CA HIS A 96 -20.49 42.98 16.71
C HIS A 96 -19.36 43.98 17.00
N GLU A 97 -19.71 45.24 17.24
CA GLU A 97 -18.76 46.24 17.73
C GLU A 97 -18.16 45.94 19.12
N PHE A 98 -18.82 45.08 19.91
CA PHE A 98 -18.33 44.61 21.23
C PHE A 98 -17.63 43.22 21.22
N ASP A 99 -17.33 42.67 20.02
CA ASP A 99 -16.77 41.32 19.91
C ASP A 99 -15.39 41.12 20.52
N ASN A 100 -14.54 42.13 20.44
CA ASN A 100 -13.21 42.15 21.07
C ASN A 100 -13.21 42.95 22.37
N GLY A 101 -14.27 42.79 23.16
CA GLY A 101 -14.42 43.55 24.40
C GLY A 101 -14.73 45.02 24.18
N VAL A 102 -14.85 45.71 25.30
CA VAL A 102 -14.99 47.16 25.34
C VAL A 102 -13.69 47.84 24.91
N GLU A 103 -12.55 47.28 25.31
N GLU A 103 -12.55 47.28 25.31
CA GLU A 103 -11.22 47.72 24.85
CA GLU A 103 -11.21 47.74 24.83
C GLU A 103 -11.03 47.62 23.32
C GLU A 103 -11.02 47.63 23.31
N GLY A 104 -11.54 46.56 22.70
CA GLY A 104 -11.55 46.41 21.23
C GLY A 104 -12.51 47.31 20.47
N LEU A 105 -13.46 47.94 21.18
CA LEU A 105 -14.29 49.03 20.66
C LEU A 105 -13.61 50.40 20.84
N ILE A 106 -13.14 50.69 22.06
CA ILE A 106 -12.56 51.99 22.42
C ILE A 106 -11.33 52.35 21.58
N GLU A 107 -10.30 51.52 21.68
CA GLU A 107 -8.95 51.84 21.15
C GLU A 107 -8.87 51.87 19.61
N PRO A 108 -9.46 50.85 18.92
CA PRO A 108 -9.47 50.93 17.44
C PRO A 108 -10.50 51.92 16.88
N LEU A 109 -11.76 51.83 17.29
CA LEU A 109 -12.86 52.56 16.64
C LEU A 109 -13.21 53.90 17.28
N LEU A 110 -13.55 53.90 18.56
CA LEU A 110 -14.10 55.10 19.22
C LEU A 110 -13.11 56.26 19.32
N LYS A 111 -11.86 55.95 19.67
CA LYS A 111 -10.77 56.95 19.75
C LYS A 111 -10.35 57.51 18.39
N GLU A 112 -10.32 56.67 17.35
CA GLU A 112 -9.97 57.08 15.98
C GLU A 112 -11.12 57.64 15.12
N ALA A 113 -12.37 57.51 15.56
CA ALA A 113 -13.53 57.98 14.79
C ALA A 113 -13.65 59.50 14.85
N LYS A 114 -13.75 60.12 13.68
CA LYS A 114 -13.99 61.55 13.52
C LYS A 114 -15.46 61.82 13.13
N PHE A 115 -16.38 60.97 13.64
CA PHE A 115 -17.83 61.14 13.50
C PHE A 115 -18.50 60.60 14.76
N PRO A 116 -19.71 61.09 15.11
CA PRO A 116 -20.39 60.57 16.30
C PRO A 116 -20.79 59.10 16.16
N ILE A 117 -20.52 58.33 17.21
CA ILE A 117 -20.94 56.95 17.34
C ILE A 117 -22.02 56.95 18.44
N LEU A 118 -23.17 56.35 18.14
CA LEU A 118 -24.40 56.58 18.91
C LEU A 118 -24.99 55.32 19.54
N SER A 119 -25.34 55.44 20.82
CA SER A 119 -26.25 54.49 21.47
C SER A 119 -26.83 55.09 22.75
N ALA A 120 -28.16 55.19 22.81
CA ALA A 120 -28.90 55.76 23.94
C ALA A 120 -29.17 54.73 25.03
N ASN A 121 -29.42 53.49 24.64
CA ASN A 121 -29.75 52.40 25.60
C ASN A 121 -28.56 51.64 26.22
N ILE A 122 -27.33 52.05 25.90
CA ILE A 122 -26.11 51.52 26.55
C ILE A 122 -25.70 52.50 27.63
N LYS A 123 -25.67 52.01 28.88
CA LYS A 123 -25.20 52.79 30.03
C LYS A 123 -23.96 52.11 30.61
N ALA A 124 -22.86 52.87 30.71
CA ALA A 124 -21.64 52.41 31.38
C ALA A 124 -21.80 52.43 32.89
N LYS A 125 -21.00 51.61 33.57
CA LYS A 125 -21.03 51.42 35.03
C LYS A 125 -19.60 51.29 35.56
N GLY A 126 -19.39 51.71 36.80
CA GLY A 126 -18.12 51.51 37.52
C GLY A 126 -16.92 52.23 36.87
N PRO A 127 -15.77 51.54 36.70
CA PRO A 127 -14.59 52.19 36.10
C PRO A 127 -14.63 52.50 34.60
N LEU A 128 -15.52 51.84 33.87
CA LEU A 128 -15.69 52.07 32.44
C LEU A 128 -16.23 53.46 32.11
N ALA A 129 -17.22 53.90 32.90
CA ALA A 129 -17.86 55.24 32.75
C ALA A 129 -16.88 56.40 32.52
N SER A 130 -15.75 56.40 33.24
CA SER A 130 -14.68 57.40 33.07
C SER A 130 -13.97 57.26 31.73
N GLN A 131 -13.46 56.06 31.46
CA GLN A 131 -12.65 55.81 30.25
C GLN A 131 -13.46 55.90 28.94
N ILE A 132 -14.75 55.58 28.99
CA ILE A 132 -15.63 55.65 27.81
C ILE A 132 -16.38 56.98 27.56
N SER A 133 -16.60 57.80 28.60
CA SER A 133 -17.51 59.00 28.53
C SER A 133 -17.20 59.93 27.36
N GLY A 134 -18.24 60.25 26.56
CA GLY A 134 -18.09 61.11 25.39
C GLY A 134 -17.63 60.44 24.09
N LEU A 135 -17.05 59.24 24.17
CA LEU A 135 -16.59 58.50 22.98
C LEU A 135 -17.77 57.87 22.23
N TYR A 136 -18.81 57.47 22.95
CA TYR A 136 -20.15 57.30 22.37
C TYR A 136 -21.15 58.20 23.10
N LEU A 137 -22.19 58.61 22.36
CA LEU A 137 -23.26 59.48 22.86
C LEU A 137 -24.64 58.82 22.72
N PRO A 138 -25.64 59.25 23.53
CA PRO A 138 -27.02 58.84 23.24
C PRO A 138 -27.58 59.38 21.93
N TYR A 139 -27.31 60.65 21.64
CA TYR A 139 -27.72 61.30 20.39
C TYR A 139 -26.66 62.27 19.87
N LYS A 140 -26.90 62.81 18.69
CA LYS A 140 -26.17 63.96 18.15
C LYS A 140 -27.11 64.87 17.37
N VAL A 141 -27.02 66.18 17.67
CA VAL A 141 -27.64 67.22 16.83
C VAL A 141 -26.63 67.55 15.75
N LEU A 142 -27.04 67.47 14.48
CA LEU A 142 -26.16 67.75 13.35
C LEU A 142 -26.74 68.87 12.50
N PRO A 143 -25.90 69.88 12.13
CA PRO A 143 -26.36 70.87 11.14
C PRO A 143 -26.36 70.28 9.73
N VAL A 144 -27.50 70.40 9.07
CA VAL A 144 -27.64 70.07 7.65
C VAL A 144 -28.24 71.31 7.00
N GLY A 145 -27.42 72.01 6.20
CA GLY A 145 -27.77 73.32 5.64
C GLY A 145 -28.09 74.33 6.74
N ASP A 146 -29.23 75.02 6.58
CA ASP A 146 -29.75 75.91 7.63
C ASP A 146 -30.34 75.16 8.82
N GLU A 147 -30.95 74.00 8.57
CA GLU A 147 -31.66 73.24 9.61
C GLU A 147 -30.72 72.41 10.51
N VAL A 148 -31.30 71.86 11.59
CA VAL A 148 -30.67 70.83 12.41
C VAL A 148 -31.47 69.52 12.34
N VAL A 149 -30.76 68.40 12.44
CA VAL A 149 -31.34 67.05 12.44
C VAL A 149 -30.75 66.28 13.63
N GLY A 150 -31.63 65.78 14.49
CA GLY A 150 -31.25 64.97 15.65
C GLY A 150 -31.14 63.53 15.22
N ILE A 151 -30.07 62.86 15.65
CA ILE A 151 -29.87 61.43 15.36
C ILE A 151 -29.69 60.74 16.70
N VAL A 152 -30.67 59.91 17.08
CA VAL A 152 -30.66 59.15 18.33
C VAL A 152 -30.28 57.68 18.03
N GLY A 153 -29.34 57.16 18.83
CA GLY A 153 -28.77 55.83 18.64
C GLY A 153 -29.46 54.76 19.45
N TYR A 154 -29.44 53.53 18.94
CA TYR A 154 -29.84 52.36 19.73
C TYR A 154 -29.16 51.08 19.27
N THR A 155 -29.09 50.14 20.21
CA THR A 155 -28.35 48.88 20.05
C THR A 155 -29.16 47.76 20.66
N SER A 156 -29.04 46.55 20.09
CA SER A 156 -29.82 45.37 20.51
C SER A 156 -29.65 45.05 22.00
N LYS A 157 -30.77 44.80 22.66
CA LYS A 157 -30.79 44.28 24.05
C LYS A 157 -30.10 42.91 24.15
N GLU A 158 -30.14 42.11 23.07
CA GLU A 158 -29.49 40.81 23.00
C GLU A 158 -27.96 40.81 22.90
N THR A 159 -27.32 41.97 22.70
CA THR A 159 -25.86 42.11 22.58
C THR A 159 -24.98 41.33 23.60
N PRO A 160 -25.35 41.32 24.91
CA PRO A 160 -24.59 40.49 25.87
C PRO A 160 -24.67 38.97 25.66
N PHE A 161 -25.75 38.49 25.03
CA PHE A 161 -25.89 37.09 24.61
C PHE A 161 -25.09 36.82 23.32
N LEU A 162 -24.91 37.83 22.47
CA LEU A 162 -24.19 37.73 21.18
C LEU A 162 -22.74 38.17 21.17
N SER A 163 -22.25 38.85 22.22
CA SER A 163 -20.95 39.53 22.17
C SER A 163 -20.22 39.50 23.52
N ASN A 164 -19.15 40.28 23.65
CA ASN A 164 -18.44 40.51 24.91
C ASN A 164 -18.45 41.98 25.35
N PRO A 165 -19.63 42.53 25.71
CA PRO A 165 -19.64 43.86 26.33
C PRO A 165 -19.12 43.88 27.78
N GLY A 166 -19.21 42.75 28.50
CA GLY A 166 -18.72 42.64 29.89
C GLY A 166 -19.72 43.17 30.92
N THR A 167 -19.37 43.04 32.19
CA THR A 167 -20.27 43.42 33.30
C THR A 167 -20.50 44.93 33.49
N ASN A 168 -19.57 45.76 33.01
CA ASN A 168 -19.64 47.21 33.21
C ASN A 168 -20.54 48.00 32.23
N LEU A 169 -21.20 47.32 31.28
CA LEU A 169 -22.23 47.93 30.40
C LEU A 169 -23.61 47.29 30.64
N VAL A 170 -24.65 48.13 30.67
CA VAL A 170 -26.05 47.70 30.79
C VAL A 170 -26.76 48.11 29.49
N PHE A 171 -27.50 47.16 28.92
CA PHE A 171 -28.29 47.35 27.71
C PHE A 171 -29.76 47.49 28.07
N GLU A 172 -30.23 48.74 28.15
CA GLU A 172 -31.63 49.05 28.48
C GLU A 172 -32.56 48.70 27.33
N ASP A 173 -33.86 48.62 27.63
CA ASP A 173 -34.91 48.50 26.60
C ASP A 173 -34.85 49.75 25.70
N GLU A 174 -35.02 49.53 24.40
CA GLU A 174 -34.81 50.58 23.40
C GLU A 174 -35.84 51.69 23.54
N ILE A 175 -37.10 51.31 23.56
CA ILE A 175 -38.23 52.25 23.68
C ILE A 175 -38.17 53.04 25.01
N THR A 176 -37.81 52.35 26.10
CA THR A 176 -37.61 52.99 27.42
C THR A 176 -36.50 54.03 27.39
N ALA A 177 -35.35 53.68 26.82
CA ALA A 177 -34.17 54.55 26.80
C ALA A 177 -34.27 55.69 25.77
N LEU A 178 -34.85 55.40 24.59
CA LEU A 178 -34.98 56.37 23.50
C LEU A 178 -35.90 57.54 23.79
N GLN A 179 -37.02 57.27 24.47
CA GLN A 179 -38.09 58.26 24.68
C GLN A 179 -37.65 59.55 25.44
N PRO A 180 -36.94 59.43 26.58
CA PRO A 180 -36.32 60.61 27.24
C PRO A 180 -35.37 61.42 26.37
N GLU A 181 -34.59 60.73 25.53
CA GLU A 181 -33.59 61.38 24.66
C GLU A 181 -34.25 62.11 23.49
N VAL A 182 -35.31 61.53 22.93
CA VAL A 182 -36.13 62.18 21.88
C VAL A 182 -36.92 63.38 22.44
N ASP A 183 -37.47 63.25 23.66
CA ASP A 183 -38.07 64.38 24.40
C ASP A 183 -37.07 65.53 24.59
N LYS A 184 -35.86 65.18 25.02
CA LYS A 184 -34.76 66.15 25.21
C LYS A 184 -34.38 66.90 23.92
N LEU A 185 -34.41 66.21 22.78
CA LEU A 185 -34.21 66.84 21.45
C LEU A 185 -35.33 67.85 21.10
N LYS A 186 -36.57 67.55 21.48
CA LYS A 186 -37.70 68.49 21.32
C LYS A 186 -37.51 69.79 22.13
N THR A 187 -37.00 69.66 23.36
CA THR A 187 -36.66 70.83 24.19
C THR A 187 -35.48 71.68 23.67
N LEU A 188 -34.62 71.08 22.83
CA LEU A 188 -33.55 71.79 22.10
C LEU A 188 -33.90 72.29 20.68
N ASN A 189 -35.20 72.44 20.38
N ASN A 189 -35.20 72.44 20.38
CA ASN A 189 -35.70 72.91 19.06
CA ASN A 189 -35.70 72.91 19.06
C ASN A 189 -35.26 72.06 17.87
C ASN A 189 -35.24 72.06 17.87
N VAL A 190 -35.20 70.74 18.08
CA VAL A 190 -34.86 69.77 17.03
C VAL A 190 -36.19 69.09 16.76
N ASN A 191 -36.78 69.41 15.60
CA ASN A 191 -38.05 68.82 15.14
C ASN A 191 -37.93 67.69 14.09
N LYS A 192 -36.73 67.55 13.52
CA LYS A 192 -36.36 66.46 12.60
C LYS A 192 -35.48 65.48 13.36
N ILE A 193 -36.01 64.27 13.63
CA ILE A 193 -35.37 63.27 14.49
C ILE A 193 -35.31 61.92 13.77
N ILE A 194 -34.10 61.43 13.53
CA ILE A 194 -33.85 60.11 12.94
C ILE A 194 -33.46 59.15 14.07
N ALA A 195 -34.06 57.96 14.09
CA ALA A 195 -33.66 56.88 15.00
C ALA A 195 -32.78 55.93 14.21
N LEU A 196 -31.47 55.94 14.49
CA LEU A 196 -30.46 55.12 13.81
C LEU A 196 -30.03 54.04 14.77
N GLY A 197 -30.15 52.77 14.39
CA GLY A 197 -29.79 51.70 15.31
C GLY A 197 -29.83 50.28 14.83
N HIS A 198 -29.53 49.41 15.78
CA HIS A 198 -29.15 48.03 15.50
C HIS A 198 -29.84 47.02 16.41
N SER A 199 -31.14 46.82 16.16
CA SER A 199 -31.96 45.82 16.87
C SER A 199 -32.88 44.95 15.99
N GLY A 200 -32.87 45.11 14.66
CA GLY A 200 -33.74 44.35 13.76
C GLY A 200 -35.00 45.07 13.35
N PHE A 201 -35.56 44.63 12.22
CA PHE A 201 -36.72 45.24 11.56
C PHE A 201 -37.98 45.28 12.42
N GLU A 202 -38.22 44.25 13.23
CA GLU A 202 -39.38 44.20 14.13
C GLU A 202 -39.30 45.25 15.24
N MET A 203 -38.12 45.37 15.85
CA MET A 203 -37.84 46.43 16.82
C MET A 203 -37.84 47.83 16.19
N ASP A 204 -37.40 47.95 14.94
CA ASP A 204 -37.47 49.23 14.18
C ASP A 204 -38.91 49.68 14.05
N LYS A 205 -39.78 48.76 13.63
CA LYS A 205 -41.22 48.99 13.54
C LYS A 205 -41.87 49.35 14.89
N LEU A 206 -41.43 48.68 15.96
CA LEU A 206 -41.91 48.99 17.33
C LEU A 206 -41.46 50.39 17.81
N ILE A 207 -40.21 50.76 17.51
CA ILE A 207 -39.67 52.12 17.81
C ILE A 207 -40.46 53.19 17.06
N ALA A 208 -40.65 52.98 15.76
CA ALA A 208 -41.50 53.83 14.89
C ALA A 208 -42.92 54.01 15.42
N GLN A 209 -43.49 52.93 15.93
CA GLN A 209 -44.85 52.91 16.48
C GLN A 209 -44.96 53.66 17.82
N LYS A 210 -44.02 53.40 18.72
CA LYS A 210 -44.13 53.76 20.16
C LYS A 210 -43.41 55.05 20.58
N VAL A 211 -42.25 55.33 20.00
CA VAL A 211 -41.41 56.46 20.44
C VAL A 211 -41.91 57.73 19.76
N ARG A 212 -42.55 58.61 20.54
CA ARG A 212 -43.10 59.88 20.03
C ARG A 212 -41.98 60.87 19.71
N GLY A 213 -42.13 61.59 18.60
CA GLY A 213 -41.08 62.44 18.05
C GLY A 213 -40.25 61.86 16.91
N VAL A 214 -40.14 60.53 16.81
CA VAL A 214 -39.27 59.87 15.82
C VAL A 214 -39.93 59.96 14.45
N ASP A 215 -39.22 60.58 13.51
CA ASP A 215 -39.72 60.84 12.16
C ASP A 215 -39.35 59.73 11.17
N VAL A 216 -38.15 59.16 11.30
CA VAL A 216 -37.66 58.05 10.45
C VAL A 216 -36.88 57.07 11.33
N VAL A 217 -36.98 55.78 10.99
CA VAL A 217 -36.16 54.72 11.63
C VAL A 217 -35.24 54.13 10.56
N VAL A 218 -33.93 54.13 10.84
CA VAL A 218 -32.89 53.57 9.95
C VAL A 218 -32.27 52.43 10.74
N GLY A 219 -32.33 51.22 10.16
CA GLY A 219 -32.14 49.98 10.91
C GLY A 219 -31.05 49.07 10.38
N GLY A 220 -30.81 48.01 11.14
CA GLY A 220 -29.86 46.94 10.77
C GLY A 220 -30.16 45.63 11.47
N HIS A 221 -29.15 44.76 11.57
CA HIS A 221 -29.17 43.49 12.36
C HIS A 221 -29.96 42.34 11.72
N SER A 222 -31.18 42.60 11.26
CA SER A 222 -32.00 41.59 10.56
C SER A 222 -31.70 41.44 9.05
N ASN A 223 -30.78 42.25 8.50
CA ASN A 223 -30.32 42.15 7.10
C ASN A 223 -31.48 42.29 6.11
N THR A 224 -32.38 43.23 6.43
CA THR A 224 -33.67 43.33 5.78
C THR A 224 -33.47 44.10 4.48
N PHE A 225 -33.91 43.47 3.39
CA PHE A 225 -33.95 44.08 2.09
C PHE A 225 -35.38 44.53 1.87
N LEU A 226 -35.55 45.81 1.52
CA LEU A 226 -36.84 46.40 1.18
C LEU A 226 -36.69 47.04 -0.18
N TYR A 227 -37.71 46.87 -1.02
CA TYR A 227 -37.69 47.42 -2.37
C TYR A 227 -39.08 47.72 -2.89
N THR A 228 -39.19 48.87 -3.56
CA THR A 228 -40.40 49.32 -4.24
C THR A 228 -40.11 49.17 -5.73
N GLY A 229 -40.86 48.28 -6.40
CA GLY A 229 -40.66 47.95 -7.82
C GLY A 229 -39.87 46.66 -8.01
N ASN A 230 -39.27 46.52 -9.20
CA ASN A 230 -38.50 45.31 -9.55
C ASN A 230 -37.11 45.38 -8.90
N PRO A 231 -36.76 44.42 -8.00
CA PRO A 231 -35.44 44.45 -7.36
C PRO A 231 -34.29 44.10 -8.34
N PRO A 232 -33.14 44.82 -8.28
CA PRO A 232 -32.11 44.69 -9.31
C PRO A 232 -31.06 43.54 -9.16
N SER A 233 -31.23 42.65 -8.17
CA SER A 233 -30.34 41.47 -8.02
C SER A 233 -31.07 40.29 -7.33
N LYS A 234 -30.33 39.32 -6.79
CA LYS A 234 -30.92 38.09 -6.20
C LYS A 234 -31.76 38.24 -4.91
N GLU A 235 -31.68 39.39 -4.23
CA GLU A 235 -32.30 39.58 -2.92
C GLU A 235 -33.81 39.76 -3.07
N VAL A 236 -34.54 39.04 -2.21
CA VAL A 236 -36.00 39.00 -2.22
C VAL A 236 -36.45 40.05 -1.18
N PRO A 237 -37.25 41.06 -1.60
CA PRO A 237 -37.68 42.09 -0.62
C PRO A 237 -38.72 41.57 0.39
N ALA A 238 -38.52 41.89 1.67
CA ALA A 238 -39.50 41.64 2.74
C ALA A 238 -40.62 42.69 2.85
N GLY A 239 -40.54 43.77 2.05
CA GLY A 239 -41.53 44.84 2.07
C GLY A 239 -41.18 45.95 1.11
N LYS A 240 -42.03 46.96 1.05
CA LYS A 240 -41.76 48.18 0.26
C LYS A 240 -40.69 49.03 0.97
N TYR A 241 -39.96 49.81 0.18
CA TYR A 241 -38.99 50.79 0.67
C TYR A 241 -39.55 52.20 0.44
N PRO A 242 -39.80 53.01 1.49
CA PRO A 242 -39.70 52.64 2.90
C PRO A 242 -40.91 51.81 3.33
N PHE A 243 -40.76 51.09 4.44
CA PHE A 243 -41.90 50.45 5.10
C PHE A 243 -42.58 51.49 5.98
N ILE A 244 -43.89 51.67 5.78
CA ILE A 244 -44.67 52.69 6.50
C ILE A 244 -45.31 52.05 7.73
N VAL A 245 -44.88 52.49 8.90
CA VAL A 245 -45.53 52.16 10.18
C VAL A 245 -46.39 53.37 10.56
N THR A 246 -47.64 53.10 10.93
CA THR A 246 -48.56 54.14 11.43
C THR A 246 -48.40 54.15 12.95
N SER A 247 -47.94 55.28 13.48
CA SER A 247 -47.65 55.41 14.92
C SER A 247 -48.92 55.51 15.77
N ASP A 248 -48.73 55.30 17.09
CA ASP A 248 -49.80 55.46 18.09
C ASP A 248 -50.36 56.87 18.23
N ASP A 249 -49.58 57.90 17.84
CA ASP A 249 -50.06 59.29 17.72
C ASP A 249 -50.38 59.74 16.27
N GLY A 250 -50.78 58.79 15.41
CA GLY A 250 -51.36 59.08 14.09
C GLY A 250 -50.44 59.33 12.89
N ARG A 251 -49.13 59.41 13.11
CA ARG A 251 -48.17 59.83 12.08
C ARG A 251 -47.69 58.64 11.22
N LYS A 252 -47.36 58.93 9.96
CA LYS A 252 -46.75 57.97 9.03
C LYS A 252 -45.23 58.04 9.17
N VAL A 253 -44.64 56.96 9.70
CA VAL A 253 -43.20 56.88 10.01
C VAL A 253 -42.54 55.92 9.03
N PRO A 254 -41.70 56.43 8.08
CA PRO A 254 -40.93 55.51 7.23
C PRO A 254 -39.84 54.75 8.00
N VAL A 255 -39.69 53.47 7.69
CA VAL A 255 -38.69 52.58 8.28
C VAL A 255 -37.87 52.02 7.13
N VAL A 256 -36.54 52.06 7.26
CA VAL A 256 -35.62 51.61 6.21
C VAL A 256 -34.48 50.75 6.75
N GLN A 257 -34.01 49.89 5.85
CA GLN A 257 -32.86 49.03 6.04
C GLN A 257 -32.29 48.77 4.63
N ALA A 258 -31.01 48.43 4.55
CA ALA A 258 -30.30 48.37 3.25
C ALA A 258 -29.54 47.05 3.09
N TYR A 259 -30.25 45.94 3.34
CA TYR A 259 -29.74 44.57 3.28
C TYR A 259 -28.45 44.41 4.14
N ALA A 260 -27.27 44.31 3.52
CA ALA A 260 -26.06 43.88 4.19
C ALA A 260 -24.86 43.98 3.27
N PHE A 261 -23.68 43.85 3.89
CA PHE A 261 -22.40 43.63 3.18
C PHE A 261 -21.90 44.78 2.28
N GLY A 262 -22.44 45.98 2.48
CA GLY A 262 -22.19 47.14 1.61
C GLY A 262 -22.51 46.97 0.13
N LYS A 263 -23.45 46.08 -0.18
CA LYS A 263 -23.86 45.78 -1.56
C LYS A 263 -24.77 46.88 -2.08
N TYR A 264 -25.70 47.33 -1.23
CA TYR A 264 -26.55 48.47 -1.47
C TYR A 264 -26.17 49.66 -0.60
N LEU A 265 -26.40 50.84 -1.18
CA LEU A 265 -26.48 52.07 -0.42
C LEU A 265 -27.96 52.43 -0.35
N GLY A 266 -28.48 52.53 0.87
CA GLY A 266 -29.82 53.04 1.11
C GLY A 266 -29.94 54.50 0.71
N TYR A 267 -31.09 54.89 0.20
CA TYR A 267 -31.35 56.24 -0.33
C TYR A 267 -32.84 56.54 -0.13
N LEU A 268 -33.13 57.35 0.90
CA LEU A 268 -34.48 57.83 1.19
C LEU A 268 -34.48 59.36 1.15
N LYS A 269 -35.40 59.93 0.36
CA LYS A 269 -35.66 61.38 0.33
C LYS A 269 -36.92 61.64 1.14
N ILE A 270 -36.80 62.41 2.24
CA ILE A 270 -37.93 62.78 3.11
C ILE A 270 -38.21 64.26 2.89
N GLU A 271 -39.44 64.59 2.49
CA GLU A 271 -39.93 65.97 2.45
C GLU A 271 -40.55 66.30 3.79
N PHE A 272 -39.90 67.21 4.53
CA PHE A 272 -40.38 67.72 5.81
C PHE A 272 -41.11 69.06 5.62
N ASP A 273 -42.09 69.32 6.50
CA ASP A 273 -42.65 70.68 6.66
C ASP A 273 -41.80 71.49 7.65
N GLU A 274 -42.14 72.77 7.85
CA GLU A 274 -41.41 73.66 8.76
C GLU A 274 -41.40 73.24 10.25
N ARG A 275 -42.42 72.48 10.69
CA ARG A 275 -42.46 71.88 12.05
C ARG A 275 -41.82 70.45 12.16
N GLY A 276 -41.10 70.00 11.13
CA GLY A 276 -40.41 68.71 11.16
C GLY A 276 -41.29 67.48 11.08
N ASN A 277 -42.50 67.60 10.55
CA ASN A 277 -43.40 66.47 10.28
C ASN A 277 -43.09 65.96 8.87
N VAL A 278 -43.13 64.63 8.71
CA VAL A 278 -42.89 64.00 7.41
C VAL A 278 -44.14 64.19 6.54
N ILE A 279 -44.01 64.95 5.45
CA ILE A 279 -45.09 65.12 4.47
C ILE A 279 -45.14 63.85 3.62
N SER A 280 -44.01 63.53 2.99
CA SER A 280 -43.86 62.32 2.18
C SER A 280 -42.42 61.81 2.22
N SER A 281 -42.23 60.61 1.69
CA SER A 281 -40.90 60.02 1.51
C SER A 281 -40.88 59.00 0.40
N HIS A 282 -39.75 58.94 -0.31
CA HIS A 282 -39.55 58.00 -1.39
C HIS A 282 -38.08 57.68 -1.64
N GLY A 283 -37.88 56.61 -2.40
CA GLY A 283 -36.55 56.16 -2.82
C GLY A 283 -36.43 54.66 -2.89
N ASN A 284 -35.19 54.19 -2.99
CA ASN A 284 -34.85 52.77 -2.99
C ASN A 284 -33.37 52.57 -2.63
N PRO A 285 -32.98 51.36 -2.17
CA PRO A 285 -31.56 51.07 -2.06
C PRO A 285 -30.92 50.99 -3.45
N ILE A 286 -29.82 51.71 -3.63
CA ILE A 286 -29.10 51.77 -4.91
C ILE A 286 -28.14 50.58 -4.90
N LEU A 287 -28.27 49.68 -5.88
CA LEU A 287 -27.33 48.56 -6.05
C LEU A 287 -25.99 49.10 -6.52
N LEU A 288 -24.93 48.79 -5.78
CA LEU A 288 -23.58 49.27 -6.07
C LEU A 288 -22.85 48.28 -7.01
N ASN A 289 -23.34 48.21 -8.25
CA ASN A 289 -22.80 47.32 -9.29
C ASN A 289 -21.57 47.94 -9.99
N SER A 290 -20.95 47.19 -10.89
CA SER A 290 -19.72 47.63 -11.61
C SER A 290 -19.87 48.89 -12.48
N SER A 291 -21.10 49.23 -12.89
CA SER A 291 -21.41 50.50 -13.59
C SER A 291 -20.92 51.76 -12.85
N ILE A 292 -20.99 51.72 -11.52
CA ILE A 292 -20.46 52.76 -10.64
C ILE A 292 -18.97 52.46 -10.43
N PRO A 293 -18.06 53.38 -10.82
CA PRO A 293 -16.62 53.12 -10.65
C PRO A 293 -16.12 53.31 -9.21
N GLU A 294 -15.06 52.57 -8.84
CA GLU A 294 -14.35 52.79 -7.59
C GLU A 294 -13.58 54.09 -7.65
N ASP A 295 -13.59 54.85 -6.55
CA ASP A 295 -12.80 56.07 -6.40
C ASP A 295 -11.30 55.71 -6.41
N PRO A 296 -10.51 56.32 -7.34
CA PRO A 296 -9.06 56.03 -7.42
C PRO A 296 -8.24 56.18 -6.14
N SER A 297 -8.48 57.26 -5.39
CA SER A 297 -7.72 57.56 -4.18
C SER A 297 -8.04 56.61 -3.02
N ILE A 298 -9.34 56.28 -2.86
CA ILE A 298 -9.78 55.29 -1.87
C ILE A 298 -9.34 53.87 -2.27
N LYS A 299 -9.48 53.51 -3.55
CA LYS A 299 -8.97 52.21 -4.10
C LYS A 299 -7.47 52.03 -3.86
N ALA A 300 -6.70 53.08 -4.15
CA ALA A 300 -5.25 53.10 -3.90
C ALA A 300 -4.90 52.89 -2.42
N ASP A 301 -5.68 53.51 -1.54
CA ASP A 301 -5.56 53.35 -0.09
C ASP A 301 -6.04 51.95 0.38
N ILE A 302 -7.11 51.40 -0.23
CA ILE A 302 -7.53 49.99 0.00
C ILE A 302 -6.40 49.03 -0.41
N ASN A 303 -5.85 49.25 -1.60
CA ASN A 303 -4.71 48.48 -2.13
C ASN A 303 -3.45 48.53 -1.24
N LYS A 304 -3.24 49.65 -0.54
CA LYS A 304 -2.16 49.81 0.45
C LYS A 304 -2.39 48.90 1.67
N TRP A 305 -3.58 48.99 2.25
CA TRP A 305 -3.98 48.13 3.38
C TRP A 305 -4.15 46.65 2.98
N ARG A 306 -4.45 46.39 1.71
CA ARG A 306 -4.54 45.03 1.17
C ARG A 306 -3.24 44.21 1.16
N ILE A 307 -2.06 44.87 1.08
CA ILE A 307 -0.75 44.19 0.95
C ILE A 307 -0.47 43.21 2.11
N LYS A 308 -0.77 43.63 3.35
CA LYS A 308 -0.65 42.76 4.55
C LYS A 308 -1.50 41.47 4.44
N LEU A 309 -2.69 41.61 3.83
CA LEU A 309 -3.62 40.50 3.65
C LEU A 309 -3.21 39.48 2.58
N ASP A 310 -2.40 39.89 1.60
CA ASP A 310 -1.86 38.96 0.57
C ASP A 310 -0.83 37.95 1.12
N ASP A 311 -0.31 38.15 2.34
CA ASP A 311 0.43 37.13 3.10
C ASP A 311 -0.36 35.85 3.36
N TYR A 312 -1.68 35.97 3.55
CA TYR A 312 -2.59 34.78 3.56
C TYR A 312 -2.47 33.96 2.27
N SER A 313 -2.26 32.64 2.41
CA SER A 313 -1.94 31.75 1.28
C SER A 313 -3.04 31.73 0.21
N THR A 314 -2.70 32.17 -0.99
CA THR A 314 -3.46 31.89 -2.24
C THR A 314 -3.83 30.40 -2.55
N GLN A 315 -2.89 29.52 -2.26
CA GLN A 315 -2.94 28.04 -2.48
C GLN A 315 -4.26 27.31 -2.15
N GLU A 316 -4.69 26.41 -3.03
CA GLU A 316 -5.96 25.72 -2.94
C GLU A 316 -5.96 24.72 -1.80
N LEU A 317 -6.91 24.89 -0.87
CA LEU A 317 -7.09 23.95 0.24
C LEU A 317 -7.74 22.64 -0.24
N GLY A 318 -8.75 22.78 -1.09
CA GLY A 318 -9.36 21.68 -1.78
C GLY A 318 -10.40 22.17 -2.75
N LYS A 319 -11.08 21.20 -3.34
CA LYS A 319 -12.15 21.43 -4.32
C LYS A 319 -13.52 21.12 -3.72
N THR A 320 -14.54 21.84 -4.17
CA THR A 320 -15.94 21.48 -3.97
C THR A 320 -16.60 21.40 -5.34
N ILE A 321 -17.37 20.33 -5.54
CA ILE A 321 -18.21 20.15 -6.75
C ILE A 321 -19.68 20.50 -6.49
N VAL A 322 -19.99 20.97 -5.28
CA VAL A 322 -21.32 21.42 -4.88
C VAL A 322 -21.23 22.88 -4.40
N TYR A 323 -22.33 23.62 -4.55
CA TYR A 323 -22.49 24.92 -3.90
C TYR A 323 -22.55 24.68 -2.40
N LEU A 324 -21.63 25.30 -1.66
CA LEU A 324 -21.62 25.23 -0.20
C LEU A 324 -22.56 26.31 0.32
N ASP A 325 -23.81 25.91 0.54
CA ASP A 325 -24.88 26.78 0.96
C ASP A 325 -24.68 27.15 2.43
N GLY A 326 -23.97 28.25 2.62
CA GLY A 326 -23.82 28.92 3.91
C GLY A 326 -24.64 30.19 4.01
N SER A 327 -25.79 30.24 3.33
CA SER A 327 -26.69 31.39 3.37
C SER A 327 -27.53 31.34 4.63
N SER A 328 -27.90 32.52 5.15
CA SER A 328 -28.76 32.64 6.31
C SER A 328 -30.17 32.08 6.06
N GLN A 329 -30.69 32.26 4.85
CA GLN A 329 -32.03 31.79 4.46
C GLN A 329 -32.15 30.26 4.53
N SER A 330 -31.05 29.56 4.25
CA SER A 330 -30.96 28.13 4.48
C SER A 330 -30.59 27.79 5.94
N CYS A 331 -29.40 28.22 6.35
CA CYS A 331 -28.79 27.73 7.61
C CYS A 331 -29.47 28.14 8.93
N ARG A 332 -30.32 29.17 8.91
CA ARG A 332 -31.14 29.58 10.08
C ARG A 332 -32.56 29.03 10.07
N PHE A 333 -33.00 28.44 8.94
CA PHE A 333 -34.34 27.87 8.77
C PHE A 333 -34.43 26.35 8.58
N ARG A 334 -33.36 25.74 8.10
CA ARG A 334 -33.35 24.30 7.80
C ARG A 334 -31.93 23.76 7.67
N GLU A 335 -31.81 22.45 7.49
CA GLU A 335 -30.52 21.80 7.24
C GLU A 335 -29.84 22.42 6.03
N CYS A 336 -28.61 22.88 6.21
CA CYS A 336 -27.78 23.40 5.11
C CYS A 336 -26.48 22.61 5.00
N ASN A 337 -26.00 22.41 3.77
CA ASN A 337 -24.84 21.52 3.53
C ASN A 337 -23.50 22.09 4.03
N MET A 338 -23.40 23.42 4.11
CA MET A 338 -22.27 24.08 4.79
C MET A 338 -22.23 23.71 6.27
N GLY A 339 -23.39 23.68 6.92
CA GLY A 339 -23.53 23.21 8.31
C GLY A 339 -23.10 21.77 8.52
N ASN A 340 -23.50 20.90 7.59
CA ASN A 340 -23.08 19.49 7.60
C ASN A 340 -21.58 19.33 7.43
N LEU A 341 -21.01 20.06 6.48
CA LEU A 341 -19.56 20.09 6.25
C LEU A 341 -18.76 20.45 7.51
N ILE A 342 -19.17 21.56 8.14
CA ILE A 342 -18.49 22.08 9.32
C ILE A 342 -18.59 21.11 10.50
N CYS A 343 -19.76 20.50 10.68
CA CYS A 343 -19.95 19.49 11.73
C CYS A 343 -19.19 18.20 11.48
N ASP A 344 -19.16 17.75 10.23
CA ASP A 344 -18.34 16.59 9.84
C ASP A 344 -16.83 16.84 10.03
N ALA A 345 -16.39 18.06 9.68
CA ALA A 345 -15.02 18.51 9.98
C ALA A 345 -14.70 18.51 11.47
N MET A 346 -15.65 19.01 12.27
CA MET A 346 -15.52 19.03 13.74
C MET A 346 -15.38 17.63 14.35
N ILE A 347 -16.18 16.68 13.86
CA ILE A 347 -16.14 15.29 14.35
C ILE A 347 -14.86 14.58 13.90
N ASN A 348 -14.49 14.76 12.62
CA ASN A 348 -13.23 14.26 12.06
C ASN A 348 -11.97 14.72 12.81
N ASN A 349 -11.99 15.97 13.29
CA ASN A 349 -10.92 16.54 14.11
C ASN A 349 -10.72 15.84 15.47
N ASN A 350 -11.78 15.28 16.03
CA ASN A 350 -11.82 14.65 17.33
C ASN A 350 -11.86 13.09 17.23
N LEU A 351 -11.24 12.51 16.18
CA LEU A 351 -11.09 11.06 16.06
C LEU A 351 -9.84 10.62 16.79
N ARG A 352 -10.06 9.88 17.87
CA ARG A 352 -9.01 9.31 18.72
C ARG A 352 -9.55 7.92 19.06
N HIS A 353 -9.30 6.97 18.16
CA HIS A 353 -9.68 5.56 18.37
C HIS A 353 -8.67 4.90 19.31
N THR A 354 -9.00 4.97 20.60
CA THR A 354 -8.11 4.53 21.69
C THR A 354 -8.35 3.09 22.13
N ASP A 355 -9.62 2.69 22.28
CA ASP A 355 -10.00 1.38 22.88
C ASP A 355 -11.06 0.60 22.07
N GLU A 356 -11.21 -0.68 22.39
CA GLU A 356 -12.13 -1.58 21.67
C GLU A 356 -13.63 -1.30 21.89
N MET A 357 -14.02 -0.65 23.00
CA MET A 357 -15.43 -0.44 23.37
C MET A 357 -16.12 0.66 22.53
N PHE A 358 -15.42 1.77 22.30
CA PHE A 358 -15.92 2.91 21.55
C PHE A 358 -15.25 2.92 20.19
N TRP A 359 -16.02 3.03 19.10
CA TRP A 359 -15.47 3.39 17.77
C TRP A 359 -14.79 4.78 17.82
N ASN A 360 -15.41 5.71 18.54
CA ASN A 360 -14.81 6.98 18.90
C ASN A 360 -15.59 7.50 20.09
N HIS A 361 -14.90 8.25 20.96
CA HIS A 361 -15.56 8.84 22.16
C HIS A 361 -16.55 9.99 21.94
N VAL A 362 -16.44 10.72 20.83
CA VAL A 362 -17.40 11.76 20.44
C VAL A 362 -17.94 11.47 19.04
N SER A 363 -19.26 11.51 18.89
CA SER A 363 -19.96 11.33 17.60
C SER A 363 -20.81 12.54 17.16
N MET A 364 -20.99 13.51 18.07
CA MET A 364 -22.08 14.47 18.01
C MET A 364 -21.57 15.89 17.90
N CYS A 365 -22.30 16.68 17.11
CA CYS A 365 -21.96 18.06 16.80
C CYS A 365 -23.21 18.93 16.79
N ILE A 366 -23.12 20.10 17.42
CA ILE A 366 -24.09 21.18 17.22
C ILE A 366 -23.35 22.47 16.83
N LEU A 367 -23.97 23.25 15.97
CA LEU A 367 -23.40 24.47 15.40
C LEU A 367 -24.52 25.44 15.16
N ASN A 368 -24.44 26.61 15.80
CA ASN A 368 -25.41 27.68 15.59
C ASN A 368 -25.34 28.17 14.15
N GLY A 369 -26.49 28.12 13.47
CA GLY A 369 -26.62 28.49 12.05
C GLY A 369 -26.21 29.92 11.72
N GLY A 370 -26.46 30.83 12.65
CA GLY A 370 -26.00 32.20 12.55
C GLY A 370 -24.50 32.41 12.58
N GLY A 371 -23.75 31.44 13.08
CA GLY A 371 -22.28 31.39 12.97
C GLY A 371 -21.70 31.06 11.59
N ILE A 372 -22.55 30.59 10.67
CA ILE A 372 -22.20 30.37 9.27
C ILE A 372 -22.50 31.68 8.56
N ARG A 373 -21.44 32.36 8.10
CA ARG A 373 -21.50 33.76 7.68
C ARG A 373 -21.37 34.06 6.19
N SER A 374 -21.11 33.03 5.38
CA SER A 374 -21.04 33.18 3.93
C SER A 374 -21.22 31.84 3.25
N PRO A 375 -21.78 31.83 2.01
CA PRO A 375 -21.57 30.66 1.15
C PRO A 375 -20.20 30.65 0.52
N ILE A 376 -19.92 29.54 -0.15
CA ILE A 376 -18.76 29.44 -1.06
C ILE A 376 -19.31 28.90 -2.37
N ASP A 377 -19.02 29.62 -3.46
CA ASP A 377 -19.48 29.28 -4.80
C ASP A 377 -18.51 28.28 -5.43
N GLU A 378 -19.04 27.26 -6.10
CA GLU A 378 -18.23 26.21 -6.78
C GLU A 378 -17.76 26.52 -8.22
N ARG A 379 -18.20 27.64 -8.81
CA ARG A 379 -17.98 27.95 -10.23
C ARG A 379 -16.68 28.74 -10.52
N ASN A 380 -15.65 28.67 -9.69
CA ASN A 380 -14.27 29.04 -10.08
C ASN A 380 -13.39 27.83 -9.85
N ASP A 381 -13.63 26.82 -10.68
CA ASP A 381 -12.90 25.51 -10.68
C ASP A 381 -13.00 24.75 -9.35
N GLY A 382 -14.09 24.97 -8.63
CA GLY A 382 -14.31 24.46 -7.28
C GLY A 382 -13.35 24.88 -6.18
N THR A 383 -12.48 25.86 -6.44
CA THR A 383 -11.37 26.21 -5.53
C THR A 383 -11.92 26.79 -4.23
N ILE A 384 -11.42 26.26 -3.11
CA ILE A 384 -11.67 26.81 -1.78
C ILE A 384 -10.31 27.28 -1.27
N THR A 385 -10.21 28.56 -0.93
CA THR A 385 -9.03 29.14 -0.26
C THR A 385 -9.36 29.46 1.18
N TRP A 386 -8.32 29.73 1.96
CA TRP A 386 -8.45 30.15 3.38
C TRP A 386 -9.33 31.41 3.53
N GLU A 387 -9.15 32.37 2.61
CA GLU A 387 -9.99 33.57 2.55
C GLU A 387 -11.47 33.29 2.36
N ASN A 388 -11.80 32.28 1.54
CA ASN A 388 -13.19 31.85 1.37
C ASN A 388 -13.77 31.31 2.68
N LEU A 389 -13.00 30.43 3.34
CA LEU A 389 -13.34 29.90 4.67
C LEU A 389 -13.41 30.93 5.79
N ALA A 390 -12.53 31.95 5.72
CA ALA A 390 -12.55 33.08 6.65
C ALA A 390 -13.86 33.89 6.59
N ALA A 391 -14.48 33.97 5.41
CA ALA A 391 -15.82 34.58 5.24
C ALA A 391 -16.95 33.73 5.84
N VAL A 392 -16.80 32.40 5.80
CA VAL A 392 -17.76 31.47 6.44
C VAL A 392 -17.64 31.55 7.97
N LEU A 393 -16.40 31.53 8.47
CA LEU A 393 -16.08 31.47 9.88
C LEU A 393 -15.13 32.64 10.25
N PRO A 394 -15.67 33.86 10.44
CA PRO A 394 -14.87 35.06 10.66
C PRO A 394 -14.50 35.41 12.09
N PHE A 395 -15.03 34.71 13.08
CA PHE A 395 -14.99 35.16 14.51
C PHE A 395 -13.71 34.82 15.29
N GLY A 396 -12.79 34.06 14.71
CA GLY A 396 -11.62 33.54 15.42
C GLY A 396 -11.94 32.64 16.62
N GLY A 397 -13.02 31.88 16.49
CA GLY A 397 -13.48 30.99 17.56
C GLY A 397 -12.78 29.64 17.52
N THR A 398 -13.15 28.79 18.49
CA THR A 398 -12.70 27.41 18.58
C THR A 398 -13.89 26.46 18.61
N PHE A 399 -13.67 25.25 18.12
CA PHE A 399 -14.61 24.15 18.22
C PHE A 399 -14.17 23.25 19.38
N ASP A 400 -14.94 23.30 20.47
CA ASP A 400 -14.58 22.70 21.76
C ASP A 400 -15.44 21.46 22.00
N LEU A 401 -14.92 20.52 22.80
CA LEU A 401 -15.65 19.37 23.33
C LEU A 401 -16.29 19.76 24.66
N VAL A 402 -17.59 19.46 24.81
CA VAL A 402 -18.29 19.53 26.09
C VAL A 402 -19.00 18.22 26.40
N GLN A 403 -19.27 17.99 27.68
CA GLN A 403 -20.11 16.88 28.15
C GLN A 403 -21.45 17.47 28.59
N LEU A 404 -22.54 16.99 27.96
CA LEU A 404 -23.90 17.40 28.28
C LEU A 404 -24.78 16.20 28.60
N LYS A 405 -25.65 16.36 29.62
CA LYS A 405 -26.80 15.46 29.82
C LYS A 405 -27.73 15.55 28.61
N GLY A 406 -28.43 14.46 28.30
CA GLY A 406 -29.45 14.46 27.24
C GLY A 406 -30.53 15.52 27.43
N SER A 407 -30.96 15.71 28.69
CA SER A 407 -31.89 16.77 29.07
C SER A 407 -31.41 18.18 28.67
N THR A 408 -30.12 18.43 28.87
CA THR A 408 -29.47 19.68 28.44
C THR A 408 -29.51 19.83 26.92
N LEU A 409 -29.20 18.75 26.20
CA LEU A 409 -29.26 18.71 24.73
C LEU A 409 -30.67 18.93 24.20
N LYS A 410 -31.65 18.25 24.79
CA LYS A 410 -33.08 18.43 24.44
C LYS A 410 -33.49 19.89 24.56
N LYS A 411 -33.14 20.52 25.68
CA LYS A 411 -33.40 21.94 25.93
C LYS A 411 -32.72 22.87 24.91
N ALA A 412 -31.51 22.53 24.49
CA ALA A 412 -30.80 23.26 23.42
C ALA A 412 -31.55 23.18 22.09
N PHE A 413 -32.00 21.98 21.72
CA PHE A 413 -32.82 21.80 20.52
C PHE A 413 -34.21 22.46 20.60
N GLU A 414 -34.77 22.60 21.81
CA GLU A 414 -35.96 23.44 22.01
C GLU A 414 -35.66 24.92 21.81
N HIS A 415 -34.52 25.36 22.36
CA HIS A 415 -34.05 26.72 22.16
C HIS A 415 -33.74 27.04 20.69
N SER A 416 -33.21 26.05 19.96
CA SER A 416 -32.97 26.13 18.49
C SER A 416 -34.14 26.66 17.67
N VAL A 417 -35.37 26.28 18.04
CA VAL A 417 -36.60 26.68 17.33
C VAL A 417 -37.63 27.43 18.19
N HIS A 418 -37.23 27.97 19.34
CA HIS A 418 -38.18 28.61 20.28
C HIS A 418 -38.90 29.84 19.72
N ARG A 419 -38.22 30.57 18.84
CA ARG A 419 -38.78 31.72 18.11
C ARG A 419 -38.51 31.61 16.60
N TYR A 420 -38.72 30.40 16.08
CA TYR A 420 -38.48 30.08 14.67
C TYR A 420 -39.32 30.99 13.75
N GLY A 421 -38.73 31.35 12.61
CA GLY A 421 -39.32 32.28 11.66
C GLY A 421 -38.68 33.66 11.61
N GLN A 422 -37.94 34.04 12.64
CA GLN A 422 -37.32 35.39 12.76
C GLN A 422 -35.90 35.55 12.18
N SER A 423 -35.34 34.48 11.56
CA SER A 423 -33.97 34.46 11.00
C SER A 423 -32.88 34.78 12.03
N THR A 424 -33.05 34.24 13.22
CA THR A 424 -32.10 34.39 14.33
C THR A 424 -31.14 33.20 14.31
N GLY A 425 -29.95 33.43 14.88
CA GLY A 425 -28.83 32.51 14.71
C GLY A 425 -28.83 31.22 15.50
N GLU A 426 -29.64 31.13 16.56
CA GLU A 426 -29.69 29.93 17.44
C GLU A 426 -30.12 28.59 16.79
N PHE A 427 -30.72 28.61 15.60
CA PHE A 427 -31.06 27.38 14.86
C PHE A 427 -29.83 26.50 14.64
N LEU A 428 -29.92 25.25 15.12
CA LEU A 428 -28.74 24.38 15.22
C LEU A 428 -28.58 23.51 14.01
N GLN A 429 -27.42 23.65 13.36
CA GLN A 429 -26.91 22.70 12.38
C GLN A 429 -26.18 21.62 13.17
N VAL A 430 -26.19 20.40 12.63
CA VAL A 430 -25.80 19.20 13.39
C VAL A 430 -24.92 18.20 12.65
N GLY A 431 -24.30 17.32 13.44
CA GLY A 431 -23.63 16.11 12.97
C GLY A 431 -23.79 15.04 14.02
N GLY A 432 -24.07 13.81 13.59
CA GLY A 432 -24.40 12.70 14.48
C GLY A 432 -25.65 12.85 15.34
N ILE A 433 -26.58 13.69 14.88
CA ILE A 433 -27.85 13.95 15.52
C ILE A 433 -28.90 14.02 14.40
N HIS A 434 -29.98 13.28 14.54
CA HIS A 434 -31.18 13.42 13.72
C HIS A 434 -32.26 13.99 14.60
N VAL A 435 -32.72 15.20 14.27
CA VAL A 435 -33.78 15.89 15.01
C VAL A 435 -34.97 16.12 14.08
N VAL A 436 -36.18 16.03 14.65
CA VAL A 436 -37.43 16.32 13.95
C VAL A 436 -38.19 17.34 14.80
N TYR A 437 -38.60 18.44 14.19
CA TYR A 437 -39.41 19.49 14.83
C TYR A 437 -40.86 19.42 14.38
N ASP A 438 -41.78 19.82 15.26
CA ASP A 438 -43.16 20.15 14.91
C ASP A 438 -43.38 21.60 15.34
N LEU A 439 -43.36 22.51 14.37
CA LEU A 439 -43.50 23.95 14.62
C LEU A 439 -44.92 24.41 14.99
N SER A 440 -45.94 23.56 14.78
CA SER A 440 -47.30 23.84 15.28
C SER A 440 -47.41 23.83 16.80
N ARG A 441 -46.53 23.06 17.46
CA ARG A 441 -46.53 22.92 18.92
C ARG A 441 -45.95 24.16 19.61
N LYS A 442 -46.19 24.25 20.92
CA LYS A 442 -45.80 25.44 21.71
C LYS A 442 -44.28 25.49 21.89
N PRO A 443 -43.69 26.71 21.95
CA PRO A 443 -42.26 26.87 22.26
C PRO A 443 -41.87 26.14 23.54
N GLY A 444 -40.78 25.38 23.48
CA GLY A 444 -40.38 24.45 24.54
C GLY A 444 -40.91 23.02 24.39
N ASP A 445 -41.78 22.77 23.40
CA ASP A 445 -42.39 21.45 23.17
C ASP A 445 -42.46 21.08 21.65
N ARG A 446 -41.49 21.56 20.87
CA ARG A 446 -41.46 21.37 19.41
C ARG A 446 -40.59 20.19 18.93
N VAL A 447 -39.65 19.72 19.77
CA VAL A 447 -38.75 18.62 19.41
C VAL A 447 -39.51 17.31 19.65
N VAL A 448 -39.92 16.66 18.55
CA VAL A 448 -40.73 15.42 18.58
C VAL A 448 -39.90 14.13 18.45
N LYS A 449 -38.78 14.20 17.73
CA LYS A 449 -37.82 13.08 17.60
C LYS A 449 -36.42 13.65 17.77
N LEU A 450 -35.57 12.94 18.51
CA LEU A 450 -34.18 13.33 18.72
C LEU A 450 -33.30 12.08 18.93
N ASP A 451 -32.83 11.53 17.81
CA ASP A 451 -31.91 10.39 17.81
C ASP A 451 -30.47 10.88 17.68
N VAL A 452 -29.55 10.13 18.29
CA VAL A 452 -28.12 10.46 18.31
C VAL A 452 -27.29 9.23 17.94
N LEU A 453 -26.13 9.49 17.34
CA LEU A 453 -25.22 8.44 16.89
C LEU A 453 -24.52 7.84 18.09
N CYS A 454 -24.56 6.52 18.25
CA CYS A 454 -23.94 5.85 19.41
C CYS A 454 -22.42 6.03 19.40
N THR A 455 -21.88 6.10 20.61
CA THR A 455 -20.44 6.18 20.87
C THR A 455 -19.91 4.82 21.39
N LYS A 456 -20.59 4.22 22.38
CA LYS A 456 -20.23 2.93 22.97
C LYS A 456 -20.81 1.80 22.10
N CYS A 457 -20.18 1.62 20.95
CA CYS A 457 -20.61 0.69 19.90
C CYS A 457 -19.50 0.57 18.85
N ARG A 458 -19.43 -0.58 18.20
CA ARG A 458 -18.45 -0.84 17.15
C ARG A 458 -18.97 -0.41 15.76
N VAL A 459 -20.29 -0.52 15.56
CA VAL A 459 -21.00 -0.04 14.36
C VAL A 459 -21.78 1.22 14.78
N PRO A 460 -21.42 2.41 14.23
CA PRO A 460 -22.22 3.60 14.54
C PRO A 460 -23.63 3.53 13.99
N SER A 461 -24.63 3.73 14.86
CA SER A 461 -26.04 3.76 14.48
C SER A 461 -26.79 4.70 15.41
N TYR A 462 -27.96 5.11 14.94
CA TYR A 462 -28.78 6.09 15.64
C TYR A 462 -29.76 5.41 16.60
N ASP A 463 -29.80 5.91 17.85
CA ASP A 463 -30.69 5.44 18.90
C ASP A 463 -31.31 6.67 19.56
N PRO A 464 -32.53 6.55 20.17
CA PRO A 464 -33.13 7.72 20.82
C PRO A 464 -32.27 8.28 21.96
N LEU A 465 -32.25 9.60 22.07
CA LEU A 465 -31.52 10.28 23.13
C LEU A 465 -32.18 9.97 24.47
N LYS A 466 -31.36 9.56 25.45
CA LYS A 466 -31.80 9.31 26.82
C LYS A 466 -31.50 10.56 27.66
N MET A 467 -32.45 10.97 28.48
CA MET A 467 -32.37 12.25 29.21
C MET A 467 -31.24 12.38 30.24
N ASP A 468 -30.95 11.29 30.94
CA ASP A 468 -29.94 11.23 32.00
C ASP A 468 -28.56 10.68 31.55
N GLU A 469 -28.45 10.16 30.32
CA GLU A 469 -27.14 9.80 29.73
C GLU A 469 -26.33 11.07 29.42
N VAL A 470 -25.02 10.96 29.60
CA VAL A 470 -24.06 12.05 29.36
C VAL A 470 -23.42 11.81 28.00
N TYR A 471 -23.51 12.82 27.12
CA TYR A 471 -22.97 12.74 25.77
C TYR A 471 -21.86 13.78 25.61
N LYS A 472 -20.76 13.34 24.99
CA LYS A 472 -19.72 14.23 24.52
C LYS A 472 -20.17 14.83 23.18
N VAL A 473 -20.07 16.16 23.09
CA VAL A 473 -20.53 16.93 21.91
C VAL A 473 -19.45 17.96 21.57
N ILE A 474 -19.15 18.10 20.28
CA ILE A 474 -18.27 19.18 19.77
C ILE A 474 -19.17 20.35 19.34
N LEU A 475 -18.82 21.54 19.81
CA LEU A 475 -19.60 22.75 19.51
C LEU A 475 -18.70 23.99 19.56
N PRO A 476 -19.18 25.16 19.07
CA PRO A 476 -18.37 26.36 19.19
C PRO A 476 -18.23 26.84 20.63
N ASN A 477 -17.08 27.41 20.99
CA ASN A 477 -16.88 28.05 22.31
C ASN A 477 -17.97 29.09 22.66
N PHE A 478 -18.45 29.80 21.64
CA PHE A 478 -19.59 30.70 21.71
C PHE A 478 -20.80 30.07 22.41
N LEU A 479 -21.13 28.85 22.00
CA LEU A 479 -22.19 28.06 22.63
C LEU A 479 -21.80 27.47 23.99
N ALA A 480 -20.55 27.04 24.14
CA ALA A 480 -20.03 26.60 25.45
C ALA A 480 -20.08 27.68 26.54
N ASN A 481 -19.85 28.94 26.14
CA ASN A 481 -19.97 30.12 27.03
C ASN A 481 -21.39 30.74 27.13
N GLY A 482 -22.41 29.99 26.71
CA GLY A 482 -23.82 30.42 26.82
C GLY A 482 -24.34 31.40 25.77
N GLY A 483 -23.60 31.57 24.67
CA GLY A 483 -23.99 32.46 23.58
C GLY A 483 -25.24 32.04 22.85
N ASP A 484 -25.86 32.97 22.13
CA ASP A 484 -27.14 32.80 21.43
C ASP A 484 -28.32 32.43 22.34
N GLY A 485 -28.25 32.81 23.61
CA GLY A 485 -29.22 32.41 24.62
C GLY A 485 -29.20 30.94 25.01
N PHE A 486 -28.10 30.21 24.74
CA PHE A 486 -27.95 28.80 25.12
C PHE A 486 -27.36 28.71 26.55
N GLN A 487 -28.07 29.32 27.51
CA GLN A 487 -27.58 29.42 28.88
C GLN A 487 -27.56 28.05 29.57
N MET A 488 -28.49 27.17 29.18
CA MET A 488 -28.53 25.79 29.66
C MET A 488 -27.21 25.01 29.42
N ILE A 489 -26.53 25.30 28.31
CA ILE A 489 -25.24 24.66 27.98
C ILE A 489 -24.18 25.05 29.01
N LYS A 490 -23.93 26.35 29.15
CA LYS A 490 -22.94 26.89 30.11
C LYS A 490 -23.22 26.42 31.55
N ASP A 491 -24.47 26.52 31.96
CA ASP A 491 -24.90 26.19 33.32
C ASP A 491 -24.94 24.71 33.66
N GLU A 492 -25.40 23.88 32.72
CA GLU A 492 -25.55 22.43 32.97
C GLU A 492 -24.40 21.53 32.52
N LEU A 493 -23.43 22.05 31.76
CA LEU A 493 -22.35 21.21 31.23
C LEU A 493 -21.52 20.59 32.36
N LEU A 494 -21.11 19.35 32.13
CA LEU A 494 -20.33 18.57 33.08
C LEU A 494 -18.82 18.70 32.84
N ARG A 495 -18.43 18.98 31.59
CA ARG A 495 -17.04 19.19 31.19
C ARG A 495 -16.98 20.19 30.03
N HIS A 496 -15.85 20.87 29.94
CA HIS A 496 -15.58 21.79 28.83
C HIS A 496 -14.07 21.85 28.62
N ASP A 497 -13.59 21.23 27.54
CA ASP A 497 -12.19 21.24 27.13
C ASP A 497 -11.88 22.43 26.20
N SER A 498 -10.62 22.92 26.16
CA SER A 498 -10.18 23.85 25.12
C SER A 498 -10.11 23.11 23.78
N GLY A 499 -10.45 23.83 22.71
CA GLY A 499 -10.57 23.25 21.37
C GLY A 499 -9.71 23.93 20.33
N ASP A 500 -9.71 23.35 19.13
CA ASP A 500 -8.89 23.83 18.02
C ASP A 500 -9.55 25.01 17.30
N GLN A 501 -8.72 25.81 16.64
CA GLN A 501 -9.19 27.05 15.97
C GLN A 501 -10.18 26.69 14.84
N ASP A 502 -11.28 27.46 14.76
CA ASP A 502 -12.44 27.04 13.93
C ASP A 502 -12.15 26.87 12.44
N ILE A 503 -11.49 27.88 11.84
CA ILE A 503 -11.14 27.85 10.39
C ILE A 503 -10.15 26.69 10.09
N ASN A 504 -9.19 26.48 10.98
CA ASN A 504 -8.18 25.42 10.84
C ASN A 504 -8.79 24.00 10.80
N VAL A 505 -9.77 23.76 11.66
CA VAL A 505 -10.52 22.49 11.71
C VAL A 505 -11.17 22.16 10.36
N VAL A 506 -11.86 23.14 9.80
CA VAL A 506 -12.57 22.99 8.53
C VAL A 506 -11.57 22.91 7.36
N SER A 507 -10.51 23.73 7.43
CA SER A 507 -9.42 23.71 6.46
C SER A 507 -8.72 22.34 6.37
N THR A 508 -8.35 21.79 7.52
CA THR A 508 -7.80 20.44 7.66
C THR A 508 -8.69 19.36 7.03
N TYR A 509 -9.99 19.43 7.28
CA TYR A 509 -10.96 18.45 6.72
C TYR A 509 -11.05 18.53 5.21
N ILE A 510 -11.15 19.74 4.68
CA ILE A 510 -11.18 19.96 3.22
C ILE A 510 -9.89 19.47 2.52
N SER A 511 -8.74 19.73 3.15
CA SER A 511 -7.45 19.24 2.67
C SER A 511 -7.31 17.72 2.69
N LYS A 512 -7.79 17.08 3.76
CA LYS A 512 -7.83 15.61 3.89
C LYS A 512 -8.77 14.98 2.85
N MET A 513 -9.96 15.55 2.70
CA MET A 513 -10.97 15.04 1.74
C MET A 513 -10.68 15.36 0.28
N LYS A 514 -10.03 16.50 0.01
CA LYS A 514 -9.62 16.93 -1.35
C LYS A 514 -10.76 17.39 -2.26
N VAL A 515 -11.74 16.53 -2.50
CA VAL A 515 -12.97 16.89 -3.25
C VAL A 515 -14.16 16.64 -2.34
N ILE A 516 -14.98 17.67 -2.11
CA ILE A 516 -16.13 17.60 -1.21
C ILE A 516 -17.44 17.83 -1.96
N TYR A 517 -18.47 17.15 -1.47
CA TYR A 517 -19.81 17.20 -2.02
C TYR A 517 -20.86 16.93 -0.94
N PRO A 518 -20.85 17.75 0.15
CA PRO A 518 -21.82 17.58 1.23
C PRO A 518 -23.25 17.80 0.76
N ALA A 519 -24.13 16.92 1.22
CA ALA A 519 -25.53 16.90 0.85
C ALA A 519 -26.41 17.34 2.02
N VAL A 520 -27.66 17.63 1.71
CA VAL A 520 -28.74 17.80 2.70
C VAL A 520 -29.37 16.40 2.80
N GLU A 521 -29.19 15.73 3.95
CA GLU A 521 -29.46 14.29 4.15
C GLU A 521 -30.64 13.94 5.07
N GLY A 522 -31.41 14.92 5.54
CA GLY A 522 -32.46 14.70 6.55
C GLY A 522 -32.01 14.63 8.00
N ARG A 523 -30.86 15.26 8.31
CA ARG A 523 -30.41 15.48 9.70
C ARG A 523 -31.40 16.30 10.52
N ILE A 524 -31.99 17.32 9.90
CA ILE A 524 -33.03 18.14 10.50
C ILE A 524 -34.25 18.00 9.60
N LYS A 525 -35.36 17.49 10.14
CA LYS A 525 -36.66 17.43 9.45
C LYS A 525 -37.71 18.22 10.21
N PHE A 526 -38.79 18.55 9.50
CA PHE A 526 -39.99 19.19 10.07
C PHE A 526 -41.18 18.30 9.76
N SER A 527 -41.94 17.93 10.78
CA SER A 527 -43.23 17.25 10.58
C SER A 527 -44.27 18.30 10.21
N SER B 3 35.53 55.96 8.95
CA SER B 3 34.21 55.30 9.28
C SER B 3 34.10 53.87 8.69
N MET B 4 33.40 53.00 9.43
CA MET B 4 33.15 51.60 9.05
C MET B 4 31.66 51.29 8.93
N TRP B 5 31.31 50.34 8.06
CA TRP B 5 29.94 49.86 7.88
C TRP B 5 29.91 48.32 7.83
N GLU B 6 29.25 47.72 8.82
CA GLU B 6 29.19 46.27 9.00
C GLU B 6 27.96 45.66 8.30
N LEU B 7 28.20 44.72 7.39
CA LEU B 7 27.14 43.96 6.73
C LEU B 7 27.11 42.54 7.28
N THR B 8 25.91 42.08 7.67
CA THR B 8 25.69 40.69 8.08
C THR B 8 25.06 39.92 6.90
N ILE B 9 25.82 39.04 6.24
CA ILE B 9 25.33 38.20 5.13
C ILE B 9 24.85 36.86 5.70
N LEU B 10 23.54 36.65 5.63
CA LEU B 10 22.91 35.35 5.91
C LEU B 10 22.70 34.65 4.58
N HIS B 11 23.08 33.36 4.49
CA HIS B 11 23.00 32.62 3.23
C HIS B 11 22.72 31.12 3.33
N THR B 12 21.86 30.66 2.41
CA THR B 12 21.57 29.25 2.18
C THR B 12 21.93 28.90 0.74
N ASN B 13 22.14 27.62 0.50
CA ASN B 13 22.40 27.09 -0.83
C ASN B 13 22.06 25.61 -0.87
N ASP B 14 21.55 25.15 -2.00
CA ASP B 14 21.21 23.74 -2.20
C ASP B 14 20.24 23.20 -1.14
N VAL B 15 19.22 24.00 -0.83
CA VAL B 15 18.20 23.62 0.16
C VAL B 15 17.46 22.36 -0.30
N HIS B 16 17.19 22.25 -1.60
CA HIS B 16 16.68 21.03 -2.25
C HIS B 16 15.39 20.49 -1.61
N SER B 17 14.38 21.36 -1.56
CA SER B 17 13.03 21.02 -1.09
C SER B 17 12.93 20.52 0.35
N ARG B 18 13.92 20.84 1.21
CA ARG B 18 13.94 20.38 2.60
C ARG B 18 13.23 21.47 3.42
N LEU B 19 11.93 21.62 3.17
CA LEU B 19 11.09 22.66 3.78
C LEU B 19 10.87 22.31 5.25
N GLU B 20 10.49 21.05 5.48
CA GLU B 20 10.46 20.49 6.84
C GLU B 20 11.86 20.19 7.33
N GLN B 21 11.97 20.04 8.64
CA GLN B 21 13.20 19.55 9.27
C GLN B 21 13.49 18.09 8.87
N THR B 22 14.75 17.71 9.01
CA THR B 22 15.28 16.44 8.52
C THR B 22 16.13 15.74 9.58
N SER B 23 16.46 14.48 9.29
CA SER B 23 17.50 13.73 10.01
C SER B 23 18.89 14.34 9.78
N GLU B 24 19.85 13.88 10.58
CA GLU B 24 21.28 14.25 10.46
C GLU B 24 21.82 14.13 9.02
N ASP B 25 21.43 13.05 8.32
CA ASP B 25 21.79 12.80 6.90
C ASP B 25 20.84 13.44 5.84
N SER B 26 20.01 14.40 6.26
CA SER B 26 19.02 15.10 5.41
C SER B 26 17.86 14.25 4.82
N SER B 27 17.68 13.01 5.28
CA SER B 27 16.51 12.18 4.93
C SER B 27 15.35 12.56 5.87
N LYS B 28 14.20 11.90 5.75
CA LYS B 28 13.00 12.25 6.55
C LYS B 28 13.25 12.28 8.06
N CYS B 29 12.66 13.26 8.73
CA CYS B 29 12.70 13.39 10.19
C CYS B 29 11.79 12.35 10.82
N VAL B 30 12.37 11.54 11.71
CA VAL B 30 11.62 10.57 12.52
C VAL B 30 11.79 10.91 13.98
N ASP B 31 13.03 10.85 14.49
CA ASP B 31 13.36 11.19 15.89
C ASP B 31 13.52 12.71 15.97
N ALA B 32 12.42 13.40 16.31
CA ALA B 32 12.34 14.88 16.35
C ALA B 32 13.36 15.59 17.26
N SER B 33 13.77 14.92 18.34
CA SER B 33 14.84 15.42 19.24
C SER B 33 16.20 15.66 18.56
N ARG B 34 16.54 14.77 17.60
CA ARG B 34 17.79 14.84 16.84
C ARG B 34 17.57 15.32 15.37
N CYS B 35 16.49 16.08 15.12
CA CYS B 35 16.20 16.61 13.78
C CYS B 35 16.69 18.03 13.63
N MET B 36 16.93 18.40 12.37
CA MET B 36 17.70 19.58 12.00
C MET B 36 17.12 20.29 10.79
N GLY B 37 17.40 21.59 10.70
CA GLY B 37 17.07 22.39 9.53
C GLY B 37 15.61 22.71 9.36
N GLY B 38 15.18 22.86 8.10
CA GLY B 38 13.82 23.26 7.76
C GLY B 38 13.61 24.76 7.85
N VAL B 39 12.62 25.26 7.11
CA VAL B 39 12.33 26.70 7.03
C VAL B 39 11.82 27.34 8.32
N ALA B 40 11.07 26.59 9.11
CA ALA B 40 10.53 27.09 10.39
C ALA B 40 11.64 27.42 11.40
N ARG B 41 12.62 26.51 11.53
CA ARG B 41 13.81 26.72 12.37
C ARG B 41 14.71 27.83 11.82
N LEU B 42 14.89 27.86 10.50
CA LEU B 42 15.62 28.93 9.81
C LEU B 42 15.05 30.33 10.08
N PHE B 43 13.72 30.47 10.03
CA PHE B 43 13.02 31.73 10.33
C PHE B 43 13.37 32.28 11.71
N THR B 44 13.32 31.40 12.71
CA THR B 44 13.67 31.72 14.12
C THR B 44 15.07 32.32 14.22
N LYS B 45 16.07 31.63 13.68
CA LYS B 45 17.48 32.08 13.74
C LYS B 45 17.72 33.38 12.95
N VAL B 46 17.09 33.51 11.78
CA VAL B 46 17.10 34.75 10.97
C VAL B 46 16.56 35.95 11.76
N GLN B 47 15.46 35.75 12.49
CA GLN B 47 14.83 36.81 13.29
C GLN B 47 15.62 37.20 14.54
N GLN B 48 16.31 36.25 15.19
CA GLN B 48 17.34 36.58 16.25
C GLN B 48 18.37 37.60 15.73
N ILE B 49 18.88 37.31 14.53
CA ILE B 49 19.92 38.10 13.89
C ILE B 49 19.36 39.45 13.38
N ARG B 50 18.15 39.45 12.82
CA ARG B 50 17.49 40.70 12.36
C ARG B 50 17.13 41.67 13.49
N ARG B 51 16.74 41.12 14.65
CA ARG B 51 16.57 41.92 15.88
C ARG B 51 17.91 42.48 16.38
N ALA B 52 18.95 41.64 16.41
CA ALA B 52 20.27 42.01 16.97
C ALA B 52 21.17 42.88 16.07
N GLU B 53 21.17 42.63 14.75
CA GLU B 53 22.08 43.30 13.78
C GLU B 53 21.35 44.40 12.98
N PRO B 54 22.03 45.55 12.68
CA PRO B 54 21.39 46.61 11.89
C PRO B 54 21.22 46.30 10.40
N ASN B 55 22.26 45.77 9.76
CA ASN B 55 22.36 45.67 8.31
C ASN B 55 22.48 44.19 7.94
N VAL B 56 21.38 43.63 7.44
CA VAL B 56 21.23 42.18 7.21
C VAL B 56 20.72 41.91 5.77
N LEU B 57 21.36 40.94 5.10
CA LEU B 57 20.87 40.36 3.84
C LEU B 57 20.71 38.86 3.99
N LEU B 58 19.54 38.33 3.62
CA LEU B 58 19.29 36.89 3.50
C LEU B 58 19.32 36.53 2.01
N LEU B 59 20.27 35.69 1.62
CA LEU B 59 20.54 35.36 0.21
C LEU B 59 20.46 33.86 -0.01
N ASP B 60 20.02 33.43 -1.21
CA ASP B 60 20.07 32.02 -1.61
C ASP B 60 20.90 31.86 -2.87
N ALA B 61 21.80 30.88 -2.88
CA ALA B 61 22.68 30.62 -4.03
C ALA B 61 22.19 29.47 -4.94
N GLY B 62 20.87 29.31 -5.08
CA GLY B 62 20.27 28.33 -5.98
C GLY B 62 20.04 26.94 -5.42
N ASP B 63 19.45 26.07 -6.25
CA ASP B 63 19.10 24.69 -5.94
C ASP B 63 18.09 24.55 -4.74
N GLN B 64 17.11 25.46 -4.70
CA GLN B 64 15.89 25.29 -3.87
C GLN B 64 15.01 24.19 -4.44
N TYR B 65 14.80 24.25 -5.75
CA TYR B 65 14.12 23.23 -6.53
C TYR B 65 14.73 21.82 -6.36
N GLN B 66 13.86 20.85 -6.15
CA GLN B 66 14.10 19.40 -6.35
C GLN B 66 14.78 18.74 -5.16
N GLY B 67 14.20 17.64 -4.67
CA GLY B 67 14.76 16.89 -3.55
C GLY B 67 13.79 16.10 -2.66
N THR B 68 12.52 16.53 -2.58
CA THR B 68 11.47 15.85 -1.77
C THR B 68 10.09 15.97 -2.44
N ILE B 69 9.12 15.21 -1.90
CA ILE B 69 7.70 15.30 -2.31
C ILE B 69 7.06 16.72 -2.30
N TRP B 70 7.60 17.62 -1.47
CA TRP B 70 7.23 19.05 -1.50
C TRP B 70 7.31 19.64 -2.90
N PHE B 71 8.46 19.45 -3.55
CA PHE B 71 8.63 19.89 -4.93
C PHE B 71 7.90 19.01 -5.95
N THR B 72 7.78 17.71 -5.70
CA THR B 72 6.99 16.82 -6.58
C THR B 72 5.54 17.30 -6.69
N VAL B 73 4.92 17.66 -5.57
CA VAL B 73 3.52 18.13 -5.52
C VAL B 73 3.39 19.61 -5.89
N TYR B 74 4.08 20.49 -5.18
CA TYR B 74 3.90 21.95 -5.32
C TYR B 74 4.72 22.66 -6.42
N LYS B 75 5.78 22.01 -6.91
CA LYS B 75 6.48 22.40 -8.15
C LYS B 75 7.15 23.79 -8.14
N GLY B 76 7.58 24.25 -6.97
CA GLY B 76 8.18 25.57 -6.77
C GLY B 76 7.29 26.63 -6.15
N ALA B 77 5.97 26.43 -6.11
CA ALA B 77 5.05 27.33 -5.37
C ALA B 77 5.36 27.40 -3.86
N GLU B 78 5.76 26.27 -3.29
CA GLU B 78 6.26 26.19 -1.90
C GLU B 78 7.58 26.97 -1.68
N VAL B 79 8.44 27.01 -2.70
CA VAL B 79 9.72 27.74 -2.64
C VAL B 79 9.41 29.22 -2.58
N ALA B 80 8.66 29.71 -3.54
CA ALA B 80 8.16 31.09 -3.59
C ALA B 80 7.50 31.51 -2.28
N HIS B 81 6.54 30.72 -1.80
CA HIS B 81 5.77 31.05 -0.57
C HIS B 81 6.64 31.20 0.67
N PHE B 82 7.43 30.17 0.94
CA PHE B 82 8.20 30.10 2.18
C PHE B 82 9.49 30.95 2.15
N MET B 83 10.09 31.14 0.98
CA MET B 83 11.17 32.14 0.84
C MET B 83 10.67 33.58 1.02
N ASN B 84 9.45 33.87 0.53
CA ASN B 84 8.77 35.15 0.79
C ASN B 84 8.42 35.36 2.27
N ALA B 85 8.01 34.30 2.96
CA ALA B 85 7.76 34.32 4.42
C ALA B 85 9.02 34.58 5.24
N LEU B 86 10.13 33.93 4.87
CA LEU B 86 11.45 34.22 5.45
C LEU B 86 12.04 35.59 5.09
N ARG B 87 11.54 36.18 3.99
CA ARG B 87 11.90 37.52 3.52
C ARG B 87 13.36 37.49 3.05
N TYR B 88 13.60 36.63 2.07
CA TYR B 88 14.87 36.57 1.36
C TYR B 88 15.01 37.89 0.58
N ASP B 89 16.22 38.42 0.57
CA ASP B 89 16.56 39.66 -0.11
C ASP B 89 16.95 39.40 -1.56
N ALA B 90 17.59 38.26 -1.85
CA ALA B 90 17.88 37.84 -3.25
C ALA B 90 18.13 36.35 -3.40
N MET B 91 18.07 35.87 -4.64
CA MET B 91 18.34 34.48 -4.98
C MET B 91 19.07 34.41 -6.29
N ALA B 92 20.11 33.57 -6.36
CA ALA B 92 20.74 33.22 -7.64
C ALA B 92 20.10 31.96 -8.19
N LEU B 93 19.95 31.90 -9.51
CA LEU B 93 19.38 30.70 -10.16
C LEU B 93 20.40 29.58 -10.15
N GLY B 94 19.99 28.43 -9.62
CA GLY B 94 20.75 27.19 -9.74
C GLY B 94 20.31 26.37 -10.94
N ASN B 95 21.04 25.29 -11.18
CA ASN B 95 20.77 24.37 -12.28
C ASN B 95 19.42 23.66 -12.15
N HIS B 96 19.07 23.24 -10.93
CA HIS B 96 17.80 22.56 -10.66
C HIS B 96 16.54 23.44 -10.76
N GLU B 97 16.71 24.77 -10.75
CA GLU B 97 15.62 25.70 -11.10
C GLU B 97 15.07 25.57 -12.53
N PHE B 98 15.84 24.95 -13.44
CA PHE B 98 15.39 24.62 -14.81
C PHE B 98 14.94 23.18 -15.05
N ASP B 99 14.73 22.40 -13.98
CA ASP B 99 14.33 20.97 -14.09
C ASP B 99 12.95 20.74 -14.69
N ASN B 100 12.01 21.64 -14.43
CA ASN B 100 10.68 21.62 -15.05
C ASN B 100 10.56 22.65 -16.17
N GLY B 101 11.62 22.79 -16.96
CA GLY B 101 11.69 23.76 -18.02
C GLY B 101 11.74 25.19 -17.58
N VAL B 102 11.68 26.06 -18.58
CA VAL B 102 11.57 27.50 -18.39
C VAL B 102 10.18 27.86 -17.83
N GLU B 103 9.14 27.17 -18.33
CA GLU B 103 7.77 27.30 -17.82
C GLU B 103 7.61 26.98 -16.33
N GLY B 104 8.29 25.92 -15.88
CA GLY B 104 8.32 25.56 -14.46
C GLY B 104 9.16 26.43 -13.56
N LEU B 105 10.01 27.29 -14.15
CA LEU B 105 10.70 28.37 -13.45
C LEU B 105 9.85 29.64 -13.39
N ILE B 106 9.31 30.06 -14.54
CA ILE B 106 8.54 31.33 -14.66
C ILE B 106 7.30 31.37 -13.75
N GLU B 107 6.38 30.44 -14.00
CA GLU B 107 5.02 30.53 -13.43
C GLU B 107 4.96 30.27 -11.92
N PRO B 108 5.66 29.22 -11.41
CA PRO B 108 5.71 29.04 -9.95
C PRO B 108 6.62 30.04 -9.23
N LEU B 109 7.89 30.15 -9.66
CA LEU B 109 8.92 30.87 -8.86
C LEU B 109 9.09 32.34 -9.21
N LEU B 110 9.40 32.61 -10.49
CA LEU B 110 9.78 33.98 -10.90
C LEU B 110 8.64 35.00 -10.77
N LYS B 111 7.43 34.60 -11.16
CA LYS B 111 6.26 35.46 -11.03
C LYS B 111 5.81 35.70 -9.59
N GLU B 112 5.88 34.67 -8.75
N GLU B 112 5.87 34.66 -8.74
CA GLU B 112 5.42 34.75 -7.34
CA GLU B 112 5.42 34.74 -7.34
C GLU B 112 6.48 35.18 -6.31
C GLU B 112 6.48 35.20 -6.32
N ALA B 113 7.76 35.23 -6.69
CA ALA B 113 8.84 35.70 -5.79
C ALA B 113 8.77 37.21 -5.62
N LYS B 114 8.82 37.67 -4.36
CA LYS B 114 8.84 39.09 -3.97
C LYS B 114 10.26 39.69 -3.81
N PHE B 115 11.26 38.97 -4.31
CA PHE B 115 12.65 39.32 -4.22
C PHE B 115 13.30 39.07 -5.58
N PRO B 116 14.38 39.80 -5.91
CA PRO B 116 15.09 39.61 -7.18
C PRO B 116 15.70 38.21 -7.31
N ILE B 117 15.55 37.61 -8.49
CA ILE B 117 16.16 36.34 -8.82
C ILE B 117 17.18 36.64 -9.92
N LEU B 118 18.43 36.17 -9.73
CA LEU B 118 19.59 36.72 -10.44
C LEU B 118 20.42 35.70 -11.24
N SER B 119 20.78 36.07 -12.47
CA SER B 119 21.85 35.41 -13.23
C SER B 119 22.34 36.30 -14.37
N ALA B 120 23.63 36.61 -14.37
CA ALA B 120 24.28 37.46 -15.37
C ALA B 120 24.72 36.68 -16.59
N ASN B 121 25.17 35.42 -16.39
CA ASN B 121 25.70 34.59 -17.49
C ASN B 121 24.68 33.76 -18.29
N ILE B 122 23.37 33.90 -18.00
CA ILE B 122 22.31 33.29 -18.81
C ILE B 122 21.80 34.37 -19.76
N LYS B 123 21.88 34.10 -21.06
CA LYS B 123 21.57 35.06 -22.12
C LYS B 123 20.61 34.43 -23.14
N ALA B 124 19.54 35.17 -23.49
CA ALA B 124 18.69 34.82 -24.65
C ALA B 124 19.39 35.13 -25.99
N LYS B 125 18.93 34.48 -27.05
CA LYS B 125 19.50 34.62 -28.41
C LYS B 125 18.40 34.60 -29.46
N ALA B 129 12.52 37.23 -28.92
CA ALA B 129 11.95 37.45 -27.58
C ALA B 129 11.44 36.15 -26.95
N SER B 130 11.46 36.10 -25.62
CA SER B 130 10.96 34.94 -24.85
C SER B 130 10.15 35.40 -23.65
N GLN B 131 9.44 34.44 -23.05
CA GLN B 131 8.65 34.67 -21.81
C GLN B 131 9.49 35.11 -20.60
N ILE B 132 10.72 34.59 -20.51
CA ILE B 132 11.63 34.78 -19.37
C ILE B 132 12.38 36.13 -19.27
N SER B 133 12.58 36.84 -20.40
CA SER B 133 13.35 38.10 -20.43
C SER B 133 12.85 39.14 -19.42
N GLY B 134 13.77 39.66 -18.60
CA GLY B 134 13.45 40.61 -17.54
C GLY B 134 12.98 40.06 -16.21
N LEU B 135 12.49 38.81 -16.18
CA LEU B 135 11.99 38.17 -14.96
C LEU B 135 13.13 37.72 -14.04
N TYR B 136 14.25 37.31 -14.64
CA TYR B 136 15.55 37.23 -13.96
C TYR B 136 16.41 38.39 -14.44
N LEU B 137 17.24 38.89 -13.52
CA LEU B 137 18.10 40.05 -13.73
C LEU B 137 19.59 39.64 -13.72
N PRO B 138 20.47 40.43 -14.38
CA PRO B 138 21.92 40.23 -14.14
C PRO B 138 22.36 40.60 -12.73
N TYR B 139 21.84 41.72 -12.22
CA TYR B 139 22.14 42.22 -10.88
C TYR B 139 20.94 42.89 -10.24
N LYS B 140 21.09 43.23 -8.95
CA LYS B 140 20.16 44.10 -8.22
C LYS B 140 20.94 44.94 -7.20
N VAL B 141 20.65 46.23 -7.19
CA VAL B 141 21.11 47.14 -6.14
C VAL B 141 20.01 47.12 -5.07
N LEU B 142 20.39 46.86 -3.82
CA LEU B 142 19.46 46.77 -2.69
C LEU B 142 19.81 47.83 -1.65
N PRO B 143 18.80 48.59 -1.16
CA PRO B 143 19.05 49.49 -0.02
C PRO B 143 19.14 48.70 1.29
N VAL B 144 20.25 48.87 2.01
CA VAL B 144 20.45 48.27 3.33
C VAL B 144 20.84 49.43 4.24
N GLY B 145 19.93 49.81 5.15
CA GLY B 145 20.09 51.01 5.99
C GLY B 145 20.26 52.26 5.13
N ASP B 146 21.28 53.06 5.44
CA ASP B 146 21.67 54.21 4.61
C ASP B 146 22.36 53.80 3.32
N GLU B 147 23.14 52.72 3.36
CA GLU B 147 23.97 52.28 2.21
C GLU B 147 23.19 51.52 1.14
N VAL B 148 23.87 51.27 0.02
CA VAL B 148 23.39 50.36 -1.05
C VAL B 148 24.39 49.22 -1.26
N VAL B 149 23.86 48.03 -1.61
CA VAL B 149 24.67 46.81 -1.81
C VAL B 149 24.26 46.17 -3.13
N GLY B 150 25.22 46.00 -4.04
CA GLY B 150 25.00 45.35 -5.33
C GLY B 150 25.11 43.85 -5.17
N ILE B 151 24.19 43.11 -5.80
CA ILE B 151 24.21 41.64 -5.82
C ILE B 151 24.15 41.23 -7.29
N VAL B 152 25.21 40.59 -7.75
CA VAL B 152 25.32 40.10 -9.15
C VAL B 152 25.19 38.56 -9.16
N GLY B 153 24.38 38.04 -10.07
CA GLY B 153 24.04 36.61 -10.13
C GLY B 153 24.92 35.80 -11.08
N TYR B 154 25.06 34.49 -10.83
CA TYR B 154 25.64 33.55 -11.82
C TYR B 154 25.19 32.10 -11.60
N THR B 155 25.31 31.29 -12.67
CA THR B 155 24.77 29.93 -12.75
C THR B 155 25.74 29.05 -13.56
N SER B 156 25.79 27.76 -13.21
CA SER B 156 26.75 26.81 -13.80
C SER B 156 26.63 26.71 -15.32
N LYS B 157 27.78 26.74 -16.00
CA LYS B 157 27.89 26.38 -17.44
C LYS B 157 27.38 24.97 -17.75
N GLU B 158 27.51 24.04 -16.79
CA GLU B 158 27.04 22.65 -16.92
C GLU B 158 25.51 22.46 -16.89
N THR B 159 24.73 23.49 -16.52
CA THR B 159 23.25 23.43 -16.43
C THR B 159 22.50 22.73 -17.58
N PRO B 160 22.85 22.98 -18.86
CA PRO B 160 22.22 22.24 -19.96
C PRO B 160 22.50 20.73 -20.01
N PHE B 161 23.63 20.29 -19.44
CA PHE B 161 23.97 18.86 -19.28
C PHE B 161 23.25 18.25 -18.07
N LEU B 162 22.88 19.07 -17.09
CA LEU B 162 22.18 18.67 -15.86
C LEU B 162 20.66 18.94 -15.79
N SER B 163 20.09 19.70 -16.74
CA SER B 163 18.72 20.22 -16.61
C SER B 163 17.99 20.37 -17.96
N ASN B 164 16.82 21.03 -17.96
CA ASN B 164 16.07 21.41 -19.18
C ASN B 164 15.91 22.95 -19.29
N PRO B 165 17.03 23.69 -19.50
CA PRO B 165 16.91 25.12 -19.76
C PRO B 165 16.35 25.47 -21.16
N GLY B 166 16.50 24.58 -22.13
CA GLY B 166 15.96 24.76 -23.46
C GLY B 166 16.90 25.52 -24.38
N THR B 167 16.61 25.45 -25.67
CA THR B 167 17.49 25.97 -26.72
C THR B 167 17.58 27.50 -26.81
N ASN B 168 16.58 28.21 -26.31
CA ASN B 168 16.52 29.69 -26.39
C ASN B 168 17.37 30.46 -25.37
N LEU B 169 18.02 29.76 -24.42
CA LEU B 169 18.88 30.37 -23.39
C LEU B 169 20.26 29.71 -23.39
N VAL B 170 21.31 30.53 -23.23
CA VAL B 170 22.72 30.12 -23.39
C VAL B 170 23.49 30.50 -22.13
N PHE B 171 24.34 29.59 -21.62
CA PHE B 171 25.08 29.76 -20.36
C PHE B 171 26.53 30.17 -20.70
N GLU B 172 26.78 31.49 -20.65
CA GLU B 172 28.13 32.05 -20.91
C GLU B 172 29.10 31.75 -19.77
N ASP B 173 30.38 31.98 -20.03
CA ASP B 173 31.43 31.89 -19.02
C ASP B 173 31.15 32.94 -17.94
N GLU B 174 31.34 32.52 -16.69
CA GLU B 174 30.91 33.31 -15.53
C GLU B 174 31.73 34.58 -15.42
N ILE B 175 33.05 34.42 -15.44
CA ILE B 175 34.00 35.54 -15.32
C ILE B 175 33.84 36.54 -16.48
N THR B 176 33.63 36.05 -17.69
CA THR B 176 33.35 36.90 -18.87
C THR B 176 32.06 37.72 -18.70
N ALA B 177 30.99 37.06 -18.29
CA ALA B 177 29.67 37.70 -18.16
C ALA B 177 29.53 38.61 -16.94
N LEU B 178 30.14 38.22 -15.82
CA LEU B 178 30.09 38.99 -14.56
C LEU B 178 30.81 40.33 -14.59
N GLN B 179 31.96 40.37 -15.27
CA GLN B 179 32.87 41.54 -15.25
C GLN B 179 32.24 42.88 -15.73
N PRO B 180 31.54 42.90 -16.90
CA PRO B 180 30.77 44.10 -17.30
C PRO B 180 29.71 44.57 -16.29
N GLU B 181 29.05 43.62 -15.64
CA GLU B 181 27.97 43.92 -14.69
C GLU B 181 28.51 44.48 -13.36
N VAL B 182 29.67 43.96 -12.92
CA VAL B 182 30.38 44.50 -11.76
C VAL B 182 30.96 45.91 -12.04
N ASP B 183 31.52 46.09 -13.25
CA ASP B 183 31.96 47.43 -13.71
C ASP B 183 30.82 48.45 -13.71
N LYS B 184 29.67 48.05 -14.25
CA LYS B 184 28.46 48.88 -14.30
C LYS B 184 27.95 49.30 -12.92
N LEU B 185 28.06 48.40 -11.93
CA LEU B 185 27.75 48.74 -10.53
C LEU B 185 28.70 49.79 -9.92
N LYS B 186 29.98 49.72 -10.28
CA LYS B 186 30.97 50.75 -9.88
C LYS B 186 30.65 52.15 -10.45
N THR B 187 30.21 52.20 -11.71
CA THR B 187 29.78 53.46 -12.36
C THR B 187 28.49 54.07 -11.77
N LEU B 188 27.67 53.25 -11.09
CA LEU B 188 26.49 53.71 -10.32
C LEU B 188 26.73 54.08 -8.83
N ASN B 189 28.00 54.20 -8.42
CA ASN B 189 28.40 54.37 -7.00
C ASN B 189 27.85 53.31 -6.03
N VAL B 190 27.88 52.07 -6.51
CA VAL B 190 27.68 50.88 -5.68
C VAL B 190 29.10 50.36 -5.44
N ASN B 191 29.60 50.56 -4.22
CA ASN B 191 31.00 50.18 -3.82
C ASN B 191 31.12 48.83 -3.08
N LYS B 192 29.99 48.34 -2.58
CA LYS B 192 29.84 47.03 -1.97
C LYS B 192 29.09 46.12 -2.97
N ILE B 193 29.78 45.11 -3.49
CA ILE B 193 29.27 44.20 -4.53
C ILE B 193 29.49 42.74 -4.07
N ILE B 194 28.38 42.00 -3.93
CA ILE B 194 28.37 40.57 -3.61
C ILE B 194 28.13 39.79 -4.91
N ALA B 195 28.89 38.73 -5.14
CA ALA B 195 28.66 37.77 -6.21
C ALA B 195 27.93 36.57 -5.61
N LEU B 196 26.63 36.43 -5.92
CA LEU B 196 25.80 35.32 -5.44
C LEU B 196 25.56 34.37 -6.61
N GLY B 197 25.93 33.10 -6.49
CA GLY B 197 25.74 32.17 -7.60
C GLY B 197 26.06 30.71 -7.39
N HIS B 198 25.91 29.96 -8.48
CA HIS B 198 25.72 28.51 -8.43
C HIS B 198 26.54 27.77 -9.50
N SER B 199 27.85 27.72 -9.28
CA SER B 199 28.80 26.96 -10.13
C SER B 199 29.85 26.08 -9.42
N GLY B 200 29.81 26.03 -8.09
CA GLY B 200 30.77 25.26 -7.30
C GLY B 200 31.88 26.11 -6.71
N PHE B 201 32.49 25.58 -5.66
CA PHE B 201 33.53 26.24 -4.86
C PHE B 201 34.78 26.65 -5.65
N GLU B 202 35.19 25.82 -6.61
CA GLU B 202 36.36 26.11 -7.45
C GLU B 202 36.11 27.29 -8.39
N MET B 203 34.92 27.32 -9.01
CA MET B 203 34.49 28.49 -9.80
C MET B 203 34.26 29.74 -8.95
N ASP B 204 33.79 29.58 -7.71
CA ASP B 204 33.66 30.70 -6.75
C ASP B 204 35.00 31.36 -6.50
N LYS B 205 36.01 30.53 -6.20
CA LYS B 205 37.40 30.98 -6.03
C LYS B 205 37.99 31.64 -7.29
N LEU B 206 37.68 31.10 -8.46
CA LEU B 206 38.09 31.69 -9.75
C LEU B 206 37.44 33.06 -10.02
N ILE B 207 36.14 33.17 -9.68
CA ILE B 207 35.40 34.46 -9.77
C ILE B 207 36.00 35.50 -8.84
N ALA B 208 36.22 35.12 -7.58
CA ALA B 208 36.91 35.95 -6.57
C ALA B 208 38.29 36.44 -7.02
N GLN B 209 39.04 35.56 -7.69
CA GLN B 209 40.37 35.86 -8.20
C GLN B 209 40.35 36.82 -9.39
N LYS B 210 39.48 36.53 -10.36
CA LYS B 210 39.55 37.12 -11.72
C LYS B 210 38.62 38.31 -11.97
N VAL B 211 37.42 38.30 -11.38
CA VAL B 211 36.43 39.38 -11.56
C VAL B 211 36.80 40.52 -10.59
N ARG B 212 37.32 41.62 -11.14
CA ARG B 212 37.71 42.80 -10.34
C ARG B 212 36.46 43.53 -9.85
N GLY B 213 36.49 43.99 -8.60
CA GLY B 213 35.34 44.64 -7.94
C GLY B 213 34.42 43.76 -7.10
N VAL B 214 34.55 42.43 -7.20
CA VAL B 214 33.80 41.48 -6.33
C VAL B 214 34.39 41.54 -4.92
N ASP B 215 33.56 41.92 -3.95
CA ASP B 215 33.99 42.07 -2.56
C ASP B 215 33.78 40.78 -1.74
N VAL B 216 32.67 40.06 -2.00
CA VAL B 216 32.38 38.75 -1.39
C VAL B 216 31.76 37.82 -2.44
N VAL B 217 32.07 36.52 -2.35
CA VAL B 217 31.44 35.47 -3.16
C VAL B 217 30.61 34.57 -2.22
N VAL B 218 29.32 34.41 -2.54
CA VAL B 218 28.40 33.50 -1.84
C VAL B 218 28.03 32.43 -2.87
N GLY B 219 28.30 31.18 -2.52
CA GLY B 219 28.31 30.07 -3.47
C GLY B 219 27.37 28.92 -3.17
N GLY B 220 27.29 28.00 -4.13
CA GLY B 220 26.52 26.77 -3.99
C GLY B 220 27.03 25.68 -4.94
N HIS B 221 26.16 24.71 -5.22
CA HIS B 221 26.34 23.61 -6.20
C HIS B 221 27.27 22.49 -5.74
N SER B 222 28.46 22.82 -5.23
CA SER B 222 29.41 21.81 -4.72
C SER B 222 29.16 21.33 -3.28
N ASN B 223 28.13 21.86 -2.61
CA ASN B 223 27.70 21.40 -1.26
C ASN B 223 28.84 21.55 -0.24
N THR B 224 29.55 22.66 -0.36
CA THR B 224 30.82 22.86 0.34
C THR B 224 30.50 23.31 1.75
N PHE B 225 31.03 22.58 2.72
CA PHE B 225 31.02 22.98 4.13
C PHE B 225 32.38 23.60 4.40
N LEU B 226 32.37 24.81 4.94
CA LEU B 226 33.58 25.50 5.41
C LEU B 226 33.35 25.87 6.87
N TYR B 227 34.39 25.73 7.70
CA TYR B 227 34.30 26.06 9.12
C TYR B 227 35.66 26.47 9.70
N THR B 228 35.63 27.47 10.58
CA THR B 228 36.77 27.93 11.36
C THR B 228 36.50 27.49 12.79
N GLY B 229 37.37 26.61 13.32
CA GLY B 229 37.24 26.05 14.67
C GLY B 229 36.73 24.62 14.66
N ASN B 230 36.20 24.18 15.80
CA ASN B 230 35.69 22.81 15.97
C ASN B 230 34.31 22.67 15.30
N PRO B 231 34.17 21.78 14.28
CA PRO B 231 32.87 21.69 13.58
C PRO B 231 31.78 21.01 14.44
N PRO B 232 30.52 21.52 14.41
CA PRO B 232 29.47 21.02 15.32
C PRO B 232 28.70 19.74 14.90
N SER B 233 29.07 19.08 13.80
CA SER B 233 28.35 17.88 13.29
C SER B 233 29.25 17.02 12.39
N LYS B 234 28.67 15.99 11.79
CA LYS B 234 29.41 14.97 11.02
C LYS B 234 30.04 15.42 9.69
N GLU B 235 29.70 16.61 9.16
CA GLU B 235 30.34 17.10 7.91
C GLU B 235 31.77 17.56 8.18
N VAL B 236 32.69 17.15 7.28
CA VAL B 236 34.11 17.47 7.38
C VAL B 236 34.33 18.74 6.55
N PRO B 237 34.82 19.85 7.18
CA PRO B 237 35.01 21.09 6.41
C PRO B 237 36.16 21.03 5.40
N ALA B 238 35.91 21.49 4.17
CA ALA B 238 36.93 21.56 3.10
C ALA B 238 37.80 22.83 3.15
N GLY B 239 37.56 23.73 4.11
CA GLY B 239 38.44 24.88 4.36
C GLY B 239 37.93 25.75 5.50
N LYS B 240 38.62 26.84 5.77
CA LYS B 240 38.17 27.83 6.77
C LYS B 240 36.95 28.62 6.24
N TYR B 241 36.12 29.11 7.16
CA TYR B 241 35.01 30.00 6.87
C TYR B 241 35.36 31.42 7.36
N PRO B 242 35.44 32.43 6.48
CA PRO B 242 35.38 32.31 5.01
C PRO B 242 36.68 31.78 4.45
N PHE B 243 36.64 31.26 3.22
CA PHE B 243 37.86 30.94 2.49
C PHE B 243 38.37 32.21 1.82
N ILE B 244 39.62 32.57 2.09
CA ILE B 244 40.27 33.78 1.57
C ILE B 244 40.96 33.45 0.25
N VAL B 245 40.47 34.05 -0.83
CA VAL B 245 41.16 34.07 -2.13
C VAL B 245 41.84 35.43 -2.25
N THR B 246 43.12 35.43 -2.63
CA THR B 246 43.87 36.66 -2.93
C THR B 246 43.69 36.91 -4.42
N SER B 247 43.05 38.02 -4.76
CA SER B 247 42.74 38.36 -6.16
C SER B 247 43.96 38.81 -6.96
N ASP B 248 43.79 38.84 -8.28
CA ASP B 248 44.82 39.33 -9.22
C ASP B 248 45.14 40.82 -9.08
N ASP B 249 44.21 41.62 -8.52
CA ASP B 249 44.49 43.03 -8.13
C ASP B 249 44.74 43.23 -6.60
N GLY B 250 45.31 42.21 -5.94
CA GLY B 250 45.84 42.32 -4.57
C GLY B 250 44.90 42.18 -3.37
N ARG B 251 43.58 42.10 -3.62
CA ARG B 251 42.58 42.19 -2.54
C ARG B 251 42.28 40.81 -1.92
N LYS B 252 41.94 40.82 -0.63
CA LYS B 252 41.52 39.62 0.10
C LYS B 252 40.00 39.47 -0.02
N VAL B 253 39.56 38.47 -0.80
CA VAL B 253 38.15 38.27 -1.17
C VAL B 253 37.62 37.03 -0.43
N PRO B 254 36.72 37.21 0.58
CA PRO B 254 36.12 36.02 1.22
C PRO B 254 35.15 35.28 0.29
N VAL B 255 35.23 33.96 0.32
CA VAL B 255 34.33 33.05 -0.42
C VAL B 255 33.64 32.19 0.64
N VAL B 256 32.31 32.05 0.52
CA VAL B 256 31.52 31.26 1.48
C VAL B 256 30.51 30.34 0.80
N GLN B 257 30.19 29.27 1.52
CA GLN B 257 29.16 28.30 1.16
C GLN B 257 28.64 27.70 2.48
N ALA B 258 27.43 27.13 2.47
CA ALA B 258 26.73 26.72 3.71
C ALA B 258 26.20 25.28 3.63
N TYR B 259 27.10 24.38 3.23
CA TYR B 259 26.81 22.95 2.98
C TYR B 259 25.59 22.78 2.03
N ALA B 260 24.44 22.36 2.55
CA ALA B 260 23.32 21.89 1.74
C ALA B 260 22.14 21.54 2.63
N PHE B 261 20.98 21.35 2.00
CA PHE B 261 19.77 20.78 2.62
C PHE B 261 19.12 21.60 3.74
N GLY B 262 19.44 22.89 3.80
CA GLY B 262 19.01 23.79 4.89
C GLY B 262 19.44 23.40 6.30
N LYS B 263 20.53 22.65 6.42
CA LYS B 263 21.02 22.13 7.71
C LYS B 263 21.73 23.23 8.48
N TYR B 264 22.53 24.02 7.78
CA TYR B 264 23.18 25.21 8.31
C TYR B 264 22.62 26.48 7.67
N LEU B 265 22.66 27.57 8.44
CA LEU B 265 22.51 28.94 7.93
C LEU B 265 23.89 29.54 7.93
N GLY B 266 24.37 29.97 6.75
CA GLY B 266 25.60 30.73 6.64
C GLY B 266 25.46 32.10 7.30
N TYR B 267 26.55 32.58 7.90
CA TYR B 267 26.57 33.81 8.71
C TYR B 267 27.97 34.41 8.64
N LEU B 268 28.13 35.44 7.82
CA LEU B 268 29.40 36.16 7.64
C LEU B 268 29.16 37.64 7.92
N LYS B 269 29.96 38.21 8.84
CA LYS B 269 29.96 39.65 9.14
C LYS B 269 31.16 40.29 8.43
N ILE B 270 30.89 41.24 7.54
CA ILE B 270 31.91 41.93 6.75
C ILE B 270 31.96 43.38 7.22
N GLU B 271 33.15 43.83 7.65
CA GLU B 271 33.42 45.25 7.94
C GLU B 271 33.90 45.91 6.64
N PHE B 272 33.09 46.81 6.09
CA PHE B 272 33.47 47.63 4.91
C PHE B 272 33.96 49.00 5.34
N ASP B 273 34.89 49.56 4.55
CA ASP B 273 35.27 50.98 4.68
C ASP B 273 34.34 51.86 3.84
N GLU B 274 34.52 53.18 3.91
CA GLU B 274 33.71 54.15 3.15
C GLU B 274 33.76 54.03 1.62
N ARG B 275 34.87 53.50 1.08
CA ARG B 275 35.00 53.18 -0.36
C ARG B 275 34.58 51.74 -0.77
N GLY B 276 33.90 51.01 0.13
CA GLY B 276 33.44 49.64 -0.14
C GLY B 276 34.48 48.55 -0.35
N ASN B 277 35.65 48.74 0.28
CA ASN B 277 36.68 47.71 0.38
C ASN B 277 36.42 46.91 1.66
N VAL B 278 36.66 45.59 1.59
CA VAL B 278 36.56 44.69 2.75
C VAL B 278 37.76 44.96 3.66
N ILE B 279 37.51 45.47 4.86
CA ILE B 279 38.55 45.62 5.90
C ILE B 279 38.83 44.23 6.50
N SER B 280 37.77 43.61 7.01
CA SER B 280 37.82 42.29 7.63
C SER B 280 36.51 41.55 7.46
N SER B 281 36.54 40.25 7.81
CA SER B 281 35.34 39.42 7.83
C SER B 281 35.49 38.24 8.78
N HIS B 282 34.39 37.85 9.40
CA HIS B 282 34.36 36.70 10.33
C HIS B 282 32.98 36.07 10.45
N GLY B 283 32.96 34.90 11.08
CA GLY B 283 31.73 34.16 11.38
C GLY B 283 31.88 32.67 11.14
N ASN B 284 30.74 31.99 11.09
CA ASN B 284 30.66 30.55 10.82
C ASN B 284 29.24 30.18 10.39
N PRO B 285 29.07 29.04 9.68
CA PRO B 285 27.70 28.56 9.46
C PRO B 285 27.09 28.09 10.78
N ILE B 286 25.87 28.55 11.06
CA ILE B 286 25.17 28.24 12.32
C ILE B 286 24.44 26.92 12.08
N LEU B 287 24.78 25.88 12.86
CA LEU B 287 24.11 24.58 12.77
C LEU B 287 22.70 24.71 13.31
N LEU B 288 21.71 24.35 12.49
CA LEU B 288 20.29 24.44 12.87
C LEU B 288 19.84 23.12 13.52
N ASN B 289 20.38 22.84 14.72
CA ASN B 289 20.00 21.67 15.54
C ASN B 289 18.73 21.96 16.36
N SER B 290 18.24 20.96 17.09
CA SER B 290 17.00 21.07 17.88
C SER B 290 16.98 22.14 19.00
N SER B 291 18.17 22.55 19.47
CA SER B 291 18.33 23.69 20.41
C SER B 291 17.65 24.98 19.96
N ILE B 292 17.68 25.25 18.64
CA ILE B 292 16.95 26.37 18.04
C ILE B 292 15.53 25.87 17.74
N PRO B 293 14.49 26.52 18.33
CA PRO B 293 13.11 26.07 18.10
C PRO B 293 12.54 26.49 16.73
N GLU B 294 11.62 25.68 16.21
CA GLU B 294 10.85 26.03 15.00
C GLU B 294 9.86 27.14 15.35
N ASP B 295 9.70 28.11 14.46
CA ASP B 295 8.74 29.21 14.63
C ASP B 295 7.31 28.66 14.55
N PRO B 296 6.46 28.91 15.58
CA PRO B 296 5.07 28.42 15.59
C PRO B 296 4.22 28.77 14.36
N SER B 297 4.29 30.02 13.89
CA SER B 297 3.46 30.49 12.77
C SER B 297 3.88 29.90 11.42
N ILE B 298 5.19 29.78 11.21
CA ILE B 298 5.76 29.12 10.01
C ILE B 298 5.49 27.60 10.06
N LYS B 299 5.71 26.97 11.23
CA LYS B 299 5.40 25.55 11.44
C LYS B 299 3.93 25.21 11.17
N ALA B 300 3.03 26.05 11.68
CA ALA B 300 1.58 25.93 11.43
C ALA B 300 1.23 26.03 9.94
N ASP B 301 1.91 26.94 9.24
CA ASP B 301 1.79 27.09 7.80
C ASP B 301 2.42 25.91 7.01
N ILE B 302 3.55 25.38 7.48
CA ILE B 302 4.12 24.10 6.95
C ILE B 302 3.14 22.95 7.13
N ASN B 303 2.58 22.83 8.33
CA ASN B 303 1.54 21.84 8.67
C ASN B 303 0.29 21.90 7.79
N LYS B 304 -0.08 23.11 7.35
CA LYS B 304 -1.18 23.33 6.43
C LYS B 304 -0.89 22.78 5.04
N TRP B 305 0.29 23.14 4.49
CA TRP B 305 0.76 22.61 3.19
C TRP B 305 1.11 21.10 3.24
N ARG B 306 1.46 20.61 4.44
CA ARG B 306 1.80 19.18 4.65
C ARG B 306 0.68 18.15 4.38
N ILE B 307 -0.58 18.55 4.57
CA ILE B 307 -1.72 17.60 4.54
C ILE B 307 -1.86 16.88 3.18
N LYS B 308 -1.71 17.62 2.09
CA LYS B 308 -1.68 17.10 0.71
C LYS B 308 -0.59 16.03 0.49
N LEU B 309 0.56 16.25 1.13
CA LEU B 309 1.72 15.35 1.03
C LEU B 309 1.59 14.04 1.79
N ASP B 310 0.69 13.97 2.79
CA ASP B 310 0.46 12.74 3.55
C ASP B 310 -0.11 11.53 2.78
N ASP B 311 -0.60 11.73 1.55
CA ASP B 311 -0.86 10.64 0.58
C ASP B 311 0.38 9.74 0.29
N TYR B 312 1.56 10.35 0.26
CA TYR B 312 2.82 9.70 -0.10
C TYR B 312 3.55 9.11 1.13
N SER B 313 3.07 9.38 2.35
CA SER B 313 3.66 8.88 3.61
C SER B 313 2.86 7.80 4.39
N THR B 314 1.63 7.50 3.95
CA THR B 314 0.73 6.55 4.64
C THR B 314 1.19 5.10 4.43
N GLN B 315 1.32 4.66 3.17
CA GLN B 315 1.51 3.23 2.85
C GLN B 315 2.95 2.80 3.08
N GLU B 316 3.14 1.69 3.81
CA GLU B 316 4.42 0.94 3.80
C GLU B 316 4.52 0.22 2.45
N LEU B 317 5.55 0.54 1.68
CA LEU B 317 5.88 -0.21 0.46
C LEU B 317 6.57 -1.52 0.80
N GLY B 318 7.52 -1.45 1.74
CA GLY B 318 8.18 -2.62 2.31
C GLY B 318 9.14 -2.21 3.43
N LYS B 319 9.99 -3.15 3.86
CA LYS B 319 10.98 -2.93 4.90
C LYS B 319 12.40 -3.02 4.35
N THR B 320 13.34 -2.32 4.99
CA THR B 320 14.79 -2.58 4.86
C THR B 320 15.34 -2.89 6.24
N ILE B 321 16.21 -3.91 6.32
CA ILE B 321 16.94 -4.26 7.56
C ILE B 321 18.39 -3.72 7.57
N VAL B 322 18.75 -2.93 6.55
CA VAL B 322 20.07 -2.31 6.41
C VAL B 322 19.91 -0.83 6.08
N TYR B 323 20.90 -0.02 6.48
CA TYR B 323 20.95 1.39 6.10
C TYR B 323 21.19 1.43 4.59
N LEU B 324 20.26 2.07 3.87
CA LEU B 324 20.39 2.27 2.44
C LEU B 324 21.21 3.53 2.23
N ASP B 325 22.51 3.32 2.07
CA ASP B 325 23.49 4.42 1.95
C ASP B 325 23.37 5.03 0.56
N GLY B 326 22.53 6.05 0.50
CA GLY B 326 22.37 6.91 -0.67
C GLY B 326 23.00 8.28 -0.49
N SER B 327 24.08 8.35 0.30
CA SER B 327 24.81 9.61 0.54
C SER B 327 25.72 9.89 -0.65
N SER B 328 25.95 11.17 -0.91
CA SER B 328 26.90 11.61 -1.95
C SER B 328 28.35 11.19 -1.66
N GLN B 329 28.73 11.20 -0.38
CA GLN B 329 30.07 10.84 0.08
C GLN B 329 30.43 9.38 -0.25
N SER B 330 29.42 8.50 -0.24
CA SER B 330 29.57 7.12 -0.69
C SER B 330 29.34 7.00 -2.20
N CYS B 331 28.14 7.36 -2.66
CA CYS B 331 27.70 7.03 -4.03
C CYS B 331 28.41 7.74 -5.18
N ARG B 332 29.09 8.86 -4.91
CA ARG B 332 29.93 9.54 -5.92
C ARG B 332 31.42 9.18 -5.87
N PHE B 333 31.83 8.43 -4.84
CA PHE B 333 33.24 8.03 -4.61
C PHE B 333 33.52 6.52 -4.66
N ARG B 334 32.51 5.70 -4.39
CA ARG B 334 32.68 4.24 -4.35
C ARG B 334 31.34 3.51 -4.52
N GLU B 335 31.40 2.19 -4.54
CA GLU B 335 30.22 1.33 -4.52
C GLU B 335 29.38 1.65 -3.29
N CYS B 336 28.10 1.96 -3.51
CA CYS B 336 27.14 2.16 -2.43
C CYS B 336 25.96 1.21 -2.61
N ASN B 337 25.43 0.70 -1.49
CA ASN B 337 24.37 -0.31 -1.51
C ASN B 337 23.01 0.19 -2.02
N MET B 338 22.75 1.49 -1.87
CA MET B 338 21.60 2.15 -2.52
C MET B 338 21.71 2.05 -4.04
N GLY B 339 22.90 2.30 -4.57
CA GLY B 339 23.18 2.13 -6.01
C GLY B 339 22.97 0.71 -6.52
N ASN B 340 23.42 -0.26 -5.73
CA ASN B 340 23.21 -1.69 -6.04
C ASN B 340 21.73 -2.07 -6.05
N LEU B 341 21.00 -1.61 -5.03
CA LEU B 341 19.54 -1.80 -4.94
C LEU B 341 18.80 -1.29 -6.17
N ILE B 342 19.10 -0.05 -6.55
CA ILE B 342 18.43 0.61 -7.67
C ILE B 342 18.74 -0.11 -8.99
N CYS B 343 19.99 -0.53 -9.18
CA CYS B 343 20.38 -1.32 -10.39
C CYS B 343 19.77 -2.72 -10.42
N ASP B 344 19.71 -3.37 -9.26
CA ASP B 344 19.03 -4.67 -9.15
C ASP B 344 17.53 -4.56 -9.43
N ALA B 345 16.90 -3.51 -8.91
CA ALA B 345 15.51 -3.17 -9.24
C ALA B 345 15.29 -2.93 -10.73
N MET B 346 16.22 -2.17 -11.35
CA MET B 346 16.20 -1.90 -12.79
C MET B 346 16.25 -3.16 -13.66
N ILE B 347 17.12 -4.09 -13.29
CA ILE B 347 17.27 -5.34 -14.03
C ILE B 347 16.06 -6.26 -13.79
N ASN B 348 15.65 -6.39 -12.53
CA ASN B 348 14.47 -7.20 -12.14
C ASN B 348 13.17 -6.80 -12.83
N ASN B 349 12.99 -5.49 -13.05
CA ASN B 349 11.82 -4.96 -13.77
C ASN B 349 11.70 -5.39 -15.24
N ASN B 350 12.84 -5.67 -15.89
CA ASN B 350 12.88 -6.18 -17.29
C ASN B 350 12.90 -7.68 -17.48
N LEU B 351 13.30 -8.42 -16.46
CA LEU B 351 13.28 -9.88 -16.52
C LEU B 351 11.91 -10.38 -16.08
N GLU B 356 8.29 -5.94 -24.28
CA GLU B 356 9.28 -5.99 -25.36
C GLU B 356 10.12 -7.28 -25.36
N MET B 357 10.18 -7.93 -26.52
CA MET B 357 10.97 -9.18 -26.71
C MET B 357 12.50 -9.01 -26.69
N PHE B 358 12.97 -7.88 -27.21
CA PHE B 358 14.42 -7.61 -27.44
C PHE B 358 15.31 -7.31 -26.19
N TRP B 359 14.70 -7.14 -25.01
CA TRP B 359 15.40 -6.82 -23.75
C TRP B 359 15.22 -7.91 -22.69
N ASN B 360 15.19 -9.18 -23.12
CA ASN B 360 14.88 -10.32 -22.23
C ASN B 360 16.10 -10.83 -21.46
N HIS B 361 17.25 -10.91 -22.13
CA HIS B 361 18.53 -11.08 -21.48
C HIS B 361 19.17 -9.71 -21.63
N VAL B 362 18.80 -8.87 -20.66
CA VAL B 362 19.62 -7.71 -20.28
C VAL B 362 20.13 -8.02 -18.88
N SER B 363 21.45 -8.03 -18.77
CA SER B 363 22.15 -8.36 -17.53
C SER B 363 22.76 -7.15 -16.83
N MET B 364 22.87 -6.00 -17.52
CA MET B 364 23.82 -4.93 -17.16
C MET B 364 23.12 -3.62 -16.88
N CYS B 365 23.63 -2.91 -15.88
CA CYS B 365 23.08 -1.65 -15.41
C CYS B 365 24.19 -0.64 -15.12
N ILE B 366 23.97 0.62 -15.51
CA ILE B 366 24.78 1.75 -15.04
C ILE B 366 23.87 2.86 -14.54
N LEU B 367 24.32 3.59 -13.51
CA LEU B 367 23.50 4.54 -12.77
C LEU B 367 24.40 5.63 -12.24
N ASN B 368 24.17 6.87 -12.67
CA ASN B 368 24.94 8.01 -12.18
C ASN B 368 24.69 8.21 -10.69
N GLY B 369 25.79 8.22 -9.91
CA GLY B 369 25.75 8.32 -8.44
C GLY B 369 25.10 9.57 -7.92
N GLY B 370 25.29 10.68 -8.64
CA GLY B 370 24.63 11.95 -8.35
C GLY B 370 23.12 11.96 -8.51
N GLY B 371 22.57 11.00 -9.26
CA GLY B 371 21.13 10.75 -9.31
C GLY B 371 20.48 10.12 -8.08
N ILE B 372 21.30 9.59 -7.17
CA ILE B 372 20.87 9.10 -5.88
C ILE B 372 20.99 10.29 -4.92
N ARG B 373 19.84 10.77 -4.44
CA ARG B 373 19.71 12.07 -3.76
C ARG B 373 19.42 12.07 -2.26
N SER B 374 19.25 10.88 -1.68
CA SER B 374 19.06 10.74 -0.23
C SER B 374 19.36 9.32 0.23
N PRO B 375 19.83 9.16 1.49
CA PRO B 375 19.71 7.83 2.11
C PRO B 375 18.30 7.52 2.59
N ILE B 376 18.11 6.28 3.04
CA ILE B 376 16.92 5.85 3.75
C ILE B 376 17.41 5.12 5.01
N ASP B 377 16.88 5.53 6.16
CA ASP B 377 17.27 4.99 7.47
C ASP B 377 16.39 3.76 7.79
N GLU B 378 17.01 2.72 8.36
CA GLU B 378 16.33 1.46 8.73
C GLU B 378 15.75 1.37 10.15
N ARG B 379 16.00 2.37 11.00
CA ARG B 379 15.69 2.28 12.45
C ARG B 379 14.25 2.62 12.91
N ASN B 380 13.31 2.77 11.96
CA ASN B 380 11.91 3.08 12.25
C ASN B 380 11.04 1.90 11.76
N ASP B 381 11.31 0.71 12.34
CA ASP B 381 10.78 -0.59 11.89
C ASP B 381 11.09 -0.93 10.42
N GLY B 382 12.22 -0.40 9.91
CA GLY B 382 12.60 -0.51 8.52
C GLY B 382 11.72 0.13 7.47
N THR B 383 10.72 0.92 7.86
CA THR B 383 9.61 1.27 6.94
C THR B 383 10.11 2.16 5.80
N ILE B 384 9.76 1.79 4.57
CA ILE B 384 10.02 2.58 3.37
C ILE B 384 8.65 2.97 2.82
N THR B 385 8.43 4.28 2.69
CA THR B 385 7.26 4.87 2.05
C THR B 385 7.67 5.47 0.72
N TRP B 386 6.67 5.81 -0.09
CA TRP B 386 6.87 6.51 -1.38
C TRP B 386 7.64 7.84 -1.20
N GLU B 387 7.33 8.58 -0.14
CA GLU B 387 8.05 9.78 0.28
C GLU B 387 9.56 9.55 0.49
N ASN B 388 9.93 8.45 1.11
CA ASN B 388 11.34 8.10 1.31
C ASN B 388 12.04 7.87 -0.03
N LEU B 389 11.40 7.09 -0.91
CA LEU B 389 11.88 6.87 -2.28
C LEU B 389 11.90 8.12 -3.16
N ALA B 390 10.92 9.00 -2.97
CA ALA B 390 10.87 10.29 -3.70
C ALA B 390 12.07 11.19 -3.38
N ALA B 391 12.58 11.12 -2.15
CA ALA B 391 13.80 11.81 -1.76
C ALA B 391 15.08 11.22 -2.38
N VAL B 392 15.09 9.91 -2.61
CA VAL B 392 16.20 9.22 -3.28
C VAL B 392 16.19 9.54 -4.78
N LEU B 393 15.01 9.43 -5.39
CA LEU B 393 14.80 9.57 -6.83
C LEU B 393 13.72 10.62 -7.08
N PRO B 394 14.10 11.93 -7.05
CA PRO B 394 13.13 13.02 -7.19
C PRO B 394 12.82 13.50 -8.62
N PHE B 395 13.57 13.04 -9.62
CA PHE B 395 13.62 13.70 -10.93
C PHE B 395 12.52 13.35 -11.93
N GLY B 396 11.68 12.35 -11.62
CA GLY B 396 10.64 11.89 -12.54
C GLY B 396 11.17 11.32 -13.84
N GLY B 397 12.33 10.68 -13.80
CA GLY B 397 12.95 10.03 -14.96
C GLY B 397 12.41 8.64 -15.19
N THR B 398 12.88 8.02 -16.27
CA THR B 398 12.62 6.62 -16.63
C THR B 398 13.94 5.85 -16.70
N PHE B 399 13.86 4.53 -16.49
CA PHE B 399 14.99 3.62 -16.69
C PHE B 399 14.86 2.97 -18.06
N ASP B 400 15.72 3.39 -18.98
CA ASP B 400 15.66 3.07 -20.41
C ASP B 400 16.68 2.02 -20.79
N LEU B 401 16.39 1.28 -21.84
CA LEU B 401 17.26 0.25 -22.36
C LEU B 401 17.99 0.79 -23.57
N VAL B 402 19.32 0.61 -23.58
CA VAL B 402 20.18 1.04 -24.70
C VAL B 402 21.11 -0.07 -25.13
N GLN B 403 21.53 -0.02 -26.38
CA GLN B 403 22.42 -0.99 -26.99
C GLN B 403 23.70 -0.26 -27.32
N LEU B 404 24.82 -0.77 -26.78
CA LEU B 404 26.12 -0.06 -26.82
C LEU B 404 27.25 -1.01 -27.22
N LYS B 405 28.14 -0.54 -28.08
CA LYS B 405 29.45 -1.18 -28.28
C LYS B 405 30.25 -1.07 -26.98
N GLY B 406 31.07 -2.08 -26.72
CA GLY B 406 31.94 -2.10 -25.56
C GLY B 406 32.85 -0.89 -25.45
N SER B 407 33.37 -0.42 -26.59
CA SER B 407 34.17 0.83 -26.67
C SER B 407 33.42 2.05 -26.11
N THR B 408 32.12 2.15 -26.41
CA THR B 408 31.25 3.18 -25.83
C THR B 408 31.15 3.02 -24.32
N LEU B 409 30.93 1.78 -23.86
CA LEU B 409 30.83 1.50 -22.41
C LEU B 409 32.14 1.78 -21.66
N LYS B 410 33.26 1.34 -22.23
CA LYS B 410 34.61 1.61 -21.67
C LYS B 410 34.83 3.11 -21.48
N LYS B 411 34.53 3.88 -22.52
CA LYS B 411 34.63 5.34 -22.47
C LYS B 411 33.71 6.00 -21.42
N ALA B 412 32.52 5.44 -21.24
CA ALA B 412 31.60 5.89 -20.17
C ALA B 412 32.20 5.67 -18.78
N PHE B 413 32.76 4.48 -18.55
CA PHE B 413 33.47 4.18 -17.30
C PHE B 413 34.75 5.01 -17.10
N GLU B 414 35.41 5.44 -18.19
CA GLU B 414 36.50 6.45 -18.08
C GLU B 414 35.95 7.82 -17.68
N HIS B 415 34.83 8.21 -18.29
CA HIS B 415 34.14 9.46 -17.93
C HIS B 415 33.65 9.45 -16.46
N SER B 416 33.20 8.28 -15.97
CA SER B 416 32.84 8.06 -14.54
C SER B 416 33.86 8.58 -13.52
N VAL B 417 35.15 8.43 -13.83
CA VAL B 417 36.26 8.85 -12.93
C VAL B 417 37.23 9.87 -13.53
N HIS B 418 36.84 10.57 -14.61
CA HIS B 418 37.75 11.49 -15.32
C HIS B 418 38.22 12.69 -14.47
N ARG B 419 37.36 13.14 -13.56
CA ARG B 419 37.67 14.20 -12.60
C ARG B 419 37.30 13.76 -11.18
N TYR B 420 37.68 12.53 -10.84
CA TYR B 420 37.39 11.92 -9.53
C TYR B 420 37.95 12.78 -8.39
N GLY B 421 37.22 12.81 -7.27
CA GLY B 421 37.61 13.57 -6.08
C GLY B 421 36.84 14.86 -5.83
N GLN B 422 36.18 15.40 -6.86
CA GLN B 422 35.39 16.64 -6.76
C GLN B 422 33.89 16.46 -6.44
N SER B 423 33.45 15.24 -6.07
CA SER B 423 32.07 14.93 -5.67
C SER B 423 31.03 15.23 -6.77
N THR B 424 31.40 14.92 -8.01
CA THR B 424 30.55 15.15 -9.17
C THR B 424 29.74 13.89 -9.45
N GLY B 425 28.59 14.09 -10.08
CA GLY B 425 27.56 13.05 -10.18
C GLY B 425 27.79 11.92 -11.17
N GLU B 426 28.67 12.12 -12.15
CA GLU B 426 28.97 11.12 -13.19
C GLU B 426 29.54 9.76 -12.75
N PHE B 427 30.04 9.65 -11.51
CA PHE B 427 30.51 8.37 -10.96
C PHE B 427 29.41 7.29 -11.01
N LEU B 428 29.73 6.17 -11.67
CA LEU B 428 28.73 5.17 -12.02
C LEU B 428 28.60 4.10 -10.96
N GLN B 429 27.37 3.94 -10.45
CA GLN B 429 26.93 2.72 -9.76
C GLN B 429 26.47 1.74 -10.82
N VAL B 430 26.59 0.44 -10.52
CA VAL B 430 26.39 -0.61 -11.52
C VAL B 430 25.61 -1.84 -11.04
N GLY B 431 25.19 -2.65 -12.01
CA GLY B 431 24.69 -4.00 -11.82
C GLY B 431 25.11 -4.85 -13.01
N GLY B 432 25.48 -6.11 -12.74
CA GLY B 432 26.01 -7.02 -13.77
C GLY B 432 27.33 -6.61 -14.41
N ILE B 433 28.11 -5.75 -13.74
CA ILE B 433 29.39 -5.23 -14.22
C ILE B 433 30.32 -5.21 -13.01
N HIS B 434 31.51 -5.78 -13.18
CA HIS B 434 32.60 -5.65 -12.21
C HIS B 434 33.68 -4.82 -12.85
N VAL B 435 33.95 -3.66 -12.26
CA VAL B 435 34.95 -2.71 -12.75
C VAL B 435 36.01 -2.48 -11.67
N VAL B 436 37.25 -2.29 -12.11
CA VAL B 436 38.37 -1.92 -11.23
C VAL B 436 39.02 -0.68 -11.82
N TYR B 437 39.16 0.36 -10.99
CA TYR B 437 39.87 1.60 -11.34
C TYR B 437 41.26 1.62 -10.72
N ASP B 438 42.19 2.31 -11.39
CA ASP B 438 43.48 2.72 -10.83
C ASP B 438 43.53 4.25 -10.95
N LEU B 439 43.30 4.92 -9.83
CA LEU B 439 43.25 6.40 -9.78
C LEU B 439 44.62 7.10 -9.90
N SER B 440 45.72 6.35 -9.76
CA SER B 440 47.09 6.82 -10.06
C SER B 440 47.28 7.19 -11.54
N ARG B 441 46.56 6.49 -12.43
CA ARG B 441 46.71 6.66 -13.87
C ARG B 441 46.00 7.92 -14.36
N LYS B 442 46.32 8.32 -15.59
CA LYS B 442 45.84 9.58 -16.17
C LYS B 442 44.34 9.48 -16.51
N PRO B 443 43.59 10.62 -16.44
CA PRO B 443 42.20 10.66 -16.92
C PRO B 443 42.05 10.13 -18.35
N GLY B 444 41.08 9.24 -18.55
CA GLY B 444 40.95 8.47 -19.80
C GLY B 444 41.66 7.12 -19.81
N ASP B 445 42.44 6.81 -18.77
CA ASP B 445 43.23 5.56 -18.70
C ASP B 445 43.21 4.91 -17.30
N ARG B 446 42.11 5.09 -16.56
CA ARG B 446 41.97 4.59 -15.17
C ARG B 446 41.29 3.23 -15.03
N VAL B 447 40.51 2.81 -16.03
CA VAL B 447 39.78 1.53 -16.00
C VAL B 447 40.77 0.43 -16.39
N VAL B 448 41.19 -0.36 -15.40
CA VAL B 448 42.16 -1.47 -15.59
C VAL B 448 41.53 -2.85 -15.83
N LYS B 449 40.35 -3.06 -15.25
CA LYS B 449 39.55 -4.28 -15.46
C LYS B 449 38.09 -3.86 -15.62
N LEU B 450 37.41 -4.50 -16.57
CA LEU B 450 35.99 -4.27 -16.81
C LEU B 450 35.32 -5.54 -17.36
N ASP B 451 34.85 -6.37 -16.43
CA ASP B 451 34.13 -7.59 -16.72
C ASP B 451 32.62 -7.33 -16.67
N VAL B 452 31.88 -8.03 -17.53
CA VAL B 452 30.43 -7.86 -17.68
C VAL B 452 29.74 -9.22 -17.72
N LEU B 453 28.49 -9.23 -17.28
CA LEU B 453 27.72 -10.46 -17.13
C LEU B 453 27.21 -10.88 -18.51
N CYS B 454 27.52 -12.12 -18.93
CA CYS B 454 27.24 -12.57 -20.30
C CYS B 454 25.74 -12.62 -20.60
N THR B 455 25.42 -12.40 -21.87
CA THR B 455 24.04 -12.46 -22.38
C THR B 455 23.81 -13.77 -23.16
N LYS B 456 24.72 -14.11 -24.09
CA LYS B 456 24.60 -15.30 -24.96
C LYS B 456 25.18 -16.52 -24.22
N CYS B 457 24.42 -16.97 -23.23
CA CYS B 457 24.86 -18.01 -22.28
C CYS B 457 23.66 -18.48 -21.45
N ARG B 458 23.68 -19.75 -21.06
CA ARG B 458 22.60 -20.34 -20.25
C ARG B 458 22.83 -20.15 -18.74
N VAL B 459 24.11 -20.09 -18.34
CA VAL B 459 24.54 -19.78 -16.97
C VAL B 459 25.22 -18.40 -17.04
N PRO B 460 24.64 -17.36 -16.38
CA PRO B 460 25.31 -16.06 -16.35
C PRO B 460 26.65 -16.09 -15.60
N SER B 461 27.70 -15.60 -16.25
CA SER B 461 28.99 -15.35 -15.58
C SER B 461 29.64 -14.08 -16.11
N TYR B 462 30.67 -13.62 -15.40
CA TYR B 462 31.43 -12.41 -15.76
C TYR B 462 32.60 -12.79 -16.67
N ASP B 463 32.68 -12.10 -17.81
CA ASP B 463 33.73 -12.28 -18.82
C ASP B 463 34.23 -10.88 -19.19
N PRO B 464 35.51 -10.75 -19.61
CA PRO B 464 36.01 -9.39 -19.96
C PRO B 464 35.23 -8.75 -21.11
N LEU B 465 35.00 -7.45 -21.00
CA LEU B 465 34.33 -6.68 -22.03
C LEU B 465 35.22 -6.63 -23.28
N LYS B 466 34.63 -6.96 -24.44
CA LYS B 466 35.28 -6.79 -25.74
C LYS B 466 34.79 -5.49 -26.36
N MET B 467 35.71 -4.74 -26.98
CA MET B 467 35.44 -3.38 -27.48
C MET B 467 34.41 -3.30 -28.62
N ASP B 468 34.41 -4.29 -29.53
CA ASP B 468 33.50 -4.34 -30.68
C ASP B 468 32.22 -5.18 -30.48
N GLU B 469 32.13 -5.93 -29.38
CA GLU B 469 30.88 -6.62 -29.01
C GLU B 469 29.81 -5.61 -28.55
N VAL B 470 28.54 -5.94 -28.82
CA VAL B 470 27.40 -5.09 -28.53
C VAL B 470 26.73 -5.61 -27.27
N TYR B 471 26.52 -4.73 -26.29
CA TYR B 471 25.90 -5.06 -25.00
C TYR B 471 24.64 -4.23 -24.77
N LYS B 472 23.57 -4.88 -24.32
CA LYS B 472 22.34 -4.20 -23.90
C LYS B 472 22.54 -3.78 -22.45
N VAL B 473 22.22 -2.53 -22.13
CA VAL B 473 22.40 -1.94 -20.79
C VAL B 473 21.14 -1.14 -20.43
N ILE B 474 20.67 -1.28 -19.18
CA ILE B 474 19.60 -0.43 -18.63
C ILE B 474 20.23 0.72 -17.85
N LEU B 475 19.75 1.93 -18.11
CA LEU B 475 20.29 3.14 -17.48
C LEU B 475 19.21 4.24 -17.41
N PRO B 476 19.44 5.34 -16.65
CA PRO B 476 18.45 6.43 -16.64
C PRO B 476 18.41 7.16 -17.99
N ASN B 477 17.21 7.62 -18.39
CA ASN B 477 17.05 8.42 -19.62
C ASN B 477 17.98 9.65 -19.69
N PHE B 478 18.23 10.26 -18.53
CA PHE B 478 19.23 11.32 -18.32
C PHE B 478 20.57 10.97 -18.96
N LEU B 479 21.06 9.76 -18.69
CA LEU B 479 22.29 9.25 -19.29
C LEU B 479 22.13 8.82 -20.75
N ALA B 480 20.97 8.24 -21.10
CA ALA B 480 20.64 7.91 -22.51
C ALA B 480 20.63 9.14 -23.44
N ASN B 481 20.17 10.28 -22.91
CA ASN B 481 20.18 11.58 -23.62
C ASN B 481 21.47 12.40 -23.49
N GLY B 482 22.56 11.78 -23.04
CA GLY B 482 23.86 12.43 -22.94
C GLY B 482 24.11 13.31 -21.72
N GLY B 483 23.27 13.21 -20.69
CA GLY B 483 23.43 14.00 -19.46
C GLY B 483 24.66 13.61 -18.66
N ASP B 484 25.04 14.48 -17.72
CA ASP B 484 26.29 14.34 -16.92
C ASP B 484 27.60 14.27 -17.75
N GLY B 485 27.58 14.85 -18.95
CA GLY B 485 28.68 14.75 -19.90
C GLY B 485 28.92 13.37 -20.51
N PHE B 486 27.91 12.49 -20.49
CA PHE B 486 28.01 11.15 -21.11
C PHE B 486 27.60 11.22 -22.58
N GLN B 487 28.29 12.06 -23.35
CA GLN B 487 27.90 12.39 -24.73
C GLN B 487 28.09 11.18 -25.66
N MET B 488 29.10 10.34 -25.36
CA MET B 488 29.35 9.09 -26.09
C MET B 488 28.14 8.14 -26.14
N ILE B 489 27.31 8.14 -25.08
CA ILE B 489 26.09 7.30 -25.04
C ILE B 489 25.09 7.75 -26.10
N LYS B 490 24.69 9.03 -26.04
CA LYS B 490 23.77 9.63 -27.03
C LYS B 490 24.28 9.48 -28.46
N ASP B 491 25.56 9.76 -28.67
CA ASP B 491 26.16 9.79 -30.01
C ASP B 491 26.43 8.41 -30.61
N GLU B 492 26.89 7.45 -29.80
CA GLU B 492 27.32 6.13 -30.29
C GLU B 492 26.30 5.00 -30.09
N LEU B 493 25.17 5.23 -29.39
CA LEU B 493 24.20 4.14 -29.16
C LEU B 493 23.61 3.60 -30.46
N LEU B 494 23.35 2.28 -30.48
CA LEU B 494 22.74 1.61 -31.63
C LEU B 494 21.22 1.52 -31.51
N ARG B 495 20.70 1.46 -30.28
CA ARG B 495 19.25 1.48 -30.02
C ARG B 495 18.97 2.14 -28.68
N HIS B 496 17.79 2.75 -28.56
CA HIS B 496 17.30 3.36 -27.32
C HIS B 496 15.78 3.24 -27.32
N ASP B 497 15.27 2.38 -26.43
CA ASP B 497 13.84 2.35 -26.12
C ASP B 497 13.61 3.02 -24.77
N SER B 498 12.49 3.75 -24.64
CA SER B 498 12.07 4.27 -23.32
C SER B 498 11.57 3.10 -22.47
N GLY B 499 11.73 3.19 -21.14
CA GLY B 499 11.19 2.23 -20.17
C GLY B 499 10.34 2.90 -19.09
N ASP B 500 10.19 2.23 -17.95
CA ASP B 500 9.23 2.62 -16.92
C ASP B 500 9.75 3.74 -16.02
N GLN B 501 8.82 4.41 -15.31
CA GLN B 501 9.15 5.53 -14.41
C GLN B 501 10.08 5.06 -13.29
N ASP B 502 11.07 5.88 -12.95
CA ASP B 502 12.19 5.46 -12.08
C ASP B 502 11.77 5.05 -10.67
N ILE B 503 11.00 5.89 -10.00
CA ILE B 503 10.48 5.62 -8.65
C ILE B 503 9.56 4.40 -8.61
N ASN B 504 8.72 4.25 -9.64
CA ASN B 504 7.79 3.11 -9.78
C ASN B 504 8.51 1.76 -9.85
N VAL B 505 9.59 1.71 -10.63
CA VAL B 505 10.46 0.52 -10.76
C VAL B 505 10.99 0.06 -9.40
N VAL B 506 11.52 1.00 -8.63
CA VAL B 506 12.11 0.73 -7.31
C VAL B 506 11.01 0.39 -6.30
N SER B 507 9.88 1.11 -6.37
CA SER B 507 8.71 0.86 -5.51
C SER B 507 8.16 -0.56 -5.69
N THR B 508 7.92 -0.94 -6.94
CA THR B 508 7.50 -2.29 -7.34
C THR B 508 8.45 -3.39 -6.81
N TYR B 509 9.76 -3.16 -6.94
CA TYR B 509 10.80 -4.09 -6.49
C TYR B 509 10.77 -4.29 -4.98
N ILE B 510 10.69 -3.18 -4.23
CA ILE B 510 10.62 -3.23 -2.76
C ILE B 510 9.33 -3.95 -2.28
N SER B 511 8.21 -3.69 -2.97
CA SER B 511 6.94 -4.39 -2.68
C SER B 511 7.00 -5.91 -2.96
N LYS B 512 7.62 -6.29 -4.07
CA LYS B 512 7.87 -7.70 -4.42
C LYS B 512 8.81 -8.38 -3.41
N MET B 513 9.92 -7.71 -3.07
CA MET B 513 10.92 -8.23 -2.12
C MET B 513 10.50 -8.22 -0.66
N LYS B 514 9.68 -7.24 -0.26
CA LYS B 514 9.11 -7.11 1.11
C LYS B 514 10.14 -6.70 2.19
N VAL B 515 11.19 -7.50 2.36
CA VAL B 515 12.36 -7.18 3.19
C VAL B 515 13.59 -7.14 2.28
N ILE B 516 14.33 -6.02 2.28
CA ILE B 516 15.56 -5.85 1.47
C ILE B 516 16.80 -5.63 2.33
N TYR B 517 17.96 -6.05 1.81
CA TYR B 517 19.23 -6.04 2.54
C TYR B 517 20.43 -5.94 1.57
N PRO B 518 20.43 -4.91 0.70
CA PRO B 518 21.50 -4.80 -0.30
C PRO B 518 22.87 -4.57 0.34
N ALA B 519 23.87 -5.27 -0.21
CA ALA B 519 25.24 -5.24 0.28
C ALA B 519 26.14 -4.47 -0.67
N VAL B 520 27.32 -4.11 -0.16
CA VAL B 520 28.46 -3.66 -0.95
C VAL B 520 29.28 -4.96 -1.18
N GLU B 521 29.40 -5.34 -2.45
CA GLU B 521 29.87 -6.67 -2.89
C GLU B 521 31.17 -6.73 -3.73
N GLY B 522 31.84 -5.60 -3.96
CA GLY B 522 32.99 -5.54 -4.89
C GLY B 522 32.68 -5.41 -6.37
N ARG B 523 31.51 -4.86 -6.69
CA ARG B 523 31.17 -4.43 -8.05
C ARG B 523 32.13 -3.37 -8.59
N ILE B 524 32.51 -2.42 -7.73
CA ILE B 524 33.49 -1.39 -8.04
C ILE B 524 34.62 -1.57 -7.03
N LYS B 525 35.84 -1.78 -7.53
CA LYS B 525 37.06 -1.84 -6.71
C LYS B 525 38.07 -0.79 -7.19
N PHE B 526 39.08 -0.53 -6.33
CA PHE B 526 40.19 0.39 -6.62
C PHE B 526 41.54 -0.29 -6.40
N SER B 527 42.47 -0.13 -7.34
CA SER B 527 43.82 -0.65 -7.23
C SER B 527 44.63 0.21 -6.26
N LEU C 1 34.23 -79.89 -19.68
CA LEU C 1 34.00 -78.41 -19.59
C LEU C 1 34.29 -77.71 -20.92
N ALA C 2 33.53 -76.65 -21.22
CA ALA C 2 33.69 -75.88 -22.48
C ALA C 2 35.02 -75.13 -22.52
N SER C 3 35.75 -75.27 -23.63
CA SER C 3 37.16 -74.82 -23.75
C SER C 3 37.32 -73.30 -23.75
N MET C 4 36.39 -72.59 -24.42
CA MET C 4 36.17 -71.15 -24.22
C MET C 4 34.72 -70.93 -23.84
N TRP C 5 34.53 -70.00 -22.90
CA TRP C 5 33.21 -69.70 -22.30
C TRP C 5 33.03 -68.18 -22.14
N GLU C 6 32.13 -67.57 -22.91
CA GLU C 6 31.94 -66.11 -22.93
C GLU C 6 30.80 -65.71 -21.98
N LEU C 7 31.11 -64.83 -21.02
CA LEU C 7 30.12 -64.23 -20.10
C LEU C 7 29.84 -62.80 -20.52
N THR C 8 28.55 -62.45 -20.62
CA THR C 8 28.11 -61.06 -20.85
C THR C 8 27.66 -60.45 -19.52
N ILE C 9 28.42 -59.49 -19.00
CA ILE C 9 28.06 -58.73 -17.79
C ILE C 9 27.33 -57.45 -18.23
N LEU C 10 26.04 -57.38 -17.91
CA LEU C 10 25.24 -56.15 -17.95
C LEU C 10 25.30 -55.51 -16.56
N HIS C 11 25.59 -54.20 -16.50
CA HIS C 11 25.71 -53.50 -15.22
C HIS C 11 25.26 -52.04 -15.18
N THR C 12 24.61 -51.68 -14.07
CA THR C 12 24.23 -50.30 -13.74
C THR C 12 24.83 -49.93 -12.39
N ASN C 13 24.93 -48.64 -12.15
CA ASN C 13 25.41 -48.12 -10.86
C ASN C 13 24.94 -46.68 -10.67
N ASP C 14 24.66 -46.31 -9.41
CA ASP C 14 24.22 -44.96 -9.06
C ASP C 14 23.00 -44.50 -9.86
N VAL C 15 22.02 -45.40 -9.96
CA VAL C 15 20.77 -45.12 -10.69
C VAL C 15 20.02 -43.97 -10.01
N HIS C 16 20.04 -43.92 -8.68
CA HIS C 16 19.54 -42.79 -7.89
C HIS C 16 18.08 -42.41 -8.19
N SER C 17 17.21 -43.40 -8.06
CA SER C 17 15.76 -43.25 -8.18
C SER C 17 15.27 -42.75 -9.54
N ARG C 18 16.05 -42.93 -10.62
CA ARG C 18 15.65 -42.50 -11.97
C ARG C 18 14.89 -43.67 -12.60
N LEU C 19 13.70 -43.93 -12.05
CA LEU C 19 12.82 -45.03 -12.47
C LEU C 19 12.23 -44.70 -13.83
N GLU C 20 11.71 -43.48 -13.94
CA GLU C 20 11.32 -42.92 -15.22
C GLU C 20 12.53 -42.52 -16.03
N GLN C 21 12.31 -42.35 -17.33
CA GLN C 21 13.29 -41.71 -18.22
C GLN C 21 13.51 -40.24 -17.84
N THR C 22 14.65 -39.71 -18.25
CA THR C 22 15.14 -38.37 -17.85
C THR C 22 15.67 -37.58 -19.06
N SER C 23 15.98 -36.31 -18.83
CA SER C 23 16.74 -35.48 -19.78
C SER C 23 18.18 -35.99 -19.91
N GLU C 24 18.90 -35.47 -20.91
CA GLU C 24 20.35 -35.75 -21.11
C GLU C 24 21.20 -35.53 -19.83
N ASP C 25 20.87 -34.46 -19.08
CA ASP C 25 21.49 -34.15 -17.77
C ASP C 25 20.87 -34.85 -16.51
N SER C 26 20.03 -35.86 -16.74
CA SER C 26 19.33 -36.65 -15.70
C SER C 26 18.28 -35.91 -14.84
N SER C 27 17.89 -34.70 -15.23
CA SER C 27 16.76 -33.97 -14.62
C SER C 27 15.45 -34.51 -15.24
N LYS C 28 14.31 -33.96 -14.81
CA LYS C 28 12.99 -34.47 -15.25
C LYS C 28 12.81 -34.47 -16.78
N CYS C 29 12.16 -35.52 -17.28
CA CYS C 29 11.84 -35.64 -18.72
C CYS C 29 10.67 -34.72 -19.04
N VAL C 30 10.89 -33.80 -19.99
CA VAL C 30 9.84 -32.96 -20.57
C VAL C 30 9.69 -33.29 -22.05
N ASP C 31 10.76 -33.08 -22.83
CA ASP C 31 10.79 -33.39 -24.26
C ASP C 31 11.11 -34.89 -24.42
N ALA C 32 10.05 -35.72 -24.49
CA ALA C 32 10.18 -37.20 -24.54
C ALA C 32 11.00 -37.77 -25.70
N SER C 33 11.03 -37.07 -26.84
CA SER C 33 11.86 -37.43 -28.00
C SER C 33 13.36 -37.46 -27.71
N ARG C 34 13.84 -36.53 -26.87
CA ARG C 34 15.26 -36.45 -26.48
C ARG C 34 15.55 -36.97 -25.06
N CYS C 35 14.65 -37.80 -24.50
CA CYS C 35 14.82 -38.39 -23.16
C CYS C 35 15.56 -39.73 -23.19
N MET C 36 16.09 -40.11 -22.04
CA MET C 36 17.02 -41.24 -21.89
C MET C 36 16.78 -42.03 -20.60
N GLY C 37 17.19 -43.29 -20.62
CA GLY C 37 17.22 -44.12 -19.41
C GLY C 37 15.85 -44.57 -18.95
N GLY C 38 15.71 -44.76 -17.64
CA GLY C 38 14.50 -45.30 -17.03
C GLY C 38 14.46 -46.82 -17.10
N VAL C 39 13.70 -47.42 -16.19
CA VAL C 39 13.60 -48.89 -16.09
C VAL C 39 12.90 -49.57 -17.26
N ALA C 40 11.90 -48.91 -17.85
CA ALA C 40 11.17 -49.45 -19.01
C ALA C 40 12.06 -49.65 -20.23
N ARG C 41 12.88 -48.66 -20.54
CA ARG C 41 13.86 -48.74 -21.62
C ARG C 41 14.98 -49.75 -21.33
N LEU C 42 15.45 -49.76 -20.08
CA LEU C 42 16.46 -50.72 -19.62
C LEU C 42 16.00 -52.18 -19.79
N PHE C 43 14.75 -52.47 -19.42
CA PHE C 43 14.14 -53.81 -19.58
C PHE C 43 14.21 -54.30 -21.03
N THR C 44 13.83 -53.43 -21.98
CA THR C 44 13.86 -53.72 -23.42
C THR C 44 15.26 -54.17 -23.88
N LYS C 45 16.27 -53.36 -23.57
CA LYS C 45 17.67 -53.65 -23.97
C LYS C 45 18.23 -54.92 -23.31
N VAL C 46 17.92 -55.11 -22.02
CA VAL C 46 18.30 -56.34 -21.27
C VAL C 46 17.72 -57.61 -21.93
N GLN C 47 16.45 -57.54 -22.34
CA GLN C 47 15.77 -58.68 -22.99
C GLN C 47 16.26 -58.98 -24.40
N GLN C 48 16.62 -57.97 -25.18
CA GLN C 48 17.33 -58.16 -26.49
C GLN C 48 18.59 -59.00 -26.32
N ILE C 49 19.38 -58.63 -25.30
CA ILE C 49 20.66 -59.28 -25.00
C ILE C 49 20.46 -60.69 -24.41
N ARG C 50 19.45 -60.86 -23.55
CA ARG C 50 19.08 -62.21 -23.04
C ARG C 50 18.57 -63.19 -24.09
N ARG C 51 17.83 -62.67 -25.09
CA ARG C 51 17.46 -63.44 -26.29
C ARG C 51 18.69 -63.84 -27.13
N ALA C 52 19.58 -62.87 -27.36
CA ALA C 52 20.75 -63.03 -28.25
C ALA C 52 21.95 -63.79 -27.64
N GLU C 53 22.25 -63.56 -26.36
CA GLU C 53 23.43 -64.11 -25.68
C GLU C 53 23.06 -65.25 -24.71
N PRO C 54 23.86 -66.35 -24.68
CA PRO C 54 23.56 -67.45 -23.72
C PRO C 54 23.80 -67.15 -22.24
N ASN C 55 24.93 -66.49 -21.93
CA ASN C 55 25.44 -66.39 -20.56
C ASN C 55 25.43 -64.90 -20.16
N VAL C 56 24.41 -64.53 -19.36
CA VAL C 56 24.08 -63.13 -19.06
C VAL C 56 23.92 -62.95 -17.55
N LEU C 57 24.56 -61.90 -17.02
CA LEU C 57 24.35 -61.39 -15.67
C LEU C 57 23.97 -59.91 -15.74
N LEU C 58 22.90 -59.55 -15.04
CA LEU C 58 22.51 -58.17 -14.80
C LEU C 58 22.87 -57.82 -13.36
N LEU C 59 23.79 -56.86 -13.18
CA LEU C 59 24.35 -56.52 -11.88
C LEU C 59 24.12 -55.06 -11.57
N ASP C 60 23.90 -54.72 -10.30
CA ASP C 60 23.86 -53.31 -9.84
C ASP C 60 24.92 -53.09 -8.77
N ALA C 61 25.69 -52.02 -8.92
CA ALA C 61 26.77 -51.68 -7.99
C ALA C 61 26.38 -50.63 -6.93
N GLY C 62 25.11 -50.61 -6.50
CA GLY C 62 24.62 -49.74 -5.42
C GLY C 62 24.15 -48.36 -5.85
N ASP C 63 23.69 -47.60 -4.86
CA ASP C 63 23.13 -46.23 -5.02
C ASP C 63 21.88 -46.18 -5.93
N GLN C 64 21.01 -47.17 -5.78
CA GLN C 64 19.63 -47.15 -6.31
C GLN C 64 18.79 -46.17 -5.50
N TYR C 65 18.90 -46.29 -4.17
CA TYR C 65 18.32 -45.38 -3.21
C TYR C 65 18.71 -43.92 -3.45
N GLN C 66 17.70 -43.04 -3.40
CA GLN C 66 17.81 -41.60 -3.19
C GLN C 66 18.10 -40.83 -4.48
N GLY C 67 17.31 -39.79 -4.78
CA GLY C 67 17.50 -38.98 -5.97
C GLY C 67 16.29 -38.30 -6.59
N THR C 68 15.09 -38.86 -6.40
CA THR C 68 13.82 -38.29 -6.93
C THR C 68 12.65 -38.57 -5.97
N ILE C 69 11.51 -37.93 -6.26
CA ILE C 69 10.23 -38.18 -5.55
C ILE C 69 9.77 -39.66 -5.45
N TRP C 70 10.21 -40.50 -6.39
CA TRP C 70 10.02 -41.95 -6.31
C TRP C 70 10.48 -42.53 -4.98
N PHE C 71 11.72 -42.20 -4.61
CA PHE C 71 12.27 -42.62 -3.33
C PHE C 71 11.71 -41.83 -2.13
N THR C 72 11.36 -40.56 -2.32
CA THR C 72 10.66 -39.79 -1.27
C THR C 72 9.35 -40.46 -0.84
N VAL C 73 8.56 -40.91 -1.82
CA VAL C 73 7.25 -41.54 -1.55
C VAL C 73 7.38 -43.03 -1.18
N TYR C 74 8.00 -43.81 -2.07
CA TYR C 74 8.05 -45.28 -1.92
C TYR C 74 9.18 -45.86 -1.05
N LYS C 75 10.24 -45.07 -0.82
CA LYS C 75 11.27 -45.36 0.22
C LYS C 75 12.05 -46.67 0.06
N GLY C 76 12.25 -47.07 -1.20
CA GLY C 76 12.95 -48.32 -1.53
C GLY C 76 12.08 -49.46 -2.03
N ALA C 77 10.76 -49.43 -1.76
CA ALA C 77 9.82 -50.41 -2.31
C ALA C 77 9.78 -50.40 -3.85
N GLU C 78 9.88 -49.21 -4.45
CA GLU C 78 10.04 -49.04 -5.90
C GLU C 78 11.32 -49.66 -6.48
N VAL C 79 12.40 -49.63 -5.70
CA VAL C 79 13.68 -50.22 -6.10
C VAL C 79 13.51 -51.74 -6.16
N ALA C 80 13.06 -52.32 -5.03
CA ALA C 80 12.77 -53.75 -4.93
C ALA C 80 11.87 -54.25 -6.05
N HIS C 81 10.72 -53.58 -6.26
CA HIS C 81 9.74 -53.98 -7.26
C HIS C 81 10.29 -53.99 -8.69
N PHE C 82 10.88 -52.87 -9.11
CA PHE C 82 11.35 -52.71 -10.48
C PHE C 82 12.67 -53.42 -10.80
N MET C 83 13.55 -53.58 -9.82
CA MET C 83 14.74 -54.45 -9.96
C MET C 83 14.35 -55.93 -10.07
N ASN C 84 13.32 -56.35 -9.32
CA ASN C 84 12.69 -57.68 -9.49
C ASN C 84 12.06 -57.89 -10.88
N ALA C 85 11.41 -56.84 -11.41
CA ALA C 85 10.85 -56.88 -12.77
C ALA C 85 11.91 -56.99 -13.87
N LEU C 86 12.99 -56.23 -13.71
CA LEU C 86 14.18 -56.36 -14.58
C LEU C 86 14.97 -57.67 -14.41
N ARG C 87 14.80 -58.34 -13.27
CA ARG C 87 15.40 -59.63 -12.95
C ARG C 87 16.91 -59.47 -12.84
N TYR C 88 17.31 -58.57 -11.93
CA TYR C 88 18.73 -58.38 -11.59
C TYR C 88 19.23 -59.68 -10.94
N ASP C 89 20.44 -60.09 -11.33
CA ASP C 89 21.05 -61.32 -10.83
C ASP C 89 21.80 -61.08 -9.49
N ALA C 90 22.32 -59.88 -9.30
CA ALA C 90 22.84 -59.44 -7.99
C ALA C 90 22.89 -57.92 -7.88
N MET C 91 22.96 -57.47 -6.64
CA MET C 91 23.18 -56.06 -6.31
C MET C 91 24.22 -55.96 -5.20
N ALA C 92 25.12 -54.99 -5.31
CA ALA C 92 25.98 -54.60 -4.19
C ALA C 92 25.34 -53.44 -3.46
N LEU C 93 25.47 -53.43 -2.13
CA LEU C 93 24.98 -52.31 -1.31
C LEU C 93 25.87 -51.10 -1.51
N GLY C 94 25.25 -49.98 -1.87
CA GLY C 94 25.90 -48.67 -1.83
C GLY C 94 25.65 -47.95 -0.52
N ASN C 95 26.28 -46.80 -0.39
CA ASN C 95 26.19 -45.97 0.81
C ASN C 95 24.77 -45.40 1.04
N HIS C 96 24.12 -44.98 -0.06
CA HIS C 96 22.76 -44.43 0.01
C HIS C 96 21.65 -45.44 0.35
N GLU C 97 21.94 -46.74 0.22
CA GLU C 97 21.05 -47.79 0.74
C GLU C 97 20.84 -47.77 2.27
N PHE C 98 21.74 -47.12 3.02
CA PHE C 98 21.61 -46.91 4.48
C PHE C 98 21.07 -45.53 4.92
N ASP C 99 20.54 -44.74 3.98
CA ASP C 99 20.07 -43.37 4.27
C ASP C 99 18.86 -43.29 5.21
N ASN C 100 17.95 -44.26 5.11
CA ASN C 100 16.80 -44.37 6.02
C ASN C 100 17.05 -45.46 7.09
N GLY C 101 18.28 -45.51 7.61
CA GLY C 101 18.67 -46.51 8.60
C GLY C 101 18.78 -47.90 8.05
N VAL C 102 19.09 -48.83 8.96
CA VAL C 102 19.08 -50.26 8.69
C VAL C 102 17.64 -50.75 8.45
N GLU C 103 16.68 -50.23 9.22
CA GLU C 103 15.25 -50.54 9.02
C GLU C 103 14.70 -50.14 7.64
N GLY C 104 15.13 -48.98 7.14
CA GLY C 104 14.79 -48.52 5.77
C GLY C 104 15.48 -49.25 4.64
N LEU C 105 16.53 -50.02 4.95
CA LEU C 105 17.12 -51.00 4.03
C LEU C 105 16.41 -52.36 4.09
N ILE C 106 16.21 -52.88 5.31
CA ILE C 106 15.65 -54.23 5.53
C ILE C 106 14.25 -54.40 4.96
N GLU C 107 13.30 -53.61 5.47
CA GLU C 107 11.87 -53.82 5.19
C GLU C 107 11.44 -53.51 3.73
N PRO C 108 11.93 -52.38 3.16
CA PRO C 108 11.60 -52.11 1.75
C PRO C 108 12.40 -52.96 0.75
N LEU C 109 13.73 -52.96 0.86
CA LEU C 109 14.60 -53.56 -0.18
C LEU C 109 14.98 -55.02 0.08
N LEU C 110 15.61 -55.30 1.23
CA LEU C 110 16.23 -56.62 1.47
C LEU C 110 15.21 -57.77 1.55
N LYS C 111 14.11 -57.54 2.25
CA LYS C 111 13.03 -58.54 2.36
C LYS C 111 12.25 -58.74 1.07
N GLU C 112 12.00 -57.67 0.31
CA GLU C 112 11.19 -57.73 -0.94
C GLU C 112 11.97 -58.07 -2.21
N ALA C 113 13.30 -57.92 -2.21
CA ALA C 113 14.15 -58.33 -3.36
C ALA C 113 14.26 -59.84 -3.44
N LYS C 114 14.07 -60.40 -4.64
CA LYS C 114 14.28 -61.84 -4.91
C LYS C 114 15.57 -62.00 -5.73
N PHE C 115 16.61 -61.28 -5.30
CA PHE C 115 17.99 -61.44 -5.80
C PHE C 115 18.95 -61.20 -4.64
N PRO C 116 20.16 -61.82 -4.67
CA PRO C 116 21.15 -61.57 -3.61
C PRO C 116 21.62 -60.11 -3.59
N ILE C 117 21.65 -59.54 -2.39
CA ILE C 117 22.17 -58.19 -2.16
C ILE C 117 23.44 -58.38 -1.32
N LEU C 118 24.55 -57.79 -1.78
CA LEU C 118 25.89 -58.23 -1.39
C LEU C 118 26.78 -57.16 -0.74
N SER C 119 27.44 -57.54 0.36
CA SER C 119 28.59 -56.80 0.89
C SER C 119 29.42 -57.67 1.83
N ALA C 120 30.70 -57.85 1.50
CA ALA C 120 31.65 -58.68 2.27
C ALA C 120 32.28 -57.92 3.43
N ASN C 121 32.53 -56.62 3.23
CA ASN C 121 33.15 -55.76 4.25
C ASN C 121 32.21 -55.11 5.28
N ILE C 122 30.90 -55.40 5.22
CA ILE C 122 29.94 -54.98 6.25
C ILE C 122 29.72 -56.17 7.18
N LYS C 123 30.06 -56.00 8.47
CA LYS C 123 29.88 -57.04 9.51
C LYS C 123 28.96 -56.54 10.63
N ALA C 124 27.93 -57.33 10.94
CA ALA C 124 26.96 -56.99 12.00
C ALA C 124 27.54 -57.22 13.39
N LYS C 125 26.94 -56.55 14.38
CA LYS C 125 27.33 -56.64 15.80
C LYS C 125 26.09 -56.54 16.68
N GLY C 126 26.13 -57.19 17.85
CA GLY C 126 25.06 -57.10 18.84
C GLY C 126 23.72 -57.69 18.39
N PRO C 127 22.57 -57.10 18.84
CA PRO C 127 21.25 -57.68 18.53
C PRO C 127 20.76 -57.62 17.07
N LEU C 128 21.34 -56.73 16.27
CA LEU C 128 21.03 -56.63 14.83
C LEU C 128 21.42 -57.87 14.03
N ALA C 129 22.58 -58.44 14.35
CA ALA C 129 23.10 -59.70 13.76
C ALA C 129 22.06 -60.81 13.54
N SER C 130 21.18 -61.00 14.52
CA SER C 130 20.08 -61.98 14.42
C SER C 130 19.03 -61.59 13.37
N GLN C 131 18.51 -60.37 13.49
CA GLN C 131 17.49 -59.83 12.57
C GLN C 131 17.97 -59.69 11.11
N ILE C 132 19.25 -59.36 10.94
CA ILE C 132 19.82 -59.07 9.60
C ILE C 132 20.46 -60.26 8.86
N SER C 133 20.91 -61.31 9.57
CA SER C 133 21.65 -62.45 8.98
C SER C 133 20.93 -63.09 7.79
N GLY C 134 21.65 -63.23 6.67
CA GLY C 134 21.11 -63.77 5.43
C GLY C 134 20.34 -62.82 4.51
N LEU C 135 19.91 -61.66 5.03
CA LEU C 135 19.20 -60.65 4.22
C LEU C 135 20.16 -59.89 3.29
N TYR C 136 21.40 -59.69 3.76
CA TYR C 136 22.55 -59.41 2.87
C TYR C 136 23.65 -60.47 3.10
N LEU C 137 24.44 -60.72 2.06
CA LEU C 137 25.46 -61.79 2.03
C LEU C 137 26.85 -61.23 1.69
N PRO C 138 27.94 -61.92 2.10
CA PRO C 138 29.27 -61.55 1.57
C PRO C 138 29.42 -61.84 0.07
N TYR C 139 28.92 -62.99 -0.37
CA TYR C 139 28.95 -63.39 -1.78
C TYR C 139 27.70 -64.15 -2.18
N LYS C 140 27.58 -64.41 -3.48
CA LYS C 140 26.63 -65.39 -4.01
C LYS C 140 27.22 -66.13 -5.21
N VAL C 141 27.13 -67.46 -5.18
CA VAL C 141 27.46 -68.32 -6.33
C VAL C 141 26.18 -68.41 -7.15
N LEU C 142 26.27 -68.09 -8.44
CA LEU C 142 25.09 -68.00 -9.33
C LEU C 142 25.27 -68.85 -10.58
N PRO C 143 24.24 -69.65 -10.97
CA PRO C 143 24.33 -70.42 -12.21
C PRO C 143 24.16 -69.56 -13.45
N VAL C 144 25.10 -69.66 -14.38
CA VAL C 144 24.98 -69.05 -15.70
C VAL C 144 25.21 -70.19 -16.68
N GLY C 145 24.14 -70.62 -17.36
CA GLY C 145 24.14 -71.80 -18.23
C GLY C 145 24.58 -73.05 -17.47
N ASP C 146 25.52 -73.78 -18.03
CA ASP C 146 26.15 -74.93 -17.37
C ASP C 146 27.12 -74.51 -16.24
N GLU C 147 27.79 -73.37 -16.42
CA GLU C 147 28.80 -72.88 -15.48
C GLU C 147 28.19 -72.20 -14.24
N VAL C 148 29.06 -71.86 -13.29
CA VAL C 148 28.76 -71.00 -12.13
C VAL C 148 29.69 -69.78 -12.10
N VAL C 149 29.19 -68.66 -11.57
CA VAL C 149 29.94 -67.40 -11.42
C VAL C 149 29.74 -66.89 -10.00
N GLY C 150 30.85 -66.68 -9.29
CA GLY C 150 30.83 -66.13 -7.93
C GLY C 150 30.78 -64.61 -8.00
N ILE C 151 29.93 -64.00 -7.17
CA ILE C 151 29.79 -62.55 -7.12
C ILE C 151 30.05 -62.13 -5.67
N VAL C 152 31.15 -61.42 -5.43
CA VAL C 152 31.56 -60.97 -4.11
C VAL C 152 31.28 -59.45 -3.98
N GLY C 153 30.63 -59.07 -2.88
CA GLY C 153 30.16 -57.70 -2.66
C GLY C 153 31.14 -56.83 -1.90
N TYR C 154 31.06 -55.50 -2.10
CA TYR C 154 31.75 -54.53 -1.23
C TYR C 154 31.09 -53.14 -1.24
N THR C 155 31.34 -52.37 -0.18
CA THR C 155 30.69 -51.06 0.07
C THR C 155 31.70 -50.11 0.73
N SER C 156 31.56 -48.81 0.43
CA SER C 156 32.53 -47.78 0.83
C SER C 156 32.75 -47.72 2.33
N LYS C 157 34.03 -47.64 2.73
CA LYS C 157 34.43 -47.29 4.11
C LYS C 157 33.88 -45.92 4.58
N GLU C 158 33.70 -44.98 3.64
CA GLU C 158 33.13 -43.65 3.94
C GLU C 158 31.62 -43.61 4.29
N THR C 159 30.89 -44.72 4.08
CA THR C 159 29.43 -44.82 4.35
C THR C 159 28.93 -44.21 5.67
N PRO C 160 29.61 -44.43 6.82
CA PRO C 160 29.19 -43.77 8.07
C PRO C 160 29.34 -42.24 8.10
N PHE C 161 30.26 -41.69 7.31
CA PHE C 161 30.40 -40.22 7.13
C PHE C 161 29.33 -39.62 6.18
N LEU C 162 28.75 -40.48 5.32
CA LEU C 162 27.71 -40.10 4.36
C LEU C 162 26.27 -40.63 4.62
N SER C 163 26.09 -41.50 5.60
CA SER C 163 24.79 -42.24 5.79
C SER C 163 24.50 -42.61 7.25
N ASN C 164 23.41 -43.35 7.49
CA ASN C 164 23.04 -43.89 8.81
C ASN C 164 22.99 -45.42 8.83
N PRO C 165 24.16 -46.08 8.73
CA PRO C 165 24.19 -47.51 9.07
C PRO C 165 24.07 -47.79 10.58
N GLY C 166 24.50 -46.86 11.43
CA GLY C 166 24.50 -47.05 12.90
C GLY C 166 25.73 -47.80 13.40
N THR C 167 25.89 -47.82 14.73
CA THR C 167 27.07 -48.43 15.37
C THR C 167 27.14 -49.97 15.32
N ASN C 168 25.98 -50.63 15.16
CA ASN C 168 25.90 -52.12 15.09
C ASN C 168 26.35 -52.78 13.75
N LEU C 169 26.66 -51.98 12.73
CA LEU C 169 27.40 -52.44 11.54
C LEU C 169 28.80 -51.82 11.54
N VAL C 170 29.79 -52.65 11.21
CA VAL C 170 31.20 -52.22 11.05
C VAL C 170 31.56 -52.36 9.56
N PHE C 171 32.17 -51.31 9.01
CA PHE C 171 32.62 -51.26 7.61
C PHE C 171 34.13 -51.49 7.54
N GLU C 172 34.50 -52.74 7.28
CA GLU C 172 35.89 -53.17 7.20
C GLU C 172 36.57 -52.65 5.94
N ASP C 173 37.90 -52.78 5.91
CA ASP C 173 38.68 -52.54 4.70
C ASP C 173 38.26 -53.56 3.64
N GLU C 174 38.14 -53.10 2.39
CA GLU C 174 37.59 -53.89 1.30
C GLU C 174 38.49 -55.07 0.98
N ILE C 175 39.78 -54.76 0.75
CA ILE C 175 40.79 -55.77 0.41
C ILE C 175 40.96 -56.82 1.52
N THR C 176 40.94 -56.38 2.78
CA THR C 176 41.01 -57.28 3.95
C THR C 176 39.80 -58.23 4.00
N ALA C 177 38.60 -57.68 3.83
CA ALA C 177 37.35 -58.46 3.90
C ALA C 177 37.10 -59.35 2.68
N LEU C 178 37.44 -58.86 1.49
CA LEU C 178 37.20 -59.58 0.23
C LEU C 178 38.04 -60.84 0.05
N GLN C 179 39.31 -60.80 0.49
CA GLN C 179 40.27 -61.87 0.21
C GLN C 179 39.90 -63.26 0.79
N PRO C 180 39.50 -63.35 2.09
CA PRO C 180 38.94 -64.61 2.64
C PRO C 180 37.70 -65.15 1.90
N GLU C 181 36.83 -64.25 1.44
CA GLU C 181 35.58 -64.62 0.75
C GLU C 181 35.85 -65.12 -0.67
N VAL C 182 36.81 -64.51 -1.36
CA VAL C 182 37.27 -64.96 -2.69
C VAL C 182 38.02 -66.30 -2.60
N ASP C 183 38.85 -66.47 -1.56
CA ASP C 183 39.48 -67.77 -1.24
C ASP C 183 38.41 -68.87 -1.01
N LYS C 184 37.38 -68.54 -0.23
CA LYS C 184 36.25 -69.43 0.06
C LYS C 184 35.48 -69.86 -1.21
N LEU C 185 35.34 -68.96 -2.17
CA LEU C 185 34.77 -69.29 -3.50
C LEU C 185 35.64 -70.29 -4.30
N LYS C 186 36.96 -70.16 -4.20
CA LYS C 186 37.91 -71.12 -4.80
C LYS C 186 37.77 -72.53 -4.21
N THR C 187 37.57 -72.63 -2.88
CA THR C 187 37.31 -73.92 -2.21
C THR C 187 35.94 -74.55 -2.57
N LEU C 188 34.99 -73.75 -3.06
CA LEU C 188 33.71 -74.22 -3.62
C LEU C 188 33.69 -74.45 -5.16
N ASN C 189 34.85 -74.62 -5.78
N ASN C 189 34.85 -74.64 -5.79
CA ASN C 189 35.01 -74.88 -7.23
CA ASN C 189 35.00 -74.86 -7.24
C ASN C 189 34.39 -73.77 -8.12
C ASN C 189 34.40 -73.77 -8.13
N VAL C 190 34.53 -72.52 -7.68
CA VAL C 190 34.10 -71.34 -8.44
C VAL C 190 35.42 -70.72 -8.87
N ASN C 191 35.67 -70.77 -10.18
CA ASN C 191 36.85 -70.20 -10.82
C ASN C 191 36.61 -68.86 -11.57
N LYS C 192 35.34 -68.52 -11.82
CA LYS C 192 34.92 -67.24 -12.41
C LYS C 192 34.33 -66.37 -11.30
N ILE C 193 35.01 -65.27 -10.97
CA ILE C 193 34.69 -64.43 -9.80
C ILE C 193 34.59 -62.95 -10.22
N ILE C 194 33.40 -62.36 -10.06
CA ILE C 194 33.17 -60.92 -10.23
C ILE C 194 33.17 -60.25 -8.86
N ALA C 195 33.86 -59.12 -8.73
CA ALA C 195 33.78 -58.24 -7.57
C ALA C 195 32.83 -57.10 -7.94
N LEU C 196 31.64 -57.10 -7.34
CA LEU C 196 30.61 -56.07 -7.55
C LEU C 196 30.55 -55.21 -6.31
N GLY C 197 30.72 -53.89 -6.45
CA GLY C 197 30.66 -53.03 -5.28
C GLY C 197 30.72 -51.53 -5.47
N HIS C 198 30.76 -50.83 -4.34
CA HIS C 198 30.45 -49.42 -4.25
C HIS C 198 31.43 -48.64 -3.36
N SER C 199 32.65 -48.47 -3.87
CA SER C 199 33.71 -47.68 -3.22
C SER C 199 34.47 -46.66 -4.08
N GLY C 200 34.12 -46.56 -5.37
CA GLY C 200 34.81 -45.66 -6.30
C GLY C 200 35.87 -46.35 -7.15
N PHE C 201 36.20 -45.70 -8.25
CA PHE C 201 37.11 -46.21 -9.28
C PHE C 201 38.53 -46.51 -8.78
N GLU C 202 39.04 -45.69 -7.86
CA GLU C 202 40.37 -45.92 -7.27
C GLU C 202 40.43 -47.17 -6.42
N MET C 203 39.41 -47.37 -5.58
CA MET C 203 39.28 -48.62 -4.80
C MET C 203 38.97 -49.84 -5.69
N ASP C 204 38.25 -49.64 -6.80
CA ASP C 204 38.02 -50.71 -7.79
C ASP C 204 39.35 -51.21 -8.37
N LYS C 205 40.18 -50.27 -8.78
CA LYS C 205 41.54 -50.55 -9.27
C LYS C 205 42.45 -51.21 -8.22
N LEU C 206 42.33 -50.77 -6.97
CA LEU C 206 43.06 -51.40 -5.84
C LEU C 206 42.59 -52.83 -5.54
N ILE C 207 41.28 -53.08 -5.63
CA ILE C 207 40.70 -54.44 -5.51
C ILE C 207 41.21 -55.36 -6.62
N ALA C 208 41.14 -54.86 -7.87
CA ALA C 208 41.70 -55.54 -9.05
C ALA C 208 43.18 -55.91 -8.91
N GLN C 209 43.95 -54.99 -8.32
CA GLN C 209 45.38 -55.18 -8.11
C GLN C 209 45.69 -56.20 -7.00
N LYS C 210 45.01 -56.08 -5.86
CA LYS C 210 45.39 -56.72 -4.60
C LYS C 210 44.65 -58.02 -4.25
N VAL C 211 43.37 -58.12 -4.61
CA VAL C 211 42.55 -59.29 -4.25
C VAL C 211 42.80 -60.37 -5.30
N ARG C 212 43.53 -61.42 -4.91
CA ARG C 212 43.84 -62.57 -5.80
C ARG C 212 42.58 -63.42 -5.99
N GLY C 213 42.39 -63.90 -7.23
CA GLY C 213 41.17 -64.61 -7.65
C GLY C 213 40.09 -63.81 -8.34
N VAL C 214 40.08 -62.48 -8.17
CA VAL C 214 39.10 -61.60 -8.80
C VAL C 214 39.42 -61.46 -10.29
N ASP C 215 38.46 -61.84 -11.13
CA ASP C 215 38.60 -61.79 -12.59
C ASP C 215 38.14 -60.45 -13.18
N VAL C 216 37.06 -59.87 -12.62
CA VAL C 216 36.47 -58.60 -13.09
C VAL C 216 36.02 -57.79 -11.87
N VAL C 217 36.17 -56.47 -11.97
CA VAL C 217 35.63 -55.51 -10.99
C VAL C 217 34.53 -54.68 -11.68
N VAL C 218 33.33 -54.66 -11.09
CA VAL C 218 32.21 -53.82 -11.53
C VAL C 218 31.92 -52.87 -10.39
N GLY C 219 31.96 -51.56 -10.70
CA GLY C 219 32.05 -50.51 -9.69
C GLY C 219 30.96 -49.45 -9.74
N GLY C 220 31.00 -48.57 -8.75
CA GLY C 220 30.10 -47.42 -8.65
C GLY C 220 30.69 -46.30 -7.80
N HIS C 221 29.81 -45.43 -7.30
CA HIS C 221 30.10 -44.35 -6.32
C HIS C 221 30.81 -43.13 -6.92
N SER C 222 31.89 -43.33 -7.68
CA SER C 222 32.62 -42.22 -8.33
C SER C 222 32.02 -41.73 -9.66
N ASN C 223 30.92 -42.33 -10.12
CA ASN C 223 30.17 -41.89 -11.32
C ASN C 223 31.06 -41.89 -12.56
N THR C 224 31.90 -42.93 -12.65
CA THR C 224 32.99 -42.96 -13.62
C THR C 224 32.40 -43.43 -14.95
N PHE C 225 32.62 -42.62 -15.99
CA PHE C 225 32.34 -43.00 -17.36
C PHE C 225 33.64 -43.49 -17.96
N LEU C 226 33.60 -44.69 -18.55
CA LEU C 226 34.71 -45.27 -19.29
C LEU C 226 34.18 -45.60 -20.68
N TYR C 227 35.01 -45.37 -21.71
CA TYR C 227 34.61 -45.60 -23.11
C TYR C 227 35.83 -45.85 -24.01
N THR C 228 35.66 -46.79 -24.94
CA THR C 228 36.61 -47.09 -26.00
C THR C 228 35.95 -46.62 -27.29
N GLY C 229 36.59 -45.65 -27.96
CA GLY C 229 36.09 -45.06 -29.22
C GLY C 229 35.43 -43.71 -29.00
N ASN C 230 34.63 -43.29 -29.98
CA ASN C 230 33.96 -41.97 -29.96
C ASN C 230 32.75 -42.01 -29.00
N PRO C 231 32.74 -41.17 -27.94
CA PRO C 231 31.65 -41.24 -26.96
C PRO C 231 30.32 -40.68 -27.52
N PRO C 232 29.16 -41.33 -27.23
CA PRO C 232 27.89 -40.95 -27.88
C PRO C 232 27.08 -39.79 -27.22
N SER C 233 27.61 -39.13 -26.19
CA SER C 233 26.89 -38.06 -25.47
C SER C 233 27.87 -37.08 -24.75
N LYS C 234 27.36 -36.26 -23.82
CA LYS C 234 28.17 -35.20 -23.16
C LYS C 234 29.31 -35.64 -22.23
N GLU C 235 29.34 -36.91 -21.82
CA GLU C 235 30.28 -37.37 -20.79
C GLU C 235 31.68 -37.56 -21.38
N VAL C 236 32.69 -37.09 -20.64
CA VAL C 236 34.11 -37.26 -20.99
C VAL C 236 34.60 -38.53 -20.27
N PRO C 237 35.20 -39.50 -21.00
CA PRO C 237 35.71 -40.70 -20.32
C PRO C 237 36.95 -40.47 -19.45
N ALA C 238 36.97 -41.07 -18.25
CA ALA C 238 38.19 -41.17 -17.41
C ALA C 238 39.17 -42.30 -17.83
N GLY C 239 38.79 -43.12 -18.81
CA GLY C 239 39.70 -44.08 -19.44
C GLY C 239 38.96 -44.96 -20.44
N LYS C 240 39.68 -45.97 -20.93
CA LYS C 240 39.09 -46.96 -21.85
C LYS C 240 38.11 -47.90 -21.11
N TYR C 241 37.13 -48.46 -21.84
CA TYR C 241 36.19 -49.48 -21.31
C TYR C 241 36.56 -50.84 -21.92
N PRO C 242 36.94 -51.84 -21.12
CA PRO C 242 37.20 -51.75 -19.68
C PRO C 242 38.55 -51.11 -19.42
N PHE C 243 38.78 -50.62 -18.20
CA PHE C 243 40.11 -50.21 -17.75
C PHE C 243 40.86 -51.45 -17.29
N ILE C 244 42.04 -51.69 -17.86
CA ILE C 244 42.85 -52.88 -17.59
C ILE C 244 43.83 -52.56 -16.46
N VAL C 245 43.64 -53.20 -15.31
CA VAL C 245 44.58 -53.18 -14.19
C VAL C 245 45.43 -54.46 -14.29
N THR C 246 46.75 -54.31 -14.17
CA THR C 246 47.67 -55.43 -14.04
C THR C 246 47.82 -55.72 -12.55
N SER C 247 47.42 -56.91 -12.11
CA SER C 247 47.50 -57.31 -10.71
C SER C 247 48.93 -57.60 -10.24
N ASP C 248 49.08 -57.71 -8.91
CA ASP C 248 50.37 -58.05 -8.27
C ASP C 248 50.89 -59.47 -8.61
N ASP C 249 49.99 -60.38 -8.97
CA ASP C 249 50.35 -61.72 -9.50
C ASP C 249 50.24 -61.84 -11.05
N GLY C 250 50.44 -60.72 -11.78
CA GLY C 250 50.61 -60.73 -13.23
C GLY C 250 49.40 -60.75 -14.16
N ARG C 251 48.18 -60.88 -13.61
CA ARG C 251 46.96 -61.04 -14.41
C ARG C 251 46.37 -59.70 -14.85
N LYS C 252 45.76 -59.69 -16.04
CA LYS C 252 45.05 -58.51 -16.57
C LYS C 252 43.58 -58.59 -16.15
N VAL C 253 43.18 -57.71 -15.24
CA VAL C 253 41.87 -57.68 -14.60
C VAL C 253 41.09 -56.44 -15.12
N PRO C 254 40.03 -56.64 -15.95
CA PRO C 254 39.22 -55.49 -16.37
C PRO C 254 38.40 -54.88 -15.23
N VAL C 255 38.33 -53.56 -15.19
CA VAL C 255 37.56 -52.77 -14.22
C VAL C 255 36.58 -51.93 -15.02
N VAL C 256 35.31 -51.93 -14.61
CA VAL C 256 34.25 -51.20 -15.30
C VAL C 256 33.33 -50.42 -14.35
N GLN C 257 32.73 -49.38 -14.92
CA GLN C 257 31.69 -48.56 -14.29
C GLN C 257 30.82 -48.02 -15.43
N ALA C 258 29.59 -47.58 -15.13
CA ALA C 258 28.60 -47.18 -16.17
C ALA C 258 27.97 -45.82 -15.88
N TYR C 259 28.84 -44.85 -15.59
CA TYR C 259 28.46 -43.46 -15.25
C TYR C 259 27.46 -43.42 -14.09
N ALA C 260 26.18 -43.12 -14.36
CA ALA C 260 25.20 -42.79 -13.31
C ALA C 260 23.82 -42.60 -13.89
N PHE C 261 22.83 -42.55 -13.00
CA PHE C 261 21.44 -42.15 -13.31
C PHE C 261 20.66 -43.06 -14.29
N GLY C 262 21.13 -44.31 -14.48
CA GLY C 262 20.57 -45.24 -15.47
C GLY C 262 20.58 -44.76 -16.92
N LYS C 263 21.53 -43.87 -17.26
CA LYS C 263 21.64 -43.29 -18.61
C LYS C 263 22.22 -44.30 -19.58
N TYR C 264 23.26 -45.00 -19.13
CA TYR C 264 23.89 -46.09 -19.84
C TYR C 264 23.63 -47.42 -19.12
N LEU C 265 23.60 -48.48 -19.92
CA LEU C 265 23.74 -49.86 -19.46
C LEU C 265 25.14 -50.30 -19.83
N GLY C 266 25.94 -50.67 -18.83
CA GLY C 266 27.24 -51.29 -19.05
C GLY C 266 27.09 -52.64 -19.73
N TYR C 267 28.05 -52.99 -20.57
CA TYR C 267 28.02 -54.22 -21.41
C TYR C 267 29.46 -54.65 -21.65
N LEU C 268 29.92 -55.66 -20.89
CA LEU C 268 31.28 -56.22 -21.01
C LEU C 268 31.16 -57.72 -21.29
N LYS C 269 31.81 -58.16 -22.37
CA LYS C 269 31.92 -59.56 -22.73
C LYS C 269 33.30 -60.08 -22.35
N ILE C 270 33.35 -61.06 -21.44
CA ILE C 270 34.61 -61.66 -20.96
C ILE C 270 34.68 -63.08 -21.49
N GLU C 271 35.74 -63.39 -22.24
CA GLU C 271 36.00 -64.75 -22.71
C GLU C 271 36.91 -65.44 -21.69
N PHE C 272 36.36 -66.46 -21.02
CA PHE C 272 37.09 -67.29 -20.04
C PHE C 272 37.57 -68.59 -20.69
N ASP C 273 38.68 -69.15 -20.17
CA ASP C 273 39.07 -70.53 -20.45
C ASP C 273 38.38 -71.50 -19.47
N GLU C 274 38.62 -72.79 -19.64
CA GLU C 274 38.04 -73.84 -18.78
C GLU C 274 38.36 -73.76 -17.27
N ARG C 275 39.52 -73.20 -16.93
CA ARG C 275 39.92 -72.95 -15.53
C ARG C 275 39.55 -71.53 -15.00
N GLY C 276 38.70 -70.79 -15.72
CA GLY C 276 38.25 -69.46 -15.28
C GLY C 276 39.29 -68.34 -15.29
N ASN C 277 40.33 -68.48 -16.13
CA ASN C 277 41.27 -67.37 -16.42
C ASN C 277 40.68 -66.54 -17.55
N VAL C 278 40.81 -65.21 -17.43
CA VAL C 278 40.30 -64.28 -18.44
C VAL C 278 41.27 -64.30 -19.62
N ILE C 279 40.80 -64.76 -20.77
CA ILE C 279 41.58 -64.73 -22.02
C ILE C 279 41.56 -63.30 -22.57
N SER C 280 40.36 -62.78 -22.79
CA SER C 280 40.15 -61.42 -23.31
C SER C 280 38.85 -60.81 -22.79
N SER C 281 38.65 -59.52 -23.10
CA SER C 281 37.40 -58.83 -22.82
C SER C 281 37.20 -57.62 -23.73
N HIS C 282 35.94 -57.34 -24.05
CA HIS C 282 35.57 -56.18 -24.86
C HIS C 282 34.13 -55.72 -24.61
N GLY C 283 33.85 -54.51 -25.11
CA GLY C 283 32.52 -53.92 -25.08
C GLY C 283 32.56 -52.42 -24.83
N ASN C 284 31.39 -51.89 -24.50
CA ASN C 284 31.20 -50.47 -24.18
C ASN C 284 29.87 -50.27 -23.45
N PRO C 285 29.72 -49.17 -22.68
CA PRO C 285 28.40 -48.86 -22.14
C PRO C 285 27.46 -48.45 -23.26
N ILE C 286 26.27 -49.05 -23.30
CA ILE C 286 25.27 -48.79 -24.33
C ILE C 286 24.45 -47.60 -23.86
N LEU C 287 24.41 -46.53 -24.63
CA LEU C 287 23.61 -45.34 -24.31
C LEU C 287 22.15 -45.67 -24.50
N LEU C 288 21.34 -45.46 -23.46
CA LEU C 288 19.90 -45.74 -23.49
C LEU C 288 19.12 -44.50 -23.96
N ASN C 289 19.33 -44.12 -25.24
CA ASN C 289 18.62 -43.00 -25.90
C ASN C 289 17.25 -43.44 -26.42
N SER C 290 16.48 -42.50 -26.96
CA SER C 290 15.11 -42.75 -27.45
C SER C 290 14.96 -43.78 -28.59
N SER C 291 16.05 -44.06 -29.34
CA SER C 291 16.12 -45.16 -30.32
C SER C 291 15.69 -46.53 -29.78
N ILE C 292 16.03 -46.81 -28.51
CA ILE C 292 15.58 -48.00 -27.80
C ILE C 292 14.20 -47.69 -27.20
N PRO C 293 13.16 -48.46 -27.57
CA PRO C 293 11.82 -48.16 -27.05
C PRO C 293 11.60 -48.65 -25.61
N GLU C 294 10.74 -47.92 -24.89
CA GLU C 294 10.30 -48.33 -23.55
C GLU C 294 9.37 -49.54 -23.67
N ASP C 295 9.56 -50.52 -22.78
CA ASP C 295 8.72 -51.71 -22.72
C ASP C 295 7.31 -51.30 -22.27
N PRO C 296 6.27 -51.64 -23.08
CA PRO C 296 4.88 -51.29 -22.74
C PRO C 296 4.38 -51.74 -21.36
N SER C 297 4.69 -52.98 -20.98
CA SER C 297 4.21 -53.56 -19.71
C SER C 297 4.88 -52.93 -18.48
N ILE C 298 6.18 -52.67 -18.57
CA ILE C 298 6.94 -51.97 -17.52
C ILE C 298 6.52 -50.49 -17.45
N LYS C 299 6.41 -49.83 -18.61
CA LYS C 299 5.95 -48.43 -18.68
C LYS C 299 4.55 -48.23 -18.08
N ALA C 300 3.63 -49.14 -18.42
CA ALA C 300 2.28 -49.16 -17.86
C ALA C 300 2.27 -49.35 -16.33
N ASP C 301 3.17 -50.21 -15.86
CA ASP C 301 3.40 -50.43 -14.42
C ASP C 301 4.05 -49.21 -13.74
N ILE C 302 5.01 -48.56 -14.40
CA ILE C 302 5.58 -47.28 -13.94
C ILE C 302 4.49 -46.20 -13.85
N ASN C 303 3.68 -46.08 -14.90
CA ASN C 303 2.57 -45.11 -14.95
C ASN C 303 1.50 -45.35 -13.86
N LYS C 304 1.32 -46.61 -13.45
CA LYS C 304 0.44 -46.98 -12.32
C LYS C 304 0.98 -46.45 -10.98
N TRP C 305 2.26 -46.73 -10.72
CA TRP C 305 2.98 -46.21 -9.54
C TRP C 305 3.18 -44.68 -9.58
N ARG C 306 3.23 -44.11 -10.79
CA ARG C 306 3.33 -42.66 -11.00
C ARG C 306 2.18 -41.79 -10.46
N ILE C 307 0.95 -42.33 -10.39
CA ILE C 307 -0.25 -41.55 -10.02
C ILE C 307 -0.15 -40.89 -8.64
N LYS C 308 0.36 -41.63 -7.66
CA LYS C 308 0.65 -41.10 -6.30
C LYS C 308 1.63 -39.91 -6.31
N LEU C 309 2.62 -39.98 -7.20
CA LEU C 309 3.65 -38.94 -7.34
C LEU C 309 3.18 -37.64 -8.02
N ASP C 310 2.08 -37.68 -8.78
CA ASP C 310 1.62 -36.49 -9.53
C ASP C 310 1.13 -35.29 -8.71
N ASP C 311 0.87 -35.50 -7.41
CA ASP C 311 0.69 -34.38 -6.45
C ASP C 311 1.90 -33.42 -6.35
N TYR C 312 3.09 -33.96 -6.49
CA TYR C 312 4.37 -33.27 -6.40
C TYR C 312 4.83 -32.53 -7.68
N SER C 313 4.14 -32.78 -8.80
CA SER C 313 4.47 -32.20 -10.12
C SER C 313 3.53 -31.10 -10.67
N THR C 314 2.36 -30.90 -10.03
CA THR C 314 1.28 -30.13 -10.64
C THR C 314 1.53 -28.61 -10.54
N GLN C 315 1.75 -28.10 -9.33
CA GLN C 315 1.85 -26.65 -9.10
C GLN C 315 3.19 -26.10 -9.52
N GLU C 316 3.17 -25.04 -10.33
CA GLU C 316 4.37 -24.27 -10.66
C GLU C 316 4.73 -23.42 -9.44
N LEU C 317 5.95 -23.62 -8.90
CA LEU C 317 6.47 -22.78 -7.82
C LEU C 317 6.95 -21.44 -8.39
N GLY C 318 7.68 -21.50 -9.51
CA GLY C 318 8.12 -20.29 -10.21
C GLY C 318 8.82 -20.59 -11.52
N LYS C 319 9.45 -19.56 -12.09
CA LYS C 319 10.19 -19.62 -13.35
C LYS C 319 11.69 -19.43 -13.08
N THR C 320 12.52 -20.00 -13.96
CA THR C 320 13.94 -19.59 -14.09
C THR C 320 14.20 -19.21 -15.55
N ILE C 321 14.93 -18.12 -15.76
CA ILE C 321 15.36 -17.68 -17.10
C ILE C 321 16.84 -18.03 -17.39
N VAL C 322 17.45 -18.83 -16.50
CA VAL C 322 18.81 -19.34 -16.64
C VAL C 322 18.82 -20.85 -16.36
N TYR C 323 19.79 -21.55 -16.95
CA TYR C 323 20.09 -22.92 -16.56
C TYR C 323 20.60 -22.93 -15.14
N LEU C 324 19.90 -23.64 -14.25
CA LEU C 324 20.33 -23.81 -12.88
C LEU C 324 21.32 -24.97 -12.85
N ASP C 325 22.61 -24.61 -12.94
CA ASP C 325 23.71 -25.57 -13.02
C ASP C 325 23.94 -26.20 -11.65
N GLY C 326 23.23 -27.30 -11.43
CA GLY C 326 23.40 -28.18 -10.26
C GLY C 326 24.14 -29.47 -10.60
N SER C 327 25.04 -29.42 -11.59
CA SER C 327 25.82 -30.58 -12.00
C SER C 327 26.99 -30.76 -11.04
N SER C 328 27.40 -32.01 -10.84
CA SER C 328 28.58 -32.35 -10.05
C SER C 328 29.88 -31.79 -10.64
N GLN C 329 29.98 -31.77 -11.97
CA GLN C 329 31.18 -31.25 -12.68
C GLN C 329 31.44 -29.77 -12.40
N SER C 330 30.36 -29.02 -12.20
CA SER C 330 30.43 -27.61 -11.78
C SER C 330 30.54 -27.49 -10.26
N CYS C 331 29.52 -27.96 -9.55
CA CYS C 331 29.35 -27.69 -8.12
C CYS C 331 30.37 -28.33 -7.17
N ARG C 332 31.10 -29.35 -7.61
CA ARG C 332 32.21 -29.94 -6.83
C ARG C 332 33.60 -29.39 -7.17
N PHE C 333 33.71 -28.60 -8.25
CA PHE C 333 34.97 -28.01 -8.72
C PHE C 333 35.05 -26.47 -8.69
N ARG C 334 33.91 -25.79 -8.72
CA ARG C 334 33.87 -24.33 -8.81
C ARG C 334 32.54 -23.78 -8.35
N GLU C 335 32.47 -22.45 -8.30
CA GLU C 335 31.23 -21.75 -8.05
C GLU C 335 30.19 -22.13 -9.11
N CYS C 336 29.03 -22.60 -8.65
CA CYS C 336 27.90 -22.91 -9.52
C CYS C 336 26.68 -22.11 -9.06
N ASN C 337 25.88 -21.68 -10.03
CA ASN C 337 24.73 -20.79 -9.76
C ASN C 337 23.58 -21.46 -9.00
N MET C 338 23.43 -22.77 -9.12
CA MET C 338 22.53 -23.55 -8.25
C MET C 338 22.93 -23.45 -6.79
N GLY C 339 24.24 -23.55 -6.52
CA GLY C 339 24.80 -23.36 -5.17
C GLY C 339 24.53 -21.97 -4.59
N ASN C 340 24.69 -20.94 -5.43
CA ASN C 340 24.38 -19.56 -5.04
C ASN C 340 22.90 -19.37 -4.73
N LEU C 341 22.02 -19.92 -5.58
CA LEU C 341 20.57 -19.91 -5.38
C LEU C 341 20.16 -20.49 -4.03
N ILE C 342 20.67 -21.68 -3.74
CA ILE C 342 20.33 -22.42 -2.52
C ILE C 342 20.81 -21.66 -1.28
N CYS C 343 22.01 -21.08 -1.33
CA CYS C 343 22.52 -20.25 -0.23
C CYS C 343 21.79 -18.93 -0.04
N ASP C 344 21.42 -18.30 -1.15
CA ASP C 344 20.56 -17.11 -1.12
C ASP C 344 19.18 -17.39 -0.53
N ALA C 345 18.60 -18.53 -0.91
CA ALA C 345 17.37 -19.02 -0.29
C ALA C 345 17.51 -19.28 1.21
N MET C 346 18.63 -19.90 1.60
CA MET C 346 18.96 -20.15 3.01
C MET C 346 19.04 -18.89 3.86
N ILE C 347 19.69 -17.85 3.34
CA ILE C 347 19.81 -16.57 4.05
C ILE C 347 18.45 -15.84 4.07
N ASN C 348 17.78 -15.77 2.92
CA ASN C 348 16.48 -15.07 2.78
C ASN C 348 15.38 -15.62 3.70
N ASN C 349 15.39 -16.94 3.90
CA ASN C 349 14.44 -17.61 4.81
C ASN C 349 14.58 -17.20 6.28
N ASN C 350 15.81 -16.84 6.71
CA ASN C 350 16.06 -16.33 8.09
C ASN C 350 15.97 -14.83 8.33
N LEU C 351 16.01 -14.06 7.26
CA LEU C 351 15.63 -12.65 7.30
C LEU C 351 14.11 -12.48 7.28
N ARG C 352 13.37 -13.50 6.85
CA ARG C 352 11.93 -13.63 7.18
C ARG C 352 11.56 -14.06 8.60
N HIS C 353 12.36 -14.89 9.30
CA HIS C 353 12.16 -15.18 10.72
C HIS C 353 12.66 -13.98 11.56
N THR C 354 11.75 -13.03 11.79
CA THR C 354 11.99 -11.84 12.63
C THR C 354 11.66 -12.07 14.12
N ASP C 355 10.56 -12.79 14.40
CA ASP C 355 10.19 -13.25 15.74
C ASP C 355 11.33 -13.96 16.49
N GLU C 356 11.96 -14.94 15.82
CA GLU C 356 13.13 -15.66 16.39
C GLU C 356 14.38 -14.78 16.46
N MET C 357 14.91 -14.65 17.67
CA MET C 357 15.76 -13.51 18.02
C MET C 357 17.22 -13.71 17.61
N PHE C 358 17.79 -14.90 17.86
CA PHE C 358 19.27 -15.13 17.76
C PHE C 358 19.89 -15.20 16.35
N TRP C 359 19.06 -15.34 15.32
CA TRP C 359 19.51 -15.62 13.95
C TRP C 359 18.98 -14.57 12.95
N ASN C 360 18.88 -13.32 13.37
CA ASN C 360 18.31 -12.23 12.53
C ASN C 360 19.32 -11.61 11.56
N HIS C 361 20.55 -11.39 12.05
CA HIS C 361 21.66 -11.01 11.21
C HIS C 361 22.50 -12.29 11.16
N VAL C 362 22.07 -13.17 10.25
CA VAL C 362 22.89 -14.25 9.71
C VAL C 362 23.14 -13.83 8.25
N SER C 363 24.41 -13.58 7.91
CA SER C 363 24.81 -13.17 6.57
C SER C 363 25.43 -14.28 5.75
N MET C 364 25.82 -15.40 6.38
CA MET C 364 26.79 -16.34 5.81
C MET C 364 26.18 -17.73 5.64
N CYS C 365 26.55 -18.37 4.53
CA CYS C 365 26.05 -19.70 4.16
C CYS C 365 27.19 -20.55 3.62
N ILE C 366 27.21 -21.82 4.01
CA ILE C 366 28.04 -22.85 3.34
C ILE C 366 27.16 -24.05 2.99
N LEU C 367 27.48 -24.69 1.87
CA LEU C 367 26.67 -25.77 1.30
C LEU C 367 27.62 -26.71 0.56
N ASN C 368 27.70 -27.96 1.01
CA ASN C 368 28.53 -28.97 0.34
C ASN C 368 27.98 -29.22 -1.07
N GLY C 369 28.86 -29.08 -2.07
CA GLY C 369 28.52 -29.21 -3.48
C GLY C 369 27.94 -30.55 -3.90
N GLY C 370 28.40 -31.61 -3.25
CA GLY C 370 27.85 -32.96 -3.43
C GLY C 370 26.42 -33.14 -2.96
N GLY C 371 25.94 -32.26 -2.08
CA GLY C 371 24.50 -32.17 -1.72
C GLY C 371 23.56 -31.61 -2.77
N ILE C 372 24.11 -30.97 -3.80
CA ILE C 372 23.35 -30.49 -4.97
C ILE C 372 23.35 -31.66 -5.96
N ARG C 373 22.17 -32.28 -6.17
CA ARG C 373 22.03 -33.58 -6.84
C ARG C 373 21.45 -33.58 -8.25
N SER C 374 21.00 -32.42 -8.74
CA SER C 374 20.49 -32.31 -10.12
C SER C 374 20.53 -30.88 -10.63
N PRO C 375 20.70 -30.69 -11.95
CA PRO C 375 20.32 -29.39 -12.53
C PRO C 375 18.82 -29.23 -12.69
N ILE C 376 18.43 -28.01 -13.01
CA ILE C 376 17.05 -27.69 -13.40
C ILE C 376 17.13 -26.95 -14.73
N ASP C 377 16.34 -27.44 -15.68
CA ASP C 377 16.38 -26.99 -17.05
C ASP C 377 15.39 -25.83 -17.22
N GLU C 378 15.82 -24.81 -17.96
CA GLU C 378 15.00 -23.61 -18.25
C GLU C 378 14.17 -23.65 -19.54
N ARG C 379 14.43 -24.62 -20.43
CA ARG C 379 13.81 -24.67 -21.79
C ARG C 379 12.38 -25.28 -21.89
N ASN C 380 11.75 -25.61 -20.75
CA ASN C 380 10.39 -26.18 -20.72
C ASN C 380 9.46 -25.17 -20.03
N ASP C 381 9.30 -24.04 -20.71
CA ASP C 381 8.58 -22.84 -20.23
C ASP C 381 9.15 -22.25 -18.92
N GLY C 382 10.45 -22.45 -18.68
CA GLY C 382 11.09 -22.06 -17.40
C GLY C 382 10.62 -22.73 -16.12
N THR C 383 9.79 -23.77 -16.23
CA THR C 383 8.97 -24.23 -15.12
C THR C 383 9.84 -24.87 -14.03
N ILE C 384 9.63 -24.46 -12.79
CA ILE C 384 10.17 -25.12 -11.61
C ILE C 384 8.97 -25.64 -10.83
N THR C 385 8.95 -26.95 -10.62
CA THR C 385 8.00 -27.60 -9.72
C THR C 385 8.74 -28.22 -8.55
N TRP C 386 7.98 -28.65 -7.55
CA TRP C 386 8.50 -29.35 -6.37
C TRP C 386 9.29 -30.62 -6.73
N GLU C 387 8.80 -31.37 -7.74
CA GLU C 387 9.53 -32.53 -8.29
C GLU C 387 10.95 -32.19 -8.79
N ASN C 388 11.08 -31.05 -9.47
CA ASN C 388 12.39 -30.58 -9.94
C ASN C 388 13.31 -30.28 -8.77
N LEU C 389 12.80 -29.57 -7.76
CA LEU C 389 13.55 -29.29 -6.51
C LEU C 389 13.87 -30.52 -5.67
N ALA C 390 12.96 -31.50 -5.66
CA ALA C 390 13.21 -32.80 -5.00
C ALA C 390 14.40 -33.58 -5.58
N ALA C 391 14.63 -33.43 -6.89
CA ALA C 391 15.82 -33.98 -7.55
C ALA C 391 17.13 -33.27 -7.17
N VAL C 392 17.06 -31.96 -6.92
CA VAL C 392 18.22 -31.17 -6.45
C VAL C 392 18.54 -31.53 -4.99
N LEU C 393 17.50 -31.55 -4.16
CA LEU C 393 17.62 -31.77 -2.71
C LEU C 393 16.72 -32.93 -2.30
N PRO C 394 17.21 -34.18 -2.45
CA PRO C 394 16.41 -35.37 -2.15
C PRO C 394 16.46 -35.89 -0.71
N PHE C 395 17.34 -35.35 0.13
CA PHE C 395 17.76 -36.02 1.36
C PHE C 395 16.87 -35.86 2.60
N GLY C 396 15.85 -34.98 2.52
CA GLY C 396 15.02 -34.66 3.70
C GLY C 396 15.79 -34.02 4.85
N GLY C 397 16.80 -33.22 4.51
CA GLY C 397 17.60 -32.49 5.46
C GLY C 397 16.94 -31.17 5.86
N THR C 398 17.54 -30.55 6.86
CA THR C 398 17.19 -29.20 7.31
C THR C 398 18.39 -28.29 7.13
N PHE C 399 18.11 -27.00 6.91
CA PHE C 399 19.13 -25.96 6.92
C PHE C 399 19.18 -25.32 8.31
N ASP C 400 20.27 -25.63 9.02
CA ASP C 400 20.46 -25.33 10.42
C ASP C 400 21.40 -24.15 10.61
N LEU C 401 21.18 -23.45 11.71
CA LEU C 401 21.99 -22.30 12.06
C LEU C 401 22.97 -22.73 13.13
N VAL C 402 24.25 -22.40 12.93
CA VAL C 402 25.33 -22.72 13.86
C VAL C 402 26.18 -21.48 14.15
N GLN C 403 26.86 -21.51 15.30
CA GLN C 403 27.87 -20.52 15.68
C GLN C 403 29.23 -21.19 15.55
N LEU C 404 30.11 -20.58 14.76
CA LEU C 404 31.48 -21.06 14.56
C LEU C 404 32.47 -19.95 14.86
N LYS C 405 33.59 -20.33 15.49
CA LYS C 405 34.82 -19.53 15.47
C LYS C 405 35.32 -19.43 14.03
N GLY C 406 35.94 -18.30 13.68
CA GLY C 406 36.58 -18.12 12.38
C GLY C 406 37.58 -19.22 12.03
N SER C 407 38.36 -19.64 13.01
CA SER C 407 39.30 -20.76 12.92
C SER C 407 38.64 -22.06 12.47
N THR C 408 37.45 -22.34 13.00
CA THR C 408 36.63 -23.48 12.57
C THR C 408 36.21 -23.34 11.10
N LEU C 409 35.75 -22.14 10.72
CA LEU C 409 35.37 -21.83 9.33
C LEU C 409 36.54 -21.94 8.36
N LYS C 410 37.68 -21.38 8.73
CA LYS C 410 38.93 -21.47 7.94
C LYS C 410 39.28 -22.93 7.67
N LYS C 411 39.27 -23.75 8.72
CA LYS C 411 39.51 -25.19 8.62
C LYS C 411 38.52 -25.93 7.71
N ALA C 412 37.24 -25.52 7.74
CA ALA C 412 36.22 -26.06 6.84
C ALA C 412 36.53 -25.74 5.38
N PHE C 413 36.90 -24.48 5.11
CA PHE C 413 37.34 -24.08 3.76
C PHE C 413 38.65 -24.75 3.31
N GLU C 414 39.54 -25.09 4.24
CA GLU C 414 40.69 -25.94 3.93
C GLU C 414 40.27 -27.37 3.58
N HIS C 415 39.34 -27.91 4.35
CA HIS C 415 38.75 -29.23 4.06
C HIS C 415 38.01 -29.27 2.72
N SER C 416 37.33 -28.17 2.37
CA SER C 416 36.66 -27.98 1.06
C SER C 416 37.52 -28.33 -0.18
N VAL C 417 38.83 -28.02 -0.10
CA VAL C 417 39.78 -28.25 -1.20
C VAL C 417 41.00 -29.13 -0.82
N HIS C 418 40.92 -29.88 0.28
CA HIS C 418 42.09 -30.65 0.78
C HIS C 418 42.55 -31.76 -0.18
N ARG C 419 41.60 -32.34 -0.91
CA ARG C 419 41.86 -33.35 -1.94
C ARG C 419 41.18 -32.95 -3.25
N TYR C 420 41.31 -31.66 -3.60
CA TYR C 420 40.64 -31.10 -4.77
C TYR C 420 41.06 -31.82 -6.05
N GLY C 421 40.11 -31.95 -6.99
CA GLY C 421 40.31 -32.62 -8.27
C GLY C 421 39.64 -34.00 -8.41
N GLN C 422 39.23 -34.60 -7.29
CA GLN C 422 38.67 -35.96 -7.26
C GLN C 422 37.13 -36.04 -7.32
N SER C 423 36.44 -34.91 -7.57
CA SER C 423 34.98 -34.84 -7.66
C SER C 423 34.23 -35.31 -6.40
N THR C 424 34.79 -34.94 -5.25
CA THR C 424 34.25 -35.30 -3.94
C THR C 424 33.33 -34.19 -3.47
N GLY C 425 32.39 -34.56 -2.61
CA GLY C 425 31.28 -33.69 -2.25
C GLY C 425 31.52 -32.52 -1.32
N GLU C 426 32.62 -32.57 -0.55
CA GLU C 426 32.95 -31.53 0.44
C GLU C 426 33.22 -30.11 -0.08
N PHE C 427 33.46 -29.93 -1.39
CA PHE C 427 33.67 -28.60 -1.99
C PHE C 427 32.46 -27.67 -1.71
N LEU C 428 32.73 -26.54 -1.06
CA LEU C 428 31.67 -25.71 -0.48
C LEU C 428 31.20 -24.63 -1.44
N GLN C 429 29.90 -24.63 -1.73
CA GLN C 429 29.20 -23.47 -2.31
C GLN C 429 28.82 -22.56 -1.15
N VAL C 430 28.76 -21.26 -1.43
CA VAL C 430 28.66 -20.24 -0.39
C VAL C 430 27.66 -19.13 -0.69
N GLY C 431 27.30 -18.43 0.39
CA GLY C 431 26.59 -17.15 0.36
C GLY C 431 27.13 -16.25 1.46
N GLY C 432 27.27 -14.96 1.17
CA GLY C 432 27.92 -14.00 2.06
C GLY C 432 29.39 -14.25 2.42
N ILE C 433 30.08 -14.99 1.55
CA ILE C 433 31.49 -15.35 1.73
C ILE C 433 32.13 -15.20 0.36
N HIS C 434 33.24 -14.45 0.32
CA HIS C 434 34.14 -14.46 -0.81
C HIS C 434 35.41 -15.17 -0.39
N VAL C 435 35.68 -16.32 -1.02
CA VAL C 435 36.88 -17.13 -0.75
C VAL C 435 37.73 -17.19 -2.01
N VAL C 436 39.06 -17.24 -1.82
CA VAL C 436 40.03 -17.48 -2.88
C VAL C 436 40.92 -18.64 -2.45
N TYR C 437 41.01 -19.66 -3.30
CA TYR C 437 41.93 -20.79 -3.11
C TYR C 437 43.16 -20.65 -4.00
N ASP C 438 44.29 -21.16 -3.52
CA ASP C 438 45.52 -21.31 -4.31
C ASP C 438 45.91 -22.78 -4.25
N LEU C 439 45.64 -23.49 -5.34
CA LEU C 439 45.91 -24.94 -5.44
C LEU C 439 47.38 -25.33 -5.57
N SER C 440 48.27 -24.38 -5.86
CA SER C 440 49.73 -24.57 -5.79
C SER C 440 50.24 -24.84 -4.37
N ARG C 441 49.54 -24.29 -3.38
CA ARG C 441 49.88 -24.45 -1.98
C ARG C 441 49.47 -25.83 -1.48
N LYS C 442 50.05 -26.20 -0.34
CA LYS C 442 49.88 -27.54 0.24
C LYS C 442 48.47 -27.68 0.83
N PRO C 443 47.89 -28.91 0.81
CA PRO C 443 46.63 -29.18 1.51
C PRO C 443 46.66 -28.75 2.97
N GLY C 444 45.62 -28.03 3.41
CA GLY C 444 45.61 -27.36 4.70
C GLY C 444 46.09 -25.92 4.70
N ASP C 445 46.64 -25.43 3.58
CA ASP C 445 47.15 -24.06 3.45
C ASP C 445 46.81 -23.41 2.09
N ARG C 446 45.66 -23.77 1.52
CA ARG C 446 45.19 -23.32 0.20
C ARG C 446 44.28 -22.09 0.22
N VAL C 447 43.68 -21.77 1.36
CA VAL C 447 42.78 -20.62 1.50
C VAL C 447 43.64 -19.37 1.69
N VAL C 448 43.75 -18.55 0.65
CA VAL C 448 44.59 -17.34 0.61
C VAL C 448 43.84 -16.03 0.93
N LYS C 449 42.56 -15.98 0.57
CA LYS C 449 41.65 -14.89 0.95
C LYS C 449 40.34 -15.47 1.42
N LEU C 450 39.78 -14.92 2.51
CA LEU C 450 38.49 -15.35 3.06
C LEU C 450 37.78 -14.17 3.73
N ASP C 451 37.02 -13.44 2.93
CA ASP C 451 36.23 -12.30 3.39
C ASP C 451 34.79 -12.75 3.59
N VAL C 452 34.16 -12.18 4.60
CA VAL C 452 32.78 -12.51 5.02
C VAL C 452 31.94 -11.26 5.19
N LEU C 453 30.62 -11.39 5.03
CA LEU C 453 29.69 -10.25 5.12
C LEU C 453 29.53 -9.87 6.60
N CYS C 454 29.79 -8.61 6.94
CA CYS C 454 29.71 -8.14 8.32
C CYS C 454 28.31 -8.25 8.90
N THR C 455 28.26 -8.54 10.20
CA THR C 455 26.99 -8.75 10.93
C THR C 455 26.68 -7.52 11.82
N LYS C 456 27.66 -7.06 12.62
CA LYS C 456 27.51 -5.86 13.48
C LYS C 456 27.85 -4.61 12.64
N CYS C 457 26.93 -4.28 11.74
CA CYS C 457 27.11 -3.14 10.81
C CYS C 457 25.78 -2.75 10.18
N ARG C 458 25.65 -1.48 9.81
CA ARG C 458 24.42 -0.97 9.19
C ARG C 458 24.43 -1.13 7.67
N VAL C 459 25.62 -1.05 7.05
CA VAL C 459 25.84 -1.34 5.64
C VAL C 459 26.61 -2.66 5.55
N PRO C 460 25.99 -3.74 5.00
CA PRO C 460 26.74 -4.98 4.79
C PRO C 460 27.89 -4.83 3.80
N SER C 461 29.08 -5.23 4.23
CA SER C 461 30.27 -5.27 3.37
C SER C 461 31.14 -6.46 3.73
N TYR C 462 32.07 -6.77 2.83
CA TYR C 462 33.00 -7.89 3.01
C TYR C 462 34.27 -7.40 3.70
N ASP C 463 34.59 -8.06 4.81
CA ASP C 463 35.77 -7.77 5.62
C ASP C 463 36.46 -9.11 5.91
N PRO C 464 37.81 -9.10 6.10
CA PRO C 464 38.49 -10.36 6.36
C PRO C 464 38.01 -11.09 7.60
N LEU C 465 37.89 -12.41 7.48
CA LEU C 465 37.46 -13.25 8.56
C LEU C 465 38.55 -13.26 9.64
N LYS C 466 38.14 -13.03 10.88
CA LYS C 466 39.06 -13.01 12.04
C LYS C 466 38.93 -14.34 12.76
N MET C 467 40.07 -14.92 13.14
CA MET C 467 40.12 -16.33 13.56
C MET C 467 39.42 -16.65 14.88
N ASP C 468 39.48 -15.73 15.86
CA ASP C 468 38.82 -15.97 17.19
C ASP C 468 37.42 -15.35 17.34
N GLU C 469 36.98 -14.54 16.38
CA GLU C 469 35.61 -14.02 16.36
C GLU C 469 34.59 -15.12 16.04
N VAL C 470 33.38 -14.97 16.58
CA VAL C 470 32.28 -15.94 16.44
C VAL C 470 31.36 -15.44 15.32
N TYR C 471 31.11 -16.32 14.35
CA TYR C 471 30.22 -16.05 13.22
C TYR C 471 29.04 -17.00 13.22
N LYS C 472 27.85 -16.46 12.96
CA LYS C 472 26.65 -17.25 12.77
C LYS C 472 26.64 -17.67 11.29
N VAL C 473 26.41 -18.96 11.03
CA VAL C 473 26.45 -19.55 9.67
C VAL C 473 25.24 -20.46 9.50
N ILE C 474 24.56 -20.37 8.35
CA ILE C 474 23.51 -21.34 7.99
C ILE C 474 24.11 -22.42 7.08
N LEU C 475 23.81 -23.69 7.36
CA LEU C 475 24.34 -24.81 6.60
C LEU C 475 23.41 -26.04 6.72
N PRO C 476 23.60 -27.09 5.87
CA PRO C 476 22.79 -28.30 6.05
C PRO C 476 23.18 -29.06 7.32
N ASN C 477 22.18 -29.67 7.96
CA ASN C 477 22.38 -30.50 9.15
C ASN C 477 23.45 -31.59 8.97
N PHE C 478 23.53 -32.15 7.76
CA PHE C 478 24.60 -33.08 7.35
C PHE C 478 25.99 -32.56 7.69
N LEU C 479 26.24 -31.28 7.35
CA LEU C 479 27.49 -30.60 7.72
C LEU C 479 27.57 -30.22 9.19
N ALA C 480 26.44 -29.79 9.78
CA ALA C 480 26.38 -29.50 11.23
C ALA C 480 26.71 -30.70 12.12
N ASN C 481 26.31 -31.90 11.69
CA ASN C 481 26.59 -33.17 12.39
C ASN C 481 27.91 -33.85 11.93
N GLY C 482 28.81 -33.11 11.28
CA GLY C 482 30.14 -33.61 10.94
C GLY C 482 30.26 -34.45 9.68
N GLY C 483 29.22 -34.49 8.84
CA GLY C 483 29.24 -35.27 7.60
C GLY C 483 30.22 -34.73 6.57
N ASP C 484 30.52 -35.54 5.55
CA ASP C 484 31.53 -35.20 4.50
C ASP C 484 32.97 -34.93 5.02
N GLY C 485 33.29 -35.53 6.16
CA GLY C 485 34.54 -35.26 6.86
C GLY C 485 34.72 -33.88 7.47
N PHE C 486 33.61 -33.16 7.69
CA PHE C 486 33.64 -31.82 8.31
C PHE C 486 33.56 -31.94 9.84
N GLN C 487 34.51 -32.68 10.41
CA GLN C 487 34.45 -33.05 11.82
C GLN C 487 34.69 -31.84 12.73
N MET C 488 35.50 -30.89 12.25
CA MET C 488 35.73 -29.60 12.94
C MET C 488 34.44 -28.83 13.26
N ILE C 489 33.43 -28.92 12.39
CA ILE C 489 32.13 -28.25 12.60
C ILE C 489 31.41 -28.83 13.82
N LYS C 490 31.17 -30.15 13.81
CA LYS C 490 30.55 -30.85 14.95
C LYS C 490 31.31 -30.64 16.28
N ASP C 491 32.62 -30.79 16.20
CA ASP C 491 33.49 -30.74 17.39
C ASP C 491 33.72 -29.34 17.98
N GLU C 492 33.83 -28.32 17.12
CA GLU C 492 34.17 -26.94 17.55
C GLU C 492 33.02 -25.93 17.54
N LEU C 493 31.83 -26.29 17.06
CA LEU C 493 30.68 -25.36 17.08
C LEU C 493 30.31 -24.93 18.50
N LEU C 494 29.89 -23.68 18.63
CA LEU C 494 29.46 -23.09 19.92
C LEU C 494 27.96 -23.24 20.15
N ARG C 495 27.18 -23.28 19.06
CA ARG C 495 25.73 -23.48 19.10
C ARG C 495 25.25 -24.18 17.82
N HIS C 496 24.13 -24.89 17.92
CA HIS C 496 23.50 -25.57 16.78
C HIS C 496 22.00 -25.64 17.05
N ASP C 497 21.21 -24.83 16.35
CA ASP C 497 19.76 -24.91 16.37
C ASP C 497 19.29 -25.56 15.09
N SER C 498 18.29 -26.44 15.23
CA SER C 498 17.64 -27.06 14.08
C SER C 498 16.80 -26.00 13.36
N GLY C 499 16.70 -26.12 12.03
CA GLY C 499 15.97 -25.16 11.19
C GLY C 499 14.90 -25.81 10.32
N ASP C 500 14.52 -25.12 9.25
CA ASP C 500 13.44 -25.57 8.35
C ASP C 500 13.91 -26.63 7.37
N GLN C 501 12.95 -27.37 6.81
CA GLN C 501 13.24 -28.44 5.83
C GLN C 501 13.89 -27.85 4.57
N ASP C 502 14.88 -28.57 4.02
CA ASP C 502 15.72 -28.06 2.92
C ASP C 502 14.96 -27.66 1.65
N ILE C 503 14.10 -28.56 1.16
CA ILE C 503 13.29 -28.29 -0.05
C ILE C 503 12.30 -27.13 0.14
N ASN C 504 11.70 -27.07 1.34
CA ASN C 504 10.73 -26.01 1.69
C ASN C 504 11.34 -24.62 1.66
N VAL C 505 12.58 -24.49 2.18
CA VAL C 505 13.33 -23.22 2.17
C VAL C 505 13.52 -22.69 0.74
N VAL C 506 13.95 -23.58 -0.15
CA VAL C 506 14.21 -23.22 -1.55
C VAL C 506 12.89 -22.99 -2.31
N SER C 507 11.88 -23.81 -2.01
CA SER C 507 10.52 -23.68 -2.59
C SER C 507 9.89 -22.32 -2.28
N THR C 508 9.89 -21.97 -0.99
CA THR C 508 9.44 -20.65 -0.50
C THR C 508 10.14 -19.47 -1.21
N TYR C 509 11.47 -19.57 -1.35
CA TYR C 509 12.26 -18.52 -1.99
C TYR C 509 11.91 -18.33 -3.47
N ILE C 510 11.81 -19.45 -4.20
CA ILE C 510 11.48 -19.41 -5.63
C ILE C 510 10.05 -18.88 -5.85
N SER C 511 9.12 -19.26 -4.98
CA SER C 511 7.74 -18.74 -4.99
C SER C 511 7.66 -17.23 -4.72
N LYS C 512 8.43 -16.76 -3.74
CA LYS C 512 8.55 -15.32 -3.45
C LYS C 512 9.19 -14.55 -4.62
N MET C 513 10.28 -15.09 -5.18
CA MET C 513 11.02 -14.43 -6.27
C MET C 513 10.33 -14.51 -7.63
N LYS C 514 9.59 -15.59 -7.89
CA LYS C 514 8.76 -15.78 -9.10
C LYS C 514 9.56 -16.04 -10.39
N VAL C 515 10.45 -15.12 -10.77
CA VAL C 515 11.46 -15.34 -11.84
C VAL C 515 12.84 -15.23 -11.19
N ILE C 516 13.67 -16.28 -11.35
CA ILE C 516 15.04 -16.31 -10.80
C ILE C 516 16.10 -16.38 -11.90
N TYR C 517 17.27 -15.81 -11.62
CA TYR C 517 18.36 -15.67 -12.59
C TYR C 517 19.73 -15.62 -11.89
N PRO C 518 20.03 -16.65 -11.06
CA PRO C 518 21.29 -16.64 -10.32
C PRO C 518 22.51 -16.73 -11.26
N ALA C 519 23.52 -15.92 -10.93
CA ALA C 519 24.77 -15.82 -11.69
C ALA C 519 25.90 -16.53 -10.96
N VAL C 520 27.02 -16.74 -11.67
CA VAL C 520 28.30 -17.07 -11.06
C VAL C 520 29.02 -15.72 -10.91
N GLU C 521 29.18 -15.25 -9.66
CA GLU C 521 29.58 -13.87 -9.35
C GLU C 521 31.02 -13.65 -8.83
N GLY C 522 31.83 -14.70 -8.76
CA GLY C 522 33.15 -14.63 -8.08
C GLY C 522 33.13 -14.77 -6.56
N ARG C 523 32.11 -15.43 -6.03
CA ARG C 523 32.09 -15.85 -4.61
C ARG C 523 33.23 -16.81 -4.27
N ILE C 524 33.51 -17.75 -5.19
CA ILE C 524 34.63 -18.68 -5.06
C ILE C 524 35.54 -18.43 -6.26
N LYS C 525 36.78 -17.99 -6.00
CA LYS C 525 37.82 -17.88 -7.03
C LYS C 525 38.96 -18.82 -6.73
N PHE C 526 39.73 -19.13 -7.78
CA PHE C 526 41.04 -19.78 -7.70
C PHE C 526 42.12 -18.83 -8.23
N SER C 527 43.20 -18.64 -7.46
CA SER C 527 44.27 -17.72 -7.87
C SER C 527 45.14 -18.36 -8.97
N HIS C 528 45.59 -17.51 -9.89
CA HIS C 528 46.33 -17.90 -11.11
C HIS C 528 47.72 -17.30 -11.14
N HIS C 529 48.56 -17.87 -12.01
CA HIS C 529 50.00 -17.56 -12.07
C HIS C 529 50.50 -17.62 -13.52
N SER D 3 -32.03 -56.03 15.34
CA SER D 3 -30.62 -55.50 15.24
C SER D 3 -30.56 -54.08 14.64
N MET D 4 -29.60 -53.30 15.14
CA MET D 4 -29.42 -51.88 14.79
C MET D 4 -28.10 -51.64 14.05
N TRP D 5 -28.08 -50.63 13.18
CA TRP D 5 -26.89 -50.18 12.47
C TRP D 5 -26.79 -48.63 12.55
N GLU D 6 -25.77 -48.12 13.26
CA GLU D 6 -25.59 -46.67 13.47
C GLU D 6 -24.68 -46.06 12.40
N LEU D 7 -25.19 -45.07 11.67
CA LEU D 7 -24.41 -44.26 10.72
C LEU D 7 -24.07 -42.91 11.33
N THR D 8 -22.79 -42.53 11.27
CA THR D 8 -22.33 -41.19 11.65
C THR D 8 -22.12 -40.36 10.39
N ILE D 9 -22.99 -39.36 10.19
CA ILE D 9 -22.86 -38.38 9.09
C ILE D 9 -22.09 -37.17 9.60
N LEU D 10 -20.89 -36.98 9.05
CA LEU D 10 -20.14 -35.73 9.17
C LEU D 10 -20.41 -34.91 7.92
N HIS D 11 -20.71 -33.62 8.11
CA HIS D 11 -21.09 -32.75 6.99
C HIS D 11 -20.71 -31.27 7.11
N THR D 12 -20.27 -30.72 5.97
CA THR D 12 -19.99 -29.30 5.81
C THR D 12 -20.82 -28.77 4.64
N ASN D 13 -20.99 -27.46 4.62
CA ASN D 13 -21.72 -26.77 3.56
C ASN D 13 -21.32 -25.31 3.55
N ASP D 14 -21.27 -24.73 2.36
CA ASP D 14 -20.92 -23.33 2.17
C ASP D 14 -19.59 -22.94 2.82
N VAL D 15 -18.58 -23.79 2.62
CA VAL D 15 -17.23 -23.57 3.16
C VAL D 15 -16.65 -22.28 2.56
N HIS D 16 -16.90 -22.02 1.27
CA HIS D 16 -16.58 -20.75 0.61
C HIS D 16 -15.11 -20.32 0.74
N SER D 17 -14.23 -21.22 0.30
CA SER D 17 -12.79 -20.98 0.22
C SER D 17 -12.08 -20.66 1.55
N ARG D 18 -12.67 -21.06 2.68
CA ARG D 18 -12.10 -20.79 4.00
C ARG D 18 -11.19 -21.97 4.35
N LEU D 19 -10.09 -22.08 3.59
CA LEU D 19 -9.11 -23.18 3.72
C LEU D 19 -8.35 -23.02 5.01
N GLU D 20 -7.85 -21.80 5.23
CA GLU D 20 -7.28 -21.41 6.51
C GLU D 20 -8.35 -21.19 7.54
N GLN D 21 -7.93 -21.20 8.79
CA GLN D 21 -8.77 -20.77 9.91
C GLN D 21 -9.09 -19.28 9.83
N THR D 22 -10.16 -18.88 10.53
CA THR D 22 -10.77 -17.57 10.43
C THR D 22 -11.10 -17.00 11.81
N SER D 23 -11.47 -15.71 11.82
CA SER D 23 -12.10 -15.06 12.99
C SER D 23 -13.47 -15.66 13.28
N GLU D 24 -14.00 -15.35 14.46
CA GLU D 24 -15.37 -15.74 14.89
C GLU D 24 -16.46 -15.42 13.82
N ASP D 25 -16.34 -14.26 13.17
CA ASP D 25 -17.21 -13.82 12.05
C ASP D 25 -16.80 -14.32 10.63
N SER D 26 -15.91 -15.31 10.55
CA SER D 26 -15.39 -15.89 9.30
C SER D 26 -14.55 -14.99 8.36
N SER D 27 -14.15 -13.80 8.84
CA SER D 27 -13.17 -12.94 8.15
C SER D 27 -11.76 -13.43 8.50
N LYS D 28 -10.72 -12.75 7.98
CA LYS D 28 -9.31 -13.20 8.18
C LYS D 28 -8.94 -13.39 9.66
N CYS D 29 -8.18 -14.46 9.92
CA CYS D 29 -7.64 -14.75 11.24
C CYS D 29 -6.48 -13.81 11.52
N VAL D 30 -6.55 -13.09 12.65
CA VAL D 30 -5.46 -12.23 13.14
C VAL D 30 -4.99 -12.77 14.50
N ASP D 31 -5.88 -12.77 15.50
CA ASP D 31 -5.59 -13.30 16.83
C ASP D 31 -5.79 -14.83 16.80
N ALA D 32 -4.70 -15.56 16.54
CA ALA D 32 -4.73 -17.05 16.37
C ALA D 32 -5.30 -17.87 17.54
N SER D 33 -5.13 -17.35 18.76
CA SER D 33 -5.70 -17.94 19.98
C SER D 33 -7.23 -18.05 19.98
N ARG D 34 -7.90 -17.05 19.39
CA ARG D 34 -9.37 -16.96 19.29
C ARG D 34 -9.95 -17.39 17.92
N CYS D 35 -9.13 -17.98 17.03
CA CYS D 35 -9.55 -18.31 15.63
C CYS D 35 -10.20 -19.70 15.52
N MET D 36 -10.91 -19.92 14.40
CA MET D 36 -11.82 -21.06 14.22
C MET D 36 -11.79 -21.62 12.80
N GLY D 37 -12.16 -22.89 12.67
CA GLY D 37 -12.36 -23.53 11.37
C GLY D 37 -11.10 -23.81 10.59
N GLY D 38 -11.22 -23.80 9.25
CA GLY D 38 -10.15 -24.18 8.35
C GLY D 38 -10.03 -25.69 8.20
N VAL D 39 -9.45 -26.13 7.07
CA VAL D 39 -9.34 -27.57 6.74
C VAL D 39 -8.42 -28.38 7.66
N ALA D 40 -7.35 -27.75 8.15
CA ALA D 40 -6.42 -28.41 9.09
C ALA D 40 -7.10 -28.81 10.40
N ARG D 41 -7.87 -27.90 10.98
CA ARG D 41 -8.66 -28.19 12.20
C ARG D 41 -9.78 -29.20 11.95
N LEU D 42 -10.45 -29.07 10.80
CA LEU D 42 -11.47 -30.02 10.36
C LEU D 42 -10.95 -31.45 10.25
N PHE D 43 -9.77 -31.62 9.66
CA PHE D 43 -9.11 -32.93 9.53
C PHE D 43 -8.91 -33.62 10.88
N THR D 44 -8.42 -32.88 11.87
CA THR D 44 -8.22 -33.35 13.25
C THR D 44 -9.49 -33.95 13.85
N LYS D 45 -10.57 -33.16 13.82
CA LYS D 45 -11.87 -33.58 14.37
C LYS D 45 -12.48 -34.77 13.62
N VAL D 46 -12.38 -34.76 12.29
CA VAL D 46 -12.82 -35.89 11.44
C VAL D 46 -12.10 -37.20 11.80
N GLN D 47 -10.79 -37.12 12.02
CA GLN D 47 -9.96 -38.29 12.34
C GLN D 47 -10.20 -38.84 13.76
N GLN D 48 -10.47 -37.97 14.74
CA GLN D 48 -10.93 -38.40 16.08
C GLN D 48 -12.18 -39.27 15.98
N ILE D 49 -13.13 -38.81 15.19
CA ILE D 49 -14.43 -39.46 14.98
C ILE D 49 -14.29 -40.76 14.17
N ARG D 50 -13.44 -40.75 13.13
CA ARG D 50 -13.12 -41.98 12.37
C ARG D 50 -12.41 -43.07 13.18
N ARG D 51 -11.54 -42.67 14.11
CA ARG D 51 -10.94 -43.58 15.10
C ARG D 51 -12.00 -44.15 16.07
N ALA D 52 -12.88 -43.29 16.57
CA ALA D 52 -13.90 -43.64 17.56
C ALA D 52 -15.14 -44.38 17.04
N GLU D 53 -15.62 -44.04 15.83
CA GLU D 53 -16.92 -44.55 15.29
C GLU D 53 -16.71 -45.52 14.09
N PRO D 54 -17.52 -46.59 13.98
CA PRO D 54 -17.30 -47.59 12.91
C PRO D 54 -17.74 -47.15 11.51
N ASN D 55 -18.95 -46.58 11.39
CA ASN D 55 -19.60 -46.27 10.12
C ASN D 55 -19.70 -44.74 9.97
N VAL D 56 -18.82 -44.20 9.13
CA VAL D 56 -18.62 -42.74 8.99
C VAL D 56 -18.68 -42.32 7.51
N LEU D 57 -19.44 -41.25 7.24
CA LEU D 57 -19.41 -40.53 5.97
C LEU D 57 -19.09 -39.06 6.22
N LEU D 58 -18.15 -38.53 5.44
CA LEU D 58 -17.87 -37.10 5.35
C LEU D 58 -18.47 -36.57 4.04
N LEU D 59 -19.43 -35.65 4.16
CA LEU D 59 -20.23 -35.17 3.02
C LEU D 59 -20.14 -33.66 2.92
N ASP D 60 -20.23 -33.13 1.69
CA ASP D 60 -20.32 -31.69 1.46
C ASP D 60 -21.56 -31.34 0.66
N ALA D 61 -22.31 -30.34 1.11
CA ALA D 61 -23.55 -29.92 0.44
C ALA D 61 -23.35 -28.66 -0.43
N GLY D 62 -22.19 -28.55 -1.09
CA GLY D 62 -21.92 -27.47 -2.07
C GLY D 62 -21.36 -26.18 -1.51
N ASP D 63 -21.07 -25.25 -2.44
CA ASP D 63 -20.54 -23.91 -2.16
C ASP D 63 -19.14 -23.94 -1.46
N GLN D 64 -18.28 -24.87 -1.90
CA GLN D 64 -16.82 -24.82 -1.62
C GLN D 64 -16.16 -23.68 -2.37
N TYR D 65 -16.51 -23.59 -3.66
CA TYR D 65 -16.10 -22.48 -4.54
C TYR D 65 -16.47 -21.10 -3.99
N GLN D 66 -15.52 -20.18 -4.06
CA GLN D 66 -15.71 -18.72 -4.01
C GLN D 66 -15.84 -18.19 -2.58
N GLY D 67 -15.04 -17.15 -2.26
CA GLY D 67 -15.07 -16.54 -0.92
C GLY D 67 -13.81 -15.87 -0.41
N THR D 68 -12.64 -16.33 -0.86
CA THR D 68 -11.33 -15.77 -0.48
C THR D 68 -10.33 -15.84 -1.65
N ILE D 69 -9.20 -15.17 -1.48
CA ILE D 69 -8.06 -15.25 -2.42
C ILE D 69 -7.55 -16.66 -2.79
N TRP D 70 -7.80 -17.65 -1.91
CA TRP D 70 -7.60 -19.07 -2.24
C TRP D 70 -8.22 -19.49 -3.55
N PHE D 71 -9.51 -19.18 -3.68
CA PHE D 71 -10.23 -19.44 -4.93
C PHE D 71 -9.88 -18.45 -6.05
N THR D 72 -9.58 -17.19 -5.72
CA THR D 72 -9.11 -16.21 -6.73
C THR D 72 -7.85 -16.72 -7.47
N VAL D 73 -6.89 -17.25 -6.71
CA VAL D 73 -5.61 -17.74 -7.23
C VAL D 73 -5.73 -19.16 -7.79
N TYR D 74 -6.15 -20.12 -6.95
CA TYR D 74 -6.15 -21.58 -7.33
C TYR D 74 -7.37 -22.08 -8.11
N LYS D 75 -8.48 -21.34 -8.09
CA LYS D 75 -9.63 -21.52 -9.02
C LYS D 75 -10.32 -22.90 -8.95
N GLY D 76 -10.37 -23.46 -7.74
CA GLY D 76 -10.96 -24.78 -7.50
C GLY D 76 -10.00 -25.95 -7.32
N ALA D 77 -8.75 -25.80 -7.78
CA ALA D 77 -7.70 -26.82 -7.54
C ALA D 77 -7.41 -27.04 -6.04
N GLU D 78 -7.46 -25.95 -5.27
CA GLU D 78 -7.36 -26.01 -3.79
C GLU D 78 -8.52 -26.79 -3.12
N VAL D 79 -9.72 -26.71 -3.71
CA VAL D 79 -10.90 -27.44 -3.22
C VAL D 79 -10.66 -28.93 -3.43
N ALA D 80 -10.37 -29.31 -4.69
CA ALA D 80 -10.05 -30.69 -5.07
C ALA D 80 -8.97 -31.30 -4.18
N HIS D 81 -7.83 -30.60 -4.06
CA HIS D 81 -6.68 -31.09 -3.28
C HIS D 81 -7.00 -31.34 -1.81
N PHE D 82 -7.55 -30.32 -1.14
CA PHE D 82 -7.77 -30.39 0.30
C PHE D 82 -9.00 -31.22 0.71
N MET D 83 -10.04 -31.27 -0.14
CA MET D 83 -11.15 -32.23 0.04
C MET D 83 -10.69 -33.69 -0.14
N ASN D 84 -9.78 -33.93 -1.08
CA ASN D 84 -9.13 -35.25 -1.24
C ASN D 84 -8.27 -35.65 -0.05
N ALA D 85 -7.54 -34.70 0.52
CA ALA D 85 -6.72 -34.93 1.74
C ALA D 85 -7.58 -35.22 2.98
N LEU D 86 -8.67 -34.48 3.14
CA LEU D 86 -9.70 -34.76 4.16
C LEU D 86 -10.51 -36.04 3.93
N ARG D 87 -10.53 -36.54 2.70
CA ARG D 87 -11.13 -37.81 2.29
C ARG D 87 -12.65 -37.70 2.44
N TYR D 88 -13.20 -36.73 1.71
CA TYR D 88 -14.65 -36.59 1.57
C TYR D 88 -15.18 -37.81 0.83
N ASP D 89 -16.31 -38.32 1.30
CA ASP D 89 -16.97 -39.49 0.69
C ASP D 89 -17.91 -39.07 -0.44
N ALA D 90 -18.51 -37.87 -0.35
CA ALA D 90 -19.32 -37.30 -1.43
C ALA D 90 -19.48 -35.79 -1.32
N MET D 91 -19.88 -35.17 -2.43
CA MET D 91 -20.16 -33.73 -2.49
C MET D 91 -21.34 -33.48 -3.42
N ALA D 92 -22.26 -32.61 -3.00
CA ALA D 92 -23.32 -32.10 -3.87
C ALA D 92 -22.85 -30.81 -4.50
N LEU D 93 -23.23 -30.59 -5.76
CA LEU D 93 -22.93 -29.34 -6.46
C LEU D 93 -23.78 -28.22 -5.92
N GLY D 94 -23.11 -27.13 -5.50
CA GLY D 94 -23.75 -25.87 -5.21
C GLY D 94 -23.77 -24.95 -6.40
N ASN D 95 -24.44 -23.83 -6.22
CA ASN D 95 -24.55 -22.79 -7.25
C ASN D 95 -23.20 -22.15 -7.59
N HIS D 96 -22.38 -21.89 -6.57
CA HIS D 96 -21.05 -21.29 -6.76
C HIS D 96 -20.00 -22.18 -7.44
N GLU D 97 -20.24 -23.49 -7.50
CA GLU D 97 -19.42 -24.39 -8.33
C GLU D 97 -19.47 -24.10 -9.85
N PHE D 98 -20.50 -23.36 -10.32
CA PHE D 98 -20.63 -22.89 -11.71
C PHE D 98 -20.18 -21.42 -11.98
N ASP D 99 -19.51 -20.80 -11.00
CA ASP D 99 -19.09 -19.38 -11.12
C ASP D 99 -18.05 -19.09 -12.20
N ASN D 100 -17.14 -20.04 -12.42
CA ASN D 100 -16.16 -19.97 -13.53
C ASN D 100 -16.59 -20.81 -14.74
N GLY D 101 -17.89 -20.81 -15.03
CA GLY D 101 -18.43 -21.61 -16.11
C GLY D 101 -18.41 -23.11 -15.87
N VAL D 102 -18.82 -23.84 -16.89
CA VAL D 102 -18.76 -25.31 -16.90
C VAL D 102 -17.29 -25.79 -16.96
N GLU D 103 -16.46 -25.08 -17.73
CA GLU D 103 -15.01 -25.33 -17.80
C GLU D 103 -14.30 -25.17 -16.44
N GLY D 104 -14.69 -24.16 -15.67
CA GLY D 104 -14.17 -23.95 -14.31
C GLY D 104 -14.64 -24.94 -13.25
N LEU D 105 -15.70 -25.68 -13.55
CA LEU D 105 -16.15 -26.83 -12.76
C LEU D 105 -15.43 -28.12 -13.17
N ILE D 106 -15.42 -28.42 -14.47
CA ILE D 106 -14.89 -29.68 -15.02
C ILE D 106 -13.40 -29.86 -14.72
N GLU D 107 -12.58 -28.96 -15.25
CA GLU D 107 -11.11 -29.15 -15.27
C GLU D 107 -10.44 -29.06 -13.90
N PRO D 108 -10.80 -28.06 -13.06
CA PRO D 108 -10.25 -28.04 -11.69
C PRO D 108 -10.86 -29.08 -10.75
N LEU D 109 -12.19 -29.13 -10.64
CA LEU D 109 -12.85 -29.93 -9.56
C LEU D 109 -13.25 -31.34 -9.97
N LEU D 110 -14.05 -31.46 -11.03
CA LEU D 110 -14.63 -32.77 -11.41
C LEU D 110 -13.59 -33.80 -11.85
N LYS D 111 -12.62 -33.37 -12.66
CA LYS D 111 -11.54 -34.26 -13.11
C LYS D 111 -10.55 -34.66 -12.00
N GLU D 112 -10.23 -33.73 -11.10
CA GLU D 112 -9.27 -33.99 -9.99
C GLU D 112 -9.89 -34.58 -8.69
N ALA D 113 -11.21 -34.61 -8.58
CA ALA D 113 -11.89 -35.15 -7.37
C ALA D 113 -11.78 -36.67 -7.30
N LYS D 114 -11.39 -37.19 -6.13
CA LYS D 114 -11.33 -38.64 -5.82
C LYS D 114 -12.59 -39.11 -5.05
N PHE D 115 -13.71 -38.39 -5.22
CA PHE D 115 -14.99 -38.70 -4.58
C PHE D 115 -16.12 -38.31 -5.54
N PRO D 116 -17.28 -38.99 -5.46
CA PRO D 116 -18.42 -38.64 -6.30
C PRO D 116 -18.94 -37.21 -6.03
N ILE D 117 -19.18 -36.48 -7.11
CA ILE D 117 -19.80 -35.15 -7.06
C ILE D 117 -21.18 -35.30 -7.69
N LEU D 118 -22.21 -34.83 -6.97
CA LEU D 118 -23.59 -35.25 -7.22
C LEU D 118 -24.61 -34.14 -7.53
N SER D 119 -25.47 -34.36 -8.53
CA SER D 119 -26.71 -33.62 -8.70
C SER D 119 -27.68 -34.38 -9.64
N ALA D 120 -28.88 -34.66 -9.13
CA ALA D 120 -29.92 -35.38 -9.87
C ALA D 120 -30.76 -34.46 -10.73
N ASN D 121 -31.03 -33.24 -10.24
CA ASN D 121 -31.92 -32.28 -10.94
C ASN D 121 -31.24 -31.37 -11.99
N ILE D 122 -29.94 -31.56 -12.24
CA ILE D 122 -29.24 -30.89 -13.35
C ILE D 122 -29.18 -31.88 -14.52
N LYS D 123 -29.76 -31.49 -15.65
CA LYS D 123 -29.74 -32.26 -16.90
C LYS D 123 -28.97 -31.49 -17.96
N ALA D 124 -27.96 -32.14 -18.54
CA ALA D 124 -27.23 -31.61 -19.70
C ALA D 124 -28.07 -31.73 -20.98
N LYS D 125 -27.74 -30.86 -21.95
CA LYS D 125 -28.40 -30.82 -23.26
C LYS D 125 -27.38 -30.53 -24.38
N GLY D 126 -27.68 -31.01 -25.60
CA GLY D 126 -26.94 -30.65 -26.80
C GLY D 126 -25.48 -31.11 -26.79
N PRO D 127 -24.53 -30.23 -27.22
CA PRO D 127 -23.10 -30.62 -27.24
C PRO D 127 -22.40 -30.76 -25.88
N LEU D 128 -22.96 -30.14 -24.83
CA LEU D 128 -22.44 -30.28 -23.46
C LEU D 128 -22.60 -31.70 -22.92
N ALA D 129 -23.76 -32.32 -23.18
CA ALA D 129 -24.09 -33.70 -22.78
C ALA D 129 -22.95 -34.72 -22.96
N SER D 130 -22.26 -34.64 -24.10
CA SER D 130 -21.10 -35.49 -24.40
C SER D 130 -19.89 -35.18 -23.50
N GLN D 131 -19.50 -33.92 -23.47
CA GLN D 131 -18.35 -33.44 -22.67
C GLN D 131 -18.51 -33.64 -21.15
N ILE D 132 -19.74 -33.50 -20.66
CA ILE D 132 -20.03 -33.56 -19.22
C ILE D 132 -20.42 -34.93 -18.64
N SER D 133 -20.96 -35.85 -19.49
CA SER D 133 -21.54 -37.14 -19.04
C SER D 133 -20.64 -37.95 -18.12
N GLY D 134 -21.18 -38.35 -16.97
CA GLY D 134 -20.45 -39.11 -15.97
C GLY D 134 -19.57 -38.35 -15.00
N LEU D 135 -19.26 -37.07 -15.28
CA LEU D 135 -18.37 -36.27 -14.41
C LEU D 135 -19.09 -35.82 -13.13
N TYR D 136 -20.39 -35.57 -13.23
CA TYR D 136 -21.32 -35.51 -12.08
C TYR D 136 -22.41 -36.59 -12.25
N LEU D 137 -22.92 -37.08 -11.11
CA LEU D 137 -23.85 -38.22 -11.09
C LEU D 137 -25.17 -37.81 -10.40
N PRO D 138 -26.30 -38.48 -10.76
CA PRO D 138 -27.53 -38.28 -9.95
C PRO D 138 -27.42 -38.83 -8.52
N TYR D 139 -26.82 -40.01 -8.40
CA TYR D 139 -26.60 -40.65 -7.11
C TYR D 139 -25.27 -41.39 -7.09
N LYS D 140 -24.89 -41.83 -5.89
CA LYS D 140 -23.83 -42.81 -5.69
C LYS D 140 -24.17 -43.74 -4.53
N VAL D 141 -24.03 -45.05 -4.76
CA VAL D 141 -24.10 -46.08 -3.72
C VAL D 141 -22.69 -46.19 -3.15
N LEU D 142 -22.57 -46.08 -1.83
CA LEU D 142 -21.28 -46.07 -1.12
C LEU D 142 -21.23 -47.16 -0.05
N PRO D 143 -20.13 -47.96 0.00
CA PRO D 143 -19.99 -48.94 1.07
C PRO D 143 -19.60 -48.28 2.40
N VAL D 144 -20.34 -48.59 3.45
CA VAL D 144 -19.99 -48.22 4.82
C VAL D 144 -20.08 -49.51 5.62
N GLY D 145 -18.93 -50.03 6.06
CA GLY D 145 -18.85 -51.32 6.76
C GLY D 145 -19.40 -52.45 5.89
N ASP D 146 -20.29 -53.28 6.46
CA ASP D 146 -21.02 -54.29 5.68
C ASP D 146 -22.10 -53.70 4.77
N GLU D 147 -22.74 -52.62 5.22
CA GLU D 147 -23.88 -52.02 4.52
C GLU D 147 -23.49 -51.14 3.33
N VAL D 148 -24.50 -50.76 2.56
CA VAL D 148 -24.41 -49.72 1.53
C VAL D 148 -25.38 -48.58 1.83
N VAL D 149 -24.96 -47.36 1.46
CA VAL D 149 -25.72 -46.13 1.68
C VAL D 149 -25.79 -45.37 0.35
N GLY D 150 -27.01 -45.08 -0.10
CA GLY D 150 -27.26 -44.30 -1.31
C GLY D 150 -27.20 -42.82 -0.98
N ILE D 151 -26.51 -42.05 -1.82
CA ILE D 151 -26.40 -40.58 -1.66
C ILE D 151 -26.90 -39.97 -2.96
N VAL D 152 -28.03 -39.26 -2.87
CA VAL D 152 -28.68 -38.64 -4.02
C VAL D 152 -28.47 -37.13 -3.94
N GLY D 153 -28.05 -36.54 -5.05
CA GLY D 153 -27.64 -35.15 -5.13
C GLY D 153 -28.76 -34.21 -5.57
N TYR D 154 -28.67 -32.95 -5.15
CA TYR D 154 -29.50 -31.88 -5.73
C TYR D 154 -28.88 -30.48 -5.59
N THR D 155 -29.32 -29.57 -6.45
CA THR D 155 -28.76 -28.22 -6.61
C THR D 155 -29.90 -27.23 -6.89
N SER D 156 -29.73 -25.99 -6.42
CA SER D 156 -30.77 -24.96 -6.48
C SER D 156 -31.24 -24.68 -7.91
N LYS D 157 -32.56 -24.59 -8.07
CA LYS D 157 -33.19 -24.08 -9.30
C LYS D 157 -32.76 -22.64 -9.65
N GLU D 158 -32.45 -21.83 -8.63
CA GLU D 158 -31.96 -20.45 -8.80
C GLU D 158 -30.55 -20.28 -9.37
N THR D 159 -29.76 -21.36 -9.47
CA THR D 159 -28.37 -21.33 -9.98
C THR D 159 -28.10 -20.49 -11.26
N PRO D 160 -28.98 -20.56 -12.30
CA PRO D 160 -28.79 -19.68 -13.47
C PRO D 160 -28.95 -18.17 -13.21
N PHE D 161 -29.73 -17.80 -12.19
CA PHE D 161 -29.84 -16.40 -11.74
C PHE D 161 -28.65 -15.97 -10.87
N LEU D 162 -27.99 -16.94 -10.23
CA LEU D 162 -26.84 -16.71 -9.34
C LEU D 162 -25.46 -17.00 -9.94
N SER D 163 -25.36 -17.67 -11.10
CA SER D 163 -24.08 -18.23 -11.57
C SER D 163 -23.98 -18.25 -13.12
N ASN D 164 -22.95 -18.91 -13.64
CA ASN D 164 -22.79 -19.18 -15.09
C ASN D 164 -22.75 -20.68 -15.41
N PRO D 165 -23.89 -21.38 -15.24
CA PRO D 165 -23.97 -22.76 -15.73
C PRO D 165 -24.06 -22.88 -17.27
N GLY D 166 -24.56 -21.83 -17.95
CA GLY D 166 -24.78 -21.86 -19.40
C GLY D 166 -26.12 -22.46 -19.77
N THR D 167 -26.54 -22.21 -21.01
CA THR D 167 -27.85 -22.61 -21.53
C THR D 167 -28.04 -24.13 -21.73
N ASN D 168 -26.95 -24.88 -21.90
CA ASN D 168 -26.98 -26.34 -22.05
C ASN D 168 -27.22 -27.17 -20.78
N LEU D 169 -27.22 -26.55 -19.60
CA LEU D 169 -27.65 -27.20 -18.35
C LEU D 169 -29.03 -26.69 -17.93
N VAL D 170 -29.89 -27.61 -17.50
CA VAL D 170 -31.29 -27.31 -17.12
C VAL D 170 -31.50 -27.80 -15.69
N PHE D 171 -32.07 -26.94 -14.86
CA PHE D 171 -32.20 -27.16 -13.41
C PHE D 171 -33.65 -27.50 -13.10
N GLU D 172 -33.96 -28.81 -13.02
CA GLU D 172 -35.33 -29.29 -12.75
C GLU D 172 -35.73 -29.07 -11.29
N ASP D 173 -37.02 -29.23 -11.02
CA ASP D 173 -37.54 -29.25 -9.66
C ASP D 173 -36.92 -30.43 -8.91
N GLU D 174 -36.55 -30.19 -7.65
CA GLU D 174 -35.73 -31.11 -6.88
C GLU D 174 -36.51 -32.39 -6.60
N ILE D 175 -37.70 -32.22 -6.04
CA ILE D 175 -38.60 -33.33 -5.69
C ILE D 175 -38.99 -34.16 -6.91
N THR D 176 -39.25 -33.50 -8.04
CA THR D 176 -39.53 -34.19 -9.32
C THR D 176 -38.35 -35.05 -9.79
N ALA D 177 -37.16 -34.47 -9.78
CA ALA D 177 -35.93 -35.15 -10.22
C ALA D 177 -35.41 -36.24 -9.27
N LEU D 178 -35.55 -35.99 -7.96
CA LEU D 178 -35.05 -36.91 -6.92
C LEU D 178 -35.83 -38.23 -6.84
N GLN D 179 -37.14 -38.17 -7.01
CA GLN D 179 -38.05 -39.33 -6.76
C GLN D 179 -37.76 -40.58 -7.63
N PRO D 180 -37.59 -40.43 -8.97
CA PRO D 180 -37.10 -41.53 -9.82
C PRO D 180 -35.76 -42.14 -9.40
N GLU D 181 -34.83 -41.30 -8.94
CA GLU D 181 -33.48 -41.74 -8.55
C GLU D 181 -33.49 -42.49 -7.21
N VAL D 182 -34.34 -42.04 -6.27
CA VAL D 182 -34.59 -42.73 -4.99
C VAL D 182 -35.32 -44.08 -5.21
N ASP D 183 -36.30 -44.10 -6.11
CA ASP D 183 -36.96 -45.35 -6.54
C ASP D 183 -35.96 -46.34 -7.13
N LYS D 184 -35.09 -45.85 -8.01
CA LYS D 184 -34.02 -46.67 -8.64
C LYS D 184 -33.05 -47.27 -7.61
N LEU D 185 -32.72 -46.52 -6.56
CA LEU D 185 -31.92 -47.03 -5.43
C LEU D 185 -32.62 -48.16 -4.65
N LYS D 186 -33.95 -48.06 -4.49
CA LYS D 186 -34.76 -49.12 -3.86
C LYS D 186 -34.73 -50.43 -4.68
N THR D 187 -34.79 -50.32 -6.02
CA THR D 187 -34.64 -51.49 -6.92
C THR D 187 -33.23 -52.12 -6.91
N LEU D 188 -32.21 -51.36 -6.50
CA LEU D 188 -30.84 -51.86 -6.27
C LEU D 188 -30.52 -52.33 -4.82
N ASN D 189 -31.54 -52.58 -4.00
CA ASN D 189 -31.40 -53.02 -2.59
C ASN D 189 -30.58 -52.06 -1.70
N VAL D 190 -30.79 -50.76 -1.94
CA VAL D 190 -30.22 -49.69 -1.13
C VAL D 190 -31.43 -49.18 -0.34
N ASN D 191 -31.40 -49.44 0.96
CA ASN D 191 -32.49 -49.07 1.90
C ASN D 191 -32.19 -47.84 2.79
N LYS D 192 -30.91 -47.46 2.87
CA LYS D 192 -30.45 -46.24 3.55
C LYS D 192 -30.09 -45.20 2.50
N ILE D 193 -30.87 -44.12 2.43
CA ILE D 193 -30.76 -43.08 1.39
C ILE D 193 -30.62 -41.71 2.04
N ILE D 194 -29.47 -41.04 1.81
CA ILE D 194 -29.23 -39.65 2.20
C ILE D 194 -29.47 -38.75 0.98
N ALA D 195 -30.21 -37.66 1.19
CA ALA D 195 -30.35 -36.60 0.18
C ALA D 195 -29.36 -35.48 0.55
N LEU D 196 -28.29 -35.37 -0.24
CA LEU D 196 -27.24 -34.36 -0.03
C LEU D 196 -27.38 -33.29 -1.11
N GLY D 197 -27.58 -32.04 -0.71
CA GLY D 197 -27.77 -31.00 -1.72
C GLY D 197 -27.80 -29.55 -1.28
N HIS D 198 -27.99 -28.71 -2.28
CA HIS D 198 -27.76 -27.30 -2.18
C HIS D 198 -28.92 -26.46 -2.75
N SER D 199 -30.02 -26.44 -2.00
CA SER D 199 -31.19 -25.59 -2.32
C SER D 199 -31.77 -24.75 -1.18
N GLY D 200 -31.23 -24.85 0.03
CA GLY D 200 -31.77 -24.13 1.19
C GLY D 200 -32.67 -25.00 2.07
N PHE D 201 -32.81 -24.55 3.30
CA PHE D 201 -33.51 -25.26 4.37
C PHE D 201 -34.98 -25.55 4.09
N GLU D 202 -35.68 -24.62 3.42
N GLU D 202 -35.67 -24.61 3.44
CA GLU D 202 -37.09 -24.82 3.07
CA GLU D 202 -37.09 -24.77 3.06
C GLU D 202 -37.29 -25.94 2.06
C GLU D 202 -37.29 -25.92 2.06
N MET D 203 -36.44 -25.95 1.03
CA MET D 203 -36.42 -27.05 0.05
C MET D 203 -35.93 -28.38 0.65
N ASP D 204 -35.01 -28.32 1.61
CA ASP D 204 -34.55 -29.53 2.34
C ASP D 204 -35.72 -30.19 3.07
N LYS D 205 -36.48 -29.36 3.80
CA LYS D 205 -37.70 -29.78 4.48
C LYS D 205 -38.78 -30.32 3.54
N LEU D 206 -38.92 -29.69 2.37
CA LEU D 206 -39.85 -30.12 1.33
C LEU D 206 -39.43 -31.48 0.72
N ILE D 207 -38.13 -31.68 0.49
CA ILE D 207 -37.57 -32.97 0.04
C ILE D 207 -37.84 -34.09 1.07
N ALA D 208 -37.53 -33.79 2.33
CA ALA D 208 -37.82 -34.69 3.47
C ALA D 208 -39.30 -35.08 3.58
N GLN D 209 -40.18 -34.11 3.32
CA GLN D 209 -41.62 -34.30 3.38
C GLN D 209 -42.16 -35.14 2.21
N LYS D 210 -41.72 -34.81 0.99
CA LYS D 210 -42.35 -35.26 -0.26
C LYS D 210 -41.70 -36.46 -0.94
N VAL D 211 -40.36 -36.56 -0.87
CA VAL D 211 -39.63 -37.62 -1.56
C VAL D 211 -39.66 -38.89 -0.68
N ARG D 212 -40.47 -39.87 -1.07
CA ARG D 212 -40.57 -41.14 -0.33
C ARG D 212 -39.32 -41.99 -0.56
N GLY D 213 -38.82 -42.60 0.51
CA GLY D 213 -37.53 -43.27 0.53
C GLY D 213 -36.37 -42.50 1.13
N VAL D 214 -36.43 -41.16 1.16
CA VAL D 214 -35.34 -40.33 1.73
C VAL D 214 -35.37 -40.44 3.25
N ASP D 215 -34.26 -40.92 3.81
CA ASP D 215 -34.14 -41.18 5.25
C ASP D 215 -33.58 -39.98 6.03
N VAL D 216 -32.63 -39.24 5.43
CA VAL D 216 -32.01 -38.03 6.00
C VAL D 216 -31.78 -37.01 4.86
N VAL D 217 -31.91 -35.73 5.18
CA VAL D 217 -31.56 -34.62 4.27
C VAL D 217 -30.37 -33.85 4.89
N VAL D 218 -29.30 -33.70 4.10
CA VAL D 218 -28.10 -32.94 4.50
C VAL D 218 -28.02 -31.77 3.52
N GLY D 219 -28.04 -30.54 4.05
CA GLY D 219 -28.35 -29.32 3.26
C GLY D 219 -27.30 -28.24 3.28
N GLY D 220 -27.52 -27.21 2.48
CA GLY D 220 -26.68 -26.00 2.42
C GLY D 220 -27.45 -24.80 1.87
N HIS D 221 -26.71 -23.82 1.34
CA HIS D 221 -27.22 -22.64 0.61
C HIS D 221 -27.85 -21.54 1.49
N SER D 222 -28.74 -21.92 2.40
CA SER D 222 -29.37 -20.98 3.33
C SER D 222 -28.55 -20.65 4.59
N ASN D 223 -27.37 -21.26 4.77
CA ASN D 223 -26.44 -20.98 5.87
C ASN D 223 -27.10 -21.20 7.24
N THR D 224 -27.88 -22.27 7.31
CA THR D 224 -28.78 -22.52 8.42
C THR D 224 -27.97 -23.14 9.54
N PHE D 225 -28.04 -22.48 10.71
CA PHE D 225 -27.52 -23.04 11.94
C PHE D 225 -28.70 -23.66 12.68
N LEU D 226 -28.54 -24.93 13.05
CA LEU D 226 -29.49 -25.66 13.88
C LEU D 226 -28.75 -26.15 15.10
N TYR D 227 -29.40 -26.07 16.26
CA TYR D 227 -28.80 -26.49 17.53
C TYR D 227 -29.82 -26.97 18.53
N THR D 228 -29.46 -28.04 19.26
CA THR D 228 -30.22 -28.56 20.39
C THR D 228 -29.39 -28.24 21.62
N GLY D 229 -29.94 -27.39 22.51
CA GLY D 229 -29.24 -26.88 23.70
C GLY D 229 -28.74 -25.46 23.50
N ASN D 230 -27.80 -25.07 24.38
CA ASN D 230 -27.19 -23.73 24.35
C ASN D 230 -26.15 -23.66 23.22
N PRO D 231 -26.34 -22.73 22.23
CA PRO D 231 -25.36 -22.63 21.14
C PRO D 231 -24.02 -22.02 21.60
N PRO D 232 -22.86 -22.55 21.13
CA PRO D 232 -21.56 -22.13 21.64
C PRO D 232 -20.91 -20.87 21.00
N SER D 233 -21.62 -20.13 20.13
CA SER D 233 -21.10 -18.87 19.56
C SER D 233 -22.23 -17.89 19.16
N LYS D 234 -21.89 -16.85 18.38
CA LYS D 234 -22.84 -15.77 18.01
C LYS D 234 -24.02 -16.15 17.10
N GLU D 235 -24.00 -17.32 16.46
CA GLU D 235 -25.08 -17.74 15.54
C GLU D 235 -26.34 -18.13 16.32
N VAL D 236 -27.48 -17.61 15.85
CA VAL D 236 -28.78 -17.81 16.46
C VAL D 236 -29.43 -18.97 15.69
N PRO D 237 -29.76 -20.10 16.37
CA PRO D 237 -30.31 -21.23 15.65
C PRO D 237 -31.73 -21.05 15.12
N ALA D 238 -31.96 -21.45 13.87
CA ALA D 238 -33.29 -21.46 13.25
C ALA D 238 -34.14 -22.72 13.56
N GLY D 239 -33.62 -23.64 14.38
CA GLY D 239 -34.37 -24.81 14.86
C GLY D 239 -33.48 -25.75 15.65
N LYS D 240 -34.08 -26.86 16.12
CA LYS D 240 -33.31 -27.94 16.75
C LYS D 240 -32.47 -28.70 15.72
N TYR D 241 -31.37 -29.33 16.18
CA TYR D 241 -30.52 -30.20 15.36
C TYR D 241 -30.73 -31.66 15.81
N PRO D 242 -31.22 -32.56 14.95
CA PRO D 242 -31.73 -32.28 13.61
C PRO D 242 -33.12 -31.66 13.66
N PHE D 243 -33.52 -31.00 12.57
CA PHE D 243 -34.92 -30.57 12.40
C PHE D 243 -35.70 -31.78 11.89
N ILE D 244 -36.77 -32.12 12.63
CA ILE D 244 -37.62 -33.26 12.30
C ILE D 244 -38.77 -32.79 11.42
N VAL D 245 -38.79 -33.26 10.17
CA VAL D 245 -39.93 -33.20 9.28
C VAL D 245 -40.73 -34.50 9.48
N THR D 246 -42.05 -34.34 9.63
CA THR D 246 -42.99 -35.45 9.51
C THR D 246 -43.37 -35.52 8.04
N SER D 247 -43.00 -36.63 7.37
CA SER D 247 -43.30 -36.83 5.95
C SER D 247 -44.77 -37.14 5.69
N ASP D 248 -45.14 -37.04 4.41
CA ASP D 248 -46.51 -37.34 3.96
C ASP D 248 -46.92 -38.82 4.12
N ASP D 249 -45.95 -39.73 4.17
CA ASP D 249 -46.17 -41.14 4.54
C ASP D 249 -45.80 -41.49 6.01
N GLY D 250 -45.95 -40.52 6.93
CA GLY D 250 -45.89 -40.75 8.37
C GLY D 250 -44.54 -40.78 9.10
N ARG D 251 -43.43 -40.75 8.36
CA ARG D 251 -42.09 -41.02 8.90
C ARG D 251 -41.42 -39.75 9.43
N LYS D 252 -40.57 -39.90 10.45
CA LYS D 252 -39.72 -38.82 10.98
C LYS D 252 -38.40 -38.79 10.19
N VAL D 253 -38.23 -37.73 9.40
CA VAL D 253 -37.03 -37.50 8.57
C VAL D 253 -36.21 -36.35 9.19
N PRO D 254 -35.01 -36.66 9.72
CA PRO D 254 -34.11 -35.56 10.13
C PRO D 254 -33.56 -34.75 8.96
N VAL D 255 -33.51 -33.44 9.15
CA VAL D 255 -32.93 -32.48 8.20
C VAL D 255 -31.83 -31.74 8.95
N VAL D 256 -30.66 -31.63 8.32
CA VAL D 256 -29.48 -31.00 8.95
C VAL D 256 -28.74 -30.04 8.01
N GLN D 257 -28.06 -29.10 8.64
CA GLN D 257 -27.19 -28.10 7.99
C GLN D 257 -26.15 -27.69 9.04
N ALA D 258 -25.01 -27.16 8.59
CA ALA D 258 -23.88 -26.86 9.49
C ALA D 258 -23.37 -25.42 9.30
N TYR D 259 -24.31 -24.47 9.32
CA TYR D 259 -24.04 -23.03 9.12
C TYR D 259 -23.26 -22.78 7.81
N ALA D 260 -21.96 -22.45 7.89
CA ALA D 260 -21.20 -21.91 6.77
C ALA D 260 -19.75 -21.71 7.17
N PHE D 261 -18.93 -21.48 6.16
CA PHE D 261 -17.52 -21.02 6.31
C PHE D 261 -16.56 -22.00 7.00
N GLY D 262 -16.93 -23.27 7.07
CA GLY D 262 -16.20 -24.30 7.83
C GLY D 262 -15.98 -24.04 9.31
N LYS D 263 -16.88 -23.25 9.92
CA LYS D 263 -16.81 -22.87 11.33
C LYS D 263 -17.24 -24.04 12.21
N TYR D 264 -18.32 -24.71 11.79
CA TYR D 264 -18.79 -25.95 12.40
C TYR D 264 -18.57 -27.15 11.48
N LEU D 265 -18.42 -28.32 12.10
CA LEU D 265 -18.59 -29.61 11.44
C LEU D 265 -19.93 -30.16 11.93
N GLY D 266 -20.85 -30.43 11.00
CA GLY D 266 -22.08 -31.13 11.31
C GLY D 266 -21.80 -32.57 11.74
N TYR D 267 -22.60 -33.07 12.68
CA TYR D 267 -22.40 -34.39 13.29
C TYR D 267 -23.75 -34.95 13.71
N LEU D 268 -24.28 -35.87 12.90
CA LEU D 268 -25.55 -36.57 13.16
C LEU D 268 -25.27 -38.08 13.21
N LYS D 269 -25.69 -38.72 14.30
CA LYS D 269 -25.69 -40.19 14.43
C LYS D 269 -27.12 -40.68 14.21
N ILE D 270 -27.31 -41.52 13.19
CA ILE D 270 -28.63 -42.09 12.84
C ILE D 270 -28.58 -43.58 13.14
N GLU D 271 -29.49 -44.05 14.00
CA GLU D 271 -29.69 -45.47 14.27
C GLU D 271 -30.72 -46.00 13.27
N PHE D 272 -30.28 -46.89 12.38
CA PHE D 272 -31.15 -47.57 11.41
C PHE D 272 -31.52 -48.97 11.90
N ASP D 273 -32.69 -49.47 11.48
CA ASP D 273 -33.02 -50.91 11.54
C ASP D 273 -32.47 -51.63 10.30
N GLU D 274 -32.62 -52.95 10.27
CA GLU D 274 -32.08 -53.74 9.13
C GLU D 274 -32.78 -53.51 7.77
N ARG D 275 -34.01 -52.94 7.76
CA ARG D 275 -34.67 -52.45 6.52
C ARG D 275 -34.42 -50.97 6.17
N GLY D 276 -33.44 -50.33 6.81
CA GLY D 276 -33.05 -48.95 6.51
C GLY D 276 -34.04 -47.86 6.92
N ASN D 277 -34.89 -48.15 7.90
CA ASN D 277 -35.80 -47.15 8.49
C ASN D 277 -35.06 -46.50 9.66
N VAL D 278 -35.20 -45.19 9.77
CA VAL D 278 -34.57 -44.41 10.86
C VAL D 278 -35.36 -44.67 12.14
N ILE D 279 -34.71 -45.30 13.13
CA ILE D 279 -35.28 -45.51 14.45
C ILE D 279 -35.20 -44.21 15.23
N SER D 280 -33.97 -43.71 15.36
CA SER D 280 -33.68 -42.47 16.07
C SER D 280 -32.48 -41.75 15.46
N SER D 281 -32.29 -40.51 15.92
CA SER D 281 -31.10 -39.73 15.57
C SER D 281 -30.77 -38.68 16.63
N HIS D 282 -29.48 -38.39 16.79
CA HIS D 282 -29.01 -37.33 17.66
C HIS D 282 -27.66 -36.76 17.24
N GLY D 283 -27.35 -35.61 17.83
CA GLY D 283 -26.08 -34.93 17.68
C GLY D 283 -26.22 -33.43 17.68
N ASN D 284 -25.15 -32.76 17.26
CA ASN D 284 -25.09 -31.30 17.12
C ASN D 284 -23.92 -30.93 16.21
N PRO D 285 -23.94 -29.70 15.63
CA PRO D 285 -22.74 -29.22 14.96
C PRO D 285 -21.63 -28.97 15.97
N ILE D 286 -20.44 -29.50 15.69
CA ILE D 286 -19.27 -29.35 16.55
C ILE D 286 -18.61 -28.02 16.18
N LEU D 287 -18.56 -27.06 17.13
CA LEU D 287 -17.86 -25.78 16.89
C LEU D 287 -16.36 -26.03 16.84
N LEU D 288 -15.73 -25.64 15.74
CA LEU D 288 -14.30 -25.86 15.52
C LEU D 288 -13.48 -24.68 16.04
N ASN D 289 -13.48 -24.53 17.37
CA ASN D 289 -12.72 -23.47 18.08
C ASN D 289 -11.26 -23.89 18.30
N SER D 290 -10.44 -22.98 18.83
CA SER D 290 -9.00 -23.23 19.06
C SER D 290 -8.64 -24.41 19.99
N SER D 291 -9.57 -24.83 20.86
CA SER D 291 -9.43 -26.06 21.68
C SER D 291 -9.07 -27.33 20.88
N ILE D 292 -9.61 -27.43 19.67
CA ILE D 292 -9.26 -28.49 18.71
C ILE D 292 -8.01 -27.97 17.93
N PRO D 293 -6.87 -28.69 18.01
CA PRO D 293 -5.67 -28.24 17.29
C PRO D 293 -5.71 -28.55 15.78
N GLU D 294 -5.03 -27.73 14.98
CA GLU D 294 -4.83 -27.97 13.55
C GLU D 294 -3.87 -29.14 13.35
N ASP D 295 -4.15 -29.99 12.37
CA ASP D 295 -3.29 -31.13 12.04
C ASP D 295 -1.96 -30.61 11.46
N PRO D 296 -0.81 -31.01 12.04
CA PRO D 296 0.52 -30.56 11.53
C PRO D 296 0.79 -30.78 10.04
N SER D 297 0.45 -31.96 9.54
CA SER D 297 0.72 -32.31 8.12
C SER D 297 -0.17 -31.55 7.13
N ILE D 298 -1.44 -31.36 7.47
CA ILE D 298 -2.37 -30.54 6.68
C ILE D 298 -1.99 -29.04 6.77
N LYS D 299 -1.69 -28.57 7.99
CA LYS D 299 -1.24 -27.18 8.23
C LYS D 299 0.02 -26.83 7.44
N ALA D 300 1.00 -27.74 7.46
CA ALA D 300 2.24 -27.62 6.67
C ALA D 300 1.97 -27.55 5.16
N ASP D 301 1.02 -28.37 4.70
CA ASP D 301 0.56 -28.33 3.30
C ASP D 301 -0.24 -27.05 2.97
N ILE D 302 -1.07 -26.57 3.90
CA ILE D 302 -1.74 -25.24 3.77
C ILE D 302 -0.70 -24.12 3.68
N ASN D 303 0.28 -24.14 4.58
CA ASN D 303 1.39 -23.17 4.61
C ASN D 303 2.24 -23.17 3.31
N LYS D 304 2.35 -24.33 2.65
CA LYS D 304 3.00 -24.45 1.32
C LYS D 304 2.21 -23.69 0.25
N TRP D 305 0.91 -23.98 0.16
CA TRP D 305 0.00 -23.28 -0.78
C TRP D 305 -0.22 -21.78 -0.40
N ARG D 306 -0.07 -21.45 0.88
CA ARG D 306 -0.24 -20.07 1.40
C ARG D 306 0.74 -19.01 0.83
N ILE D 307 1.96 -19.40 0.48
CA ILE D 307 3.05 -18.40 0.23
C ILE D 307 2.76 -17.47 -0.96
N LYS D 308 2.22 -18.05 -2.03
CA LYS D 308 1.70 -17.36 -3.21
C LYS D 308 0.68 -16.25 -2.88
N LEU D 309 -0.19 -16.52 -1.89
CA LEU D 309 -1.24 -15.58 -1.48
C LEU D 309 -0.76 -14.34 -0.69
N ASP D 310 0.44 -14.37 -0.14
CA ASP D 310 0.97 -13.25 0.68
C ASP D 310 1.23 -11.93 -0.09
N ASP D 311 1.24 -11.97 -1.43
CA ASP D 311 1.15 -10.75 -2.29
C ASP D 311 -0.07 -9.86 -2.00
N TYR D 312 -1.20 -10.48 -1.66
CA TYR D 312 -2.48 -9.77 -1.40
C TYR D 312 -2.64 -9.27 0.06
N SER D 313 -1.76 -9.73 0.97
CA SER D 313 -1.82 -9.44 2.41
C SER D 313 -0.86 -8.34 2.94
N THR D 314 0.09 -7.87 2.11
CA THR D 314 1.24 -7.11 2.62
C THR D 314 0.87 -5.66 2.90
N GLN D 315 0.38 -4.94 1.89
CA GLN D 315 0.15 -3.48 1.99
C GLN D 315 -1.14 -3.18 2.76
N GLU D 316 -1.06 -2.29 3.75
CA GLU D 316 -2.25 -1.64 4.33
C GLU D 316 -2.80 -0.65 3.30
N LEU D 317 -4.03 -0.84 2.87
CA LEU D 317 -4.75 0.10 2.00
C LEU D 317 -5.23 1.30 2.81
N GLY D 318 -5.77 1.04 4.00
CA GLY D 318 -6.19 2.06 4.95
C GLY D 318 -6.67 1.45 6.25
N LYS D 319 -7.17 2.30 7.16
CA LYS D 319 -7.71 1.90 8.45
C LYS D 319 -9.21 2.06 8.52
N THR D 320 -9.87 1.24 9.35
CA THR D 320 -11.24 1.48 9.80
C THR D 320 -11.24 1.55 11.33
N ILE D 321 -11.94 2.53 11.88
CA ILE D 321 -12.18 2.64 13.34
C ILE D 321 -13.56 2.14 13.77
N VAL D 322 -14.33 1.63 12.80
CA VAL D 322 -15.63 0.99 13.03
C VAL D 322 -15.57 -0.46 12.55
N TYR D 323 -16.34 -1.34 13.18
CA TYR D 323 -16.62 -2.68 12.65
C TYR D 323 -17.37 -2.52 11.34
N LEU D 324 -16.79 -3.05 10.27
CA LEU D 324 -17.41 -3.02 8.95
C LEU D 324 -18.29 -4.26 8.86
N ASP D 325 -19.56 -4.05 9.20
CA ASP D 325 -20.56 -5.10 9.27
C ASP D 325 -20.96 -5.51 7.84
N GLY D 326 -20.23 -6.51 7.35
CA GLY D 326 -20.53 -7.19 6.08
C GLY D 326 -21.17 -8.55 6.25
N SER D 327 -21.87 -8.77 7.38
CA SER D 327 -22.50 -10.04 7.69
C SER D 327 -23.82 -10.15 6.93
N SER D 328 -24.20 -11.38 6.58
CA SER D 328 -25.49 -11.64 5.93
C SER D 328 -26.70 -11.32 6.82
N GLN D 329 -26.55 -11.55 8.13
CA GLN D 329 -27.59 -11.25 9.14
C GLN D 329 -27.99 -9.77 9.16
N SER D 330 -27.02 -8.89 8.91
CA SER D 330 -27.26 -7.46 8.77
C SER D 330 -27.62 -7.09 7.35
N CYS D 331 -26.71 -7.34 6.40
CA CYS D 331 -26.81 -6.80 5.03
C CYS D 331 -27.94 -7.35 4.16
N ARG D 332 -28.52 -8.50 4.52
CA ARG D 332 -29.71 -9.04 3.82
C ARG D 332 -31.05 -8.70 4.49
N PHE D 333 -31.01 -8.16 5.71
CA PHE D 333 -32.21 -7.77 6.47
C PHE D 333 -32.39 -6.26 6.67
N ARG D 334 -31.32 -5.49 6.63
CA ARG D 334 -31.38 -4.06 6.92
C ARG D 334 -30.14 -3.33 6.40
N GLU D 335 -30.15 -2.01 6.52
CA GLU D 335 -28.99 -1.17 6.21
C GLU D 335 -27.78 -1.64 7.03
N CYS D 336 -26.69 -1.92 6.34
CA CYS D 336 -25.41 -2.26 6.95
C CYS D 336 -24.32 -1.30 6.47
N ASN D 337 -23.40 -0.97 7.37
CA ASN D 337 -22.39 0.07 7.11
C ASN D 337 -21.33 -0.32 6.07
N MET D 338 -21.07 -1.62 5.92
CA MET D 338 -20.26 -2.13 4.80
C MET D 338 -20.91 -1.80 3.45
N GLY D 339 -22.22 -1.98 3.35
CA GLY D 339 -23.01 -1.61 2.17
C GLY D 339 -22.95 -0.12 1.84
N ASN D 340 -23.04 0.72 2.87
CA ASN D 340 -22.88 2.18 2.72
C ASN D 340 -21.47 2.55 2.22
N LEU D 341 -20.44 1.95 2.81
CA LEU D 341 -19.04 2.13 2.37
C LEU D 341 -18.83 1.83 0.89
N ILE D 342 -19.32 0.66 0.48
CA ILE D 342 -19.15 0.19 -0.90
C ILE D 342 -19.89 1.10 -1.89
N CYS D 343 -21.10 1.54 -1.53
CA CYS D 343 -21.85 2.49 -2.36
C CYS D 343 -21.25 3.88 -2.41
N ASP D 344 -20.73 4.36 -1.28
CA ASP D 344 -19.98 5.62 -1.25
C ASP D 344 -18.70 5.58 -2.09
N ALA D 345 -17.99 4.45 -2.04
CA ALA D 345 -16.85 4.18 -2.93
C ALA D 345 -17.24 4.18 -4.40
N MET D 346 -18.37 3.53 -4.71
CA MET D 346 -18.92 3.50 -6.08
C MET D 346 -19.24 4.88 -6.64
N ILE D 347 -19.85 5.73 -5.82
CA ILE D 347 -20.22 7.10 -6.22
C ILE D 347 -18.95 7.97 -6.35
N ASN D 348 -18.05 7.88 -5.37
CA ASN D 348 -16.74 8.56 -5.41
C ASN D 348 -15.88 8.24 -6.65
N ASN D 349 -15.95 7.00 -7.12
CA ASN D 349 -15.29 6.56 -8.35
C ASN D 349 -15.79 7.25 -9.64
N ASN D 350 -17.06 7.64 -9.65
CA ASN D 350 -17.74 8.19 -10.82
C ASN D 350 -18.00 9.73 -10.63
N LEU D 351 -17.07 10.44 -9.98
CA LEU D 351 -17.11 11.90 -9.89
C LEU D 351 -16.44 12.48 -11.13
N ARG D 352 -17.24 13.16 -11.95
CA ARG D 352 -16.79 13.85 -13.15
C ARG D 352 -17.68 15.10 -13.19
N HIS D 353 -17.19 16.14 -12.52
CA HIS D 353 -17.86 17.47 -12.52
C HIS D 353 -17.54 18.18 -13.83
N THR D 354 -18.38 17.95 -14.84
CA THR D 354 -18.13 18.34 -16.22
C THR D 354 -18.78 19.67 -16.59
N ASP D 355 -20.04 19.88 -16.18
CA ASP D 355 -20.78 21.13 -16.45
C ASP D 355 -21.39 21.77 -15.20
N GLU D 356 -21.73 23.05 -15.34
CA GLU D 356 -22.21 23.87 -14.22
C GLU D 356 -23.58 23.50 -13.65
N MET D 357 -24.45 22.84 -14.44
CA MET D 357 -25.83 22.50 -14.01
C MET D 357 -25.90 21.35 -12.98
N PHE D 358 -25.07 20.32 -13.19
CA PHE D 358 -25.02 19.13 -12.34
C PHE D 358 -23.82 19.24 -11.43
N TRP D 359 -24.02 19.04 -10.12
CA TRP D 359 -22.89 18.83 -9.17
C TRP D 359 -22.07 17.57 -9.54
N ASN D 360 -22.78 16.53 -9.95
CA ASN D 360 -22.19 15.37 -10.57
C ASN D 360 -23.30 14.71 -11.37
N HIS D 361 -22.93 14.04 -12.44
CA HIS D 361 -23.87 13.27 -13.30
C HIS D 361 -24.58 12.05 -12.71
N VAL D 362 -23.99 11.39 -11.70
CA VAL D 362 -24.56 10.25 -11.00
C VAL D 362 -24.47 10.48 -9.49
N SER D 363 -25.59 10.27 -8.79
CA SER D 363 -25.71 10.41 -7.34
C SER D 363 -26.09 9.12 -6.61
N MET D 364 -26.51 8.09 -7.36
CA MET D 364 -27.32 6.99 -6.85
C MET D 364 -26.63 5.63 -7.02
N CYS D 365 -26.83 4.77 -6.03
CA CYS D 365 -26.16 3.48 -5.93
C CYS D 365 -27.12 2.43 -5.39
N ILE D 366 -27.10 1.25 -6.00
CA ILE D 366 -27.73 0.05 -5.45
C ILE D 366 -26.71 -1.09 -5.47
N LEU D 367 -26.81 -1.95 -4.45
CA LEU D 367 -25.86 -3.04 -4.22
C LEU D 367 -26.63 -4.18 -3.56
N ASN D 368 -26.67 -5.33 -4.23
CA ASN D 368 -27.30 -6.53 -3.66
C ASN D 368 -26.54 -6.97 -2.41
N GLY D 369 -27.26 -7.08 -1.29
CA GLY D 369 -26.68 -7.41 0.02
C GLY D 369 -25.98 -8.74 0.10
N GLY D 370 -26.49 -9.72 -0.65
CA GLY D 370 -25.86 -11.02 -0.82
C GLY D 370 -24.52 -11.00 -1.54
N GLY D 371 -24.23 -9.94 -2.29
CA GLY D 371 -22.90 -9.66 -2.85
C GLY D 371 -21.82 -9.24 -1.86
N ILE D 372 -22.21 -8.84 -0.65
CA ILE D 372 -21.30 -8.51 0.45
C ILE D 372 -21.09 -9.83 1.19
N ARG D 373 -19.86 -10.36 1.10
CA ARG D 373 -19.55 -11.75 1.45
C ARG D 373 -18.74 -11.96 2.74
N SER D 374 -18.31 -10.89 3.40
CA SER D 374 -17.58 -10.98 4.67
C SER D 374 -17.61 -9.63 5.40
N PRO D 375 -17.54 -9.64 6.75
CA PRO D 375 -17.14 -8.43 7.47
C PRO D 375 -15.64 -8.15 7.40
N ILE D 376 -15.24 -7.01 7.95
CA ILE D 376 -13.86 -6.66 8.23
C ILE D 376 -13.83 -6.16 9.68
N ASP D 377 -12.92 -6.71 10.47
CA ASP D 377 -12.77 -6.41 11.90
C ASP D 377 -11.86 -5.20 12.11
N GLU D 378 -12.19 -4.33 13.07
CA GLU D 378 -11.38 -3.12 13.38
C GLU D 378 -10.31 -3.28 14.48
N ARG D 379 -10.29 -4.41 15.19
CA ARG D 379 -9.58 -4.53 16.48
C ARG D 379 -8.06 -4.83 16.47
N ASN D 380 -7.44 -4.84 15.28
CA ASN D 380 -5.98 -5.01 15.15
C ASN D 380 -5.41 -3.85 14.36
N ASP D 381 -5.49 -2.70 15.04
CA ASP D 381 -5.10 -1.37 14.48
C ASP D 381 -5.90 -0.96 13.23
N GLY D 382 -7.12 -1.47 13.11
CA GLY D 382 -8.01 -1.19 11.99
C GLY D 382 -7.60 -1.58 10.60
N THR D 383 -6.56 -2.41 10.48
CA THR D 383 -5.85 -2.61 9.22
C THR D 383 -6.75 -3.30 8.18
N ILE D 384 -6.79 -2.70 6.99
CA ILE D 384 -7.52 -3.25 5.85
C ILE D 384 -6.47 -3.52 4.78
N THR D 385 -6.41 -4.77 4.33
CA THR D 385 -5.58 -5.23 3.23
C THR D 385 -6.50 -5.65 2.09
N TRP D 386 -5.89 -5.83 0.92
CA TRP D 386 -6.57 -6.34 -0.28
C TRP D 386 -7.24 -7.71 -0.05
N GLU D 387 -6.56 -8.58 0.71
CA GLU D 387 -7.11 -9.87 1.16
C GLU D 387 -8.42 -9.74 1.95
N ASN D 388 -8.51 -8.74 2.83
CA ASN D 388 -9.74 -8.48 3.58
C ASN D 388 -10.87 -8.08 2.65
N LEU D 389 -10.58 -7.17 1.72
CA LEU D 389 -11.54 -6.75 0.68
C LEU D 389 -11.92 -7.85 -0.30
N ALA D 390 -10.98 -8.73 -0.63
CA ALA D 390 -11.24 -9.91 -1.49
C ALA D 390 -12.27 -10.87 -0.89
N ALA D 391 -12.28 -10.98 0.44
CA ALA D 391 -13.33 -11.74 1.15
C ALA D 391 -14.71 -11.08 1.11
N VAL D 392 -14.74 -9.75 1.11
CA VAL D 392 -15.99 -8.96 0.99
C VAL D 392 -16.55 -9.06 -0.43
N LEU D 393 -15.67 -8.88 -1.42
CA LEU D 393 -16.01 -8.83 -2.84
C LEU D 393 -15.14 -9.85 -3.61
N PRO D 394 -15.54 -11.14 -3.60
CA PRO D 394 -14.75 -12.21 -4.21
C PRO D 394 -15.03 -12.52 -5.70
N PHE D 395 -16.05 -11.91 -6.30
CA PHE D 395 -16.60 -12.39 -7.59
C PHE D 395 -15.90 -11.92 -8.86
N GLY D 396 -14.91 -11.02 -8.74
CA GLY D 396 -14.28 -10.40 -9.91
C GLY D 396 -15.22 -9.57 -10.79
N GLY D 397 -16.22 -8.95 -10.17
CA GLY D 397 -17.21 -8.14 -10.86
C GLY D 397 -16.73 -6.73 -11.09
N THR D 398 -17.53 -5.98 -11.84
CA THR D 398 -17.35 -4.54 -12.06
C THR D 398 -18.56 -3.78 -11.51
N PHE D 399 -18.33 -2.51 -11.13
CA PHE D 399 -19.39 -1.58 -10.78
C PHE D 399 -19.66 -0.69 -11.98
N ASP D 400 -20.82 -0.91 -12.59
CA ASP D 400 -21.22 -0.34 -13.88
C ASP D 400 -22.21 0.78 -13.68
N LEU D 401 -22.22 1.70 -14.63
CA LEU D 401 -23.19 2.83 -14.67
C LEU D 401 -24.32 2.43 -15.61
N VAL D 402 -25.55 2.57 -15.15
CA VAL D 402 -26.76 2.35 -15.96
C VAL D 402 -27.71 3.53 -15.87
N GLN D 403 -28.57 3.65 -16.87
CA GLN D 403 -29.68 4.61 -16.87
C GLN D 403 -30.97 3.80 -16.70
N LEU D 404 -31.74 4.15 -15.68
CA LEU D 404 -33.00 3.49 -15.34
C LEU D 404 -34.12 4.50 -15.18
N LYS D 405 -35.29 4.17 -15.74
CA LYS D 405 -36.53 4.88 -15.42
C LYS D 405 -36.87 4.64 -13.94
N GLY D 406 -37.48 5.64 -13.32
CA GLY D 406 -37.93 5.54 -11.93
C GLY D 406 -38.81 4.34 -11.64
N SER D 407 -39.73 4.06 -12.58
CA SER D 407 -40.59 2.87 -12.53
C SER D 407 -39.81 1.56 -12.45
N THR D 408 -38.72 1.48 -13.21
CA THR D 408 -37.80 0.33 -13.16
C THR D 408 -37.13 0.20 -11.77
N LEU D 409 -36.67 1.35 -11.23
CA LEU D 409 -36.08 1.40 -9.89
C LEU D 409 -37.07 1.02 -8.80
N LYS D 410 -38.29 1.55 -8.86
CA LYS D 410 -39.38 1.19 -7.93
C LYS D 410 -39.59 -0.33 -7.89
N LYS D 411 -39.70 -0.93 -9.07
CA LYS D 411 -39.85 -2.40 -9.20
C LYS D 411 -38.67 -3.19 -8.63
N ALA D 412 -37.45 -2.67 -8.80
CA ALA D 412 -36.24 -3.25 -8.20
C ALA D 412 -36.30 -3.23 -6.68
N PHE D 413 -36.71 -2.10 -6.10
CA PHE D 413 -36.91 -1.99 -4.66
C PHE D 413 -38.07 -2.85 -4.14
N GLU D 414 -39.09 -3.10 -4.97
CA GLU D 414 -40.11 -4.11 -4.65
C GLU D 414 -39.55 -5.52 -4.64
N HIS D 415 -38.72 -5.84 -5.64
CA HIS D 415 -38.02 -7.12 -5.71
C HIS D 415 -37.05 -7.31 -4.54
N SER D 416 -36.39 -6.24 -4.10
CA SER D 416 -35.51 -6.21 -2.90
C SER D 416 -36.10 -6.86 -1.65
N VAL D 417 -37.40 -6.65 -1.43
CA VAL D 417 -38.10 -7.17 -0.24
C VAL D 417 -39.32 -8.08 -0.54
N HIS D 418 -39.43 -8.60 -1.78
CA HIS D 418 -40.63 -9.39 -2.19
C HIS D 418 -40.82 -10.69 -1.37
N ARG D 419 -39.71 -11.29 -0.95
CA ARG D 419 -39.71 -12.48 -0.09
C ARG D 419 -38.83 -12.28 1.14
N TYR D 420 -38.94 -11.10 1.74
CA TYR D 420 -38.14 -10.73 2.92
C TYR D 420 -38.34 -11.72 4.07
N GLY D 421 -37.28 -11.96 4.84
CA GLY D 421 -37.26 -12.93 5.93
C GLY D 421 -36.46 -14.19 5.68
N GLN D 422 -36.22 -14.52 4.40
CA GLN D 422 -35.49 -15.74 3.99
C GLN D 422 -33.95 -15.62 3.88
N SER D 423 -33.40 -14.44 4.18
CA SER D 423 -31.94 -14.16 4.08
C SER D 423 -31.38 -14.38 2.66
N THR D 424 -32.15 -13.93 1.67
CA THR D 424 -31.79 -14.00 0.27
C THR D 424 -31.06 -12.72 -0.13
N GLY D 425 -30.24 -12.83 -1.17
CA GLY D 425 -29.29 -11.79 -1.52
C GLY D 425 -29.79 -10.54 -2.21
N GLU D 426 -31.00 -10.59 -2.78
CA GLU D 426 -31.60 -9.42 -3.47
C GLU D 426 -31.87 -8.14 -2.66
N PHE D 427 -31.86 -8.23 -1.32
CA PHE D 427 -32.01 -7.04 -0.46
C PHE D 427 -30.95 -5.98 -0.76
N LEU D 428 -31.41 -4.77 -1.11
CA LEU D 428 -30.54 -3.75 -1.70
C LEU D 428 -29.96 -2.83 -0.63
N GLN D 429 -28.63 -2.78 -0.58
CA GLN D 429 -27.89 -1.69 0.06
C GLN D 429 -27.77 -0.57 -0.95
N VAL D 430 -27.71 0.66 -0.43
CA VAL D 430 -27.87 1.87 -1.26
C VAL D 430 -26.89 3.01 -0.95
N GLY D 431 -26.83 3.95 -1.89
CA GLY D 431 -26.22 5.27 -1.71
C GLY D 431 -26.99 6.28 -2.55
N GLY D 432 -27.22 7.47 -2.00
CA GLY D 432 -28.06 8.50 -2.65
C GLY D 432 -29.54 8.14 -2.81
N ILE D 433 -30.03 7.19 -2.02
CA ILE D 433 -31.41 6.72 -2.04
C ILE D 433 -31.82 6.54 -0.58
N HIS D 434 -32.95 7.15 -0.20
CA HIS D 434 -33.61 6.87 1.06
C HIS D 434 -34.90 6.14 0.74
N VAL D 435 -34.99 4.89 1.21
CA VAL D 435 -36.12 4.01 0.96
C VAL D 435 -36.74 3.63 2.31
N VAL D 436 -38.05 3.51 2.31
CA VAL D 436 -38.82 3.04 3.45
C VAL D 436 -39.70 1.88 2.96
N TYR D 437 -39.59 0.74 3.65
CA TYR D 437 -40.41 -0.44 3.41
C TYR D 437 -41.50 -0.59 4.46
N ASP D 438 -42.63 -1.17 4.05
CA ASP D 438 -43.64 -1.67 4.98
C ASP D 438 -43.86 -3.14 4.65
N LEU D 439 -43.30 -4.00 5.49
CA LEU D 439 -43.35 -5.46 5.29
C LEU D 439 -44.73 -6.10 5.57
N SER D 440 -45.64 -5.37 6.24
CA SER D 440 -47.04 -5.83 6.40
C SER D 440 -47.81 -5.87 5.08
N ARG D 441 -47.43 -5.02 4.13
CA ARG D 441 -48.07 -4.93 2.82
C ARG D 441 -47.71 -6.08 1.91
N LYS D 442 -48.48 -6.22 0.83
CA LYS D 442 -48.36 -7.35 -0.10
C LYS D 442 -47.07 -7.20 -0.93
N PRO D 443 -46.42 -8.33 -1.30
CA PRO D 443 -45.31 -8.30 -2.27
C PRO D 443 -45.66 -7.54 -3.55
N GLY D 444 -44.77 -6.64 -3.96
CA GLY D 444 -45.04 -5.67 -5.03
C GLY D 444 -45.63 -4.35 -4.58
N ASP D 445 -45.97 -4.20 -3.28
CA ASP D 445 -46.53 -2.97 -2.73
C ASP D 445 -45.95 -2.60 -1.32
N ARG D 446 -44.69 -2.95 -1.10
CA ARG D 446 -44.00 -2.73 0.19
C ARG D 446 -43.16 -1.44 0.25
N VAL D 447 -42.76 -0.89 -0.89
CA VAL D 447 -42.00 0.36 -0.97
C VAL D 447 -43.00 1.51 -0.81
N VAL D 448 -42.98 2.14 0.37
CA VAL D 448 -43.91 3.23 0.74
C VAL D 448 -43.33 4.64 0.54
N LYS D 449 -42.01 4.79 0.70
CA LYS D 449 -41.28 6.03 0.43
C LYS D 449 -40.00 5.68 -0.33
N LEU D 450 -39.67 6.47 -1.35
CA LEU D 450 -38.46 6.28 -2.14
C LEU D 450 -37.98 7.63 -2.68
N ASP D 451 -37.17 8.32 -1.88
CA ASP D 451 -36.54 9.59 -2.24
C ASP D 451 -35.13 9.33 -2.74
N VAL D 452 -34.70 10.17 -3.69
CA VAL D 452 -33.40 10.05 -4.33
C VAL D 452 -32.69 11.41 -4.34
N LEU D 453 -31.37 11.33 -4.29
CA LEU D 453 -30.51 12.51 -4.25
C LEU D 453 -30.46 13.13 -5.65
N CYS D 454 -30.73 14.42 -5.75
CA CYS D 454 -30.73 15.12 -7.05
C CYS D 454 -29.35 15.13 -7.71
N THR D 455 -29.38 15.08 -9.04
CA THR D 455 -28.19 15.23 -9.88
C THR D 455 -28.14 16.67 -10.51
N LYS D 456 -29.27 17.12 -11.07
CA LYS D 456 -29.39 18.44 -11.71
C LYS D 456 -29.70 19.50 -10.64
N CYS D 457 -28.68 19.81 -9.88
CA CYS D 457 -28.74 20.67 -8.70
C CYS D 457 -27.33 20.99 -8.28
N ARG D 458 -27.18 22.19 -7.72
CA ARG D 458 -25.89 22.64 -7.16
C ARG D 458 -25.70 22.22 -5.71
N VAL D 459 -26.82 22.12 -4.97
CA VAL D 459 -26.87 21.58 -3.59
C VAL D 459 -27.55 20.21 -3.65
N PRO D 460 -26.81 19.11 -3.37
CA PRO D 460 -27.48 17.79 -3.35
C PRO D 460 -28.49 17.67 -2.21
N SER D 461 -29.72 17.30 -2.56
CA SER D 461 -30.80 17.06 -1.60
C SER D 461 -31.75 15.98 -2.13
N TYR D 462 -32.57 15.45 -1.24
CA TYR D 462 -33.47 14.34 -1.54
C TYR D 462 -34.84 14.85 -1.96
N ASP D 463 -35.35 14.30 -3.07
CA ASP D 463 -36.71 14.57 -3.58
C ASP D 463 -37.35 13.24 -3.96
N PRO D 464 -38.71 13.14 -3.92
CA PRO D 464 -39.35 11.87 -4.29
C PRO D 464 -39.02 11.42 -5.71
N LEU D 465 -38.82 10.11 -5.87
CA LEU D 465 -38.56 9.52 -7.18
C LEU D 465 -39.80 9.67 -8.07
N LYS D 466 -39.60 10.17 -9.30
CA LYS D 466 -40.64 10.29 -10.32
C LYS D 466 -40.53 9.07 -11.24
N MET D 467 -41.67 8.47 -11.58
CA MET D 467 -41.71 7.19 -12.31
C MET D 467 -41.16 7.23 -13.75
N ASP D 468 -41.39 8.33 -14.45
CA ASP D 468 -40.96 8.53 -15.84
C ASP D 468 -39.63 9.29 -16.01
N GLU D 469 -39.07 9.85 -14.93
CA GLU D 469 -37.71 10.42 -14.96
C GLU D 469 -36.66 9.31 -15.09
N VAL D 470 -35.57 9.63 -15.78
CA VAL D 470 -34.46 8.71 -16.03
C VAL D 470 -33.34 9.07 -15.04
N TYR D 471 -32.89 8.07 -14.29
CA TYR D 471 -31.87 8.25 -13.27
C TYR D 471 -30.65 7.41 -13.62
N LYS D 472 -29.49 8.04 -13.51
CA LYS D 472 -28.19 7.36 -13.64
C LYS D 472 -27.87 6.71 -12.29
N VAL D 473 -27.53 5.42 -12.33
CA VAL D 473 -27.31 4.59 -11.13
C VAL D 473 -26.03 3.78 -11.33
N ILE D 474 -25.18 3.70 -10.29
N ILE D 474 -25.20 3.70 -10.28
CA ILE D 474 -24.02 2.79 -10.27
CA ILE D 474 -24.06 2.79 -10.25
C ILE D 474 -24.45 1.50 -9.53
C ILE D 474 -24.51 1.50 -9.55
N LEU D 475 -24.14 0.35 -10.11
CA LEU D 475 -24.55 -0.95 -9.55
C LEU D 475 -23.61 -2.05 -10.08
N PRO D 476 -23.64 -3.25 -9.44
CA PRO D 476 -22.78 -4.33 -9.95
C PRO D 476 -23.26 -4.86 -11.31
N ASN D 477 -22.31 -5.28 -12.16
CA ASN D 477 -22.63 -5.92 -13.45
C ASN D 477 -23.60 -7.11 -13.31
N PHE D 478 -23.47 -7.87 -12.21
CA PHE D 478 -24.39 -8.93 -11.81
C PHE D 478 -25.85 -8.48 -11.85
N LEU D 479 -26.12 -7.31 -11.27
CA LEU D 479 -27.46 -6.70 -11.32
C LEU D 479 -27.81 -6.08 -12.67
N ALA D 480 -26.84 -5.46 -13.33
CA ALA D 480 -27.01 -4.94 -14.70
C ALA D 480 -27.39 -6.00 -15.73
N ASN D 481 -26.84 -7.21 -15.57
CA ASN D 481 -27.15 -8.38 -16.42
C ASN D 481 -28.33 -9.24 -15.90
N GLY D 482 -29.18 -8.69 -15.03
CA GLY D 482 -30.39 -9.35 -14.59
C GLY D 482 -30.27 -10.36 -13.46
N GLY D 483 -29.11 -10.44 -12.81
CA GLY D 483 -28.88 -11.40 -11.71
C GLY D 483 -29.72 -11.12 -10.49
N ASP D 484 -29.78 -12.10 -9.59
CA ASP D 484 -30.61 -12.06 -8.37
C ASP D 484 -32.13 -11.88 -8.61
N GLY D 485 -32.59 -12.29 -9.78
CA GLY D 485 -33.97 -12.03 -10.23
C GLY D 485 -34.32 -10.58 -10.51
N PHE D 486 -33.31 -9.71 -10.75
CA PHE D 486 -33.53 -8.30 -11.12
C PHE D 486 -33.65 -8.19 -12.64
N GLN D 487 -34.63 -8.89 -13.20
CA GLN D 487 -34.78 -8.98 -14.65
C GLN D 487 -35.22 -7.65 -15.26
N MET D 488 -36.00 -6.88 -14.50
CA MET D 488 -36.41 -5.53 -14.90
C MET D 488 -35.22 -4.59 -15.21
N ILE D 489 -34.11 -4.75 -14.50
CA ILE D 489 -32.90 -3.92 -14.70
C ILE D 489 -32.31 -4.18 -16.09
N LYS D 490 -31.98 -5.44 -16.37
CA LYS D 490 -31.44 -5.83 -17.70
C LYS D 490 -32.37 -5.44 -18.85
N ASP D 491 -33.65 -5.74 -18.67
CA ASP D 491 -34.63 -5.58 -19.74
C ASP D 491 -35.08 -4.13 -19.99
N GLU D 492 -35.23 -3.34 -18.92
CA GLU D 492 -35.71 -1.94 -19.02
C GLU D 492 -34.63 -0.85 -19.02
N LEU D 493 -33.35 -1.19 -18.78
CA LEU D 493 -32.29 -0.17 -18.78
C LEU D 493 -32.16 0.52 -20.15
N LEU D 494 -31.90 1.81 -20.09
CA LEU D 494 -31.77 2.67 -21.26
C LEU D 494 -30.33 2.81 -21.74
N ARG D 495 -29.38 2.68 -20.81
CA ARG D 495 -27.96 2.65 -21.13
C ARG D 495 -27.21 1.77 -20.12
N HIS D 496 -26.08 1.21 -20.55
CA HIS D 496 -25.22 0.37 -19.72
C HIS D 496 -23.79 0.52 -20.21
N ASP D 497 -22.97 1.20 -19.40
CA ASP D 497 -21.54 1.37 -19.65
C ASP D 497 -20.83 0.47 -18.65
N SER D 498 -19.79 -0.21 -19.13
CA SER D 498 -18.94 -1.03 -18.27
C SER D 498 -18.09 -0.11 -17.40
N GLY D 499 -17.81 -0.55 -16.18
CA GLY D 499 -17.04 0.21 -15.21
C GLY D 499 -15.83 -0.53 -14.70
N ASP D 500 -15.29 -0.02 -13.60
CA ASP D 500 -14.05 -0.51 -13.00
C ASP D 500 -14.29 -1.76 -12.15
N GLN D 501 -13.21 -2.53 -11.90
CA GLN D 501 -13.26 -3.75 -11.08
C GLN D 501 -13.72 -3.43 -9.66
N ASP D 502 -14.57 -4.30 -9.11
CA ASP D 502 -15.28 -4.04 -7.84
C ASP D 502 -14.38 -3.79 -6.63
N ILE D 503 -13.42 -4.68 -6.41
CA ILE D 503 -12.44 -4.56 -5.32
C ILE D 503 -11.56 -3.31 -5.46
N ASN D 504 -11.16 -3.01 -6.68
CA ASN D 504 -10.34 -1.83 -7.03
C ASN D 504 -11.02 -0.50 -6.65
N VAL D 505 -12.32 -0.40 -6.94
CA VAL D 505 -13.15 0.78 -6.61
C VAL D 505 -13.13 1.06 -5.11
N VAL D 506 -13.36 0.01 -4.32
CA VAL D 506 -13.39 0.11 -2.86
C VAL D 506 -11.98 0.34 -2.30
N SER D 507 -10.98 -0.32 -2.88
CA SER D 507 -9.57 -0.16 -2.50
C SER D 507 -9.08 1.28 -2.66
N THR D 508 -9.31 1.83 -3.86
CA THR D 508 -9.01 3.24 -4.18
C THR D 508 -9.67 4.23 -3.20
N TYR D 509 -10.95 3.99 -2.86
CA TYR D 509 -11.68 4.86 -1.93
C TYR D 509 -11.11 4.83 -0.52
N ILE D 510 -10.81 3.62 -0.03
CA ILE D 510 -10.19 3.44 1.31
C ILE D 510 -8.81 4.11 1.38
N SER D 511 -8.01 3.99 0.31
CA SER D 511 -6.71 4.66 0.22
C SER D 511 -6.82 6.20 0.20
N LYS D 512 -7.79 6.72 -0.55
CA LYS D 512 -8.14 8.16 -0.54
C LYS D 512 -8.58 8.66 0.84
N MET D 513 -9.47 7.91 1.48
CA MET D 513 -10.03 8.27 2.80
C MET D 513 -9.09 8.04 3.97
N LYS D 514 -8.23 7.03 3.89
CA LYS D 514 -7.20 6.68 4.90
C LYS D 514 -7.76 6.09 6.22
N VAL D 515 -8.64 6.84 6.90
CA VAL D 515 -9.43 6.36 8.03
C VAL D 515 -10.91 6.45 7.65
N ILE D 516 -11.62 5.32 7.76
CA ILE D 516 -13.08 5.25 7.48
C ILE D 516 -13.88 4.89 8.73
N TYR D 517 -15.10 5.41 8.81
CA TYR D 517 -16.00 5.20 9.94
C TYR D 517 -17.47 5.27 9.51
N PRO D 518 -17.86 4.43 8.51
CA PRO D 518 -19.23 4.49 8.01
C PRO D 518 -20.24 4.07 9.08
N ALA D 519 -21.35 4.81 9.14
CA ALA D 519 -22.46 4.59 10.05
C ALA D 519 -23.64 3.98 9.31
N VAL D 520 -24.59 3.47 10.10
CA VAL D 520 -25.93 3.14 9.63
C VAL D 520 -26.76 4.42 9.90
N GLU D 521 -27.19 5.08 8.82
CA GLU D 521 -27.73 6.46 8.82
C GLU D 521 -29.26 6.62 8.59
N GLY D 522 -29.99 5.52 8.39
CA GLY D 522 -31.38 5.59 7.92
C GLY D 522 -31.58 5.74 6.41
N ARG D 523 -30.63 5.25 5.62
CA ARG D 523 -30.82 5.03 4.17
C ARG D 523 -31.96 4.06 3.88
N ILE D 524 -32.05 2.99 4.66
CA ILE D 524 -33.14 2.02 4.58
C ILE D 524 -33.83 2.02 5.94
N LYS D 525 -35.14 2.33 5.95
CA LYS D 525 -35.98 2.22 7.15
C LYS D 525 -37.15 1.27 6.91
N PHE D 526 -37.77 0.84 8.02
CA PHE D 526 -38.98 0.01 8.03
C PHE D 526 -40.11 0.70 8.81
N SER D 527 -41.30 0.76 8.23
CA SER D 527 -42.49 1.20 8.95
C SER D 527 -42.96 0.12 9.94
#